data_3E80
#
_entry.id   3E80
#
_cell.length_a   201.280
_cell.length_b   209.360
_cell.length_c   59.220
_cell.angle_alpha   90.000
_cell.angle_beta   90.000
_cell.angle_gamma   90.000
#
_symmetry.space_group_name_H-M   'P 21 21 2'
#
loop_
_entity.id
_entity.type
_entity.pdbx_description
1 polymer 'Heparinase II protein'
2 branched 'alpha-D-xylopyranose-(1-4)-alpha-D-glucopyranuronic acid-(1-2)-[alpha-L-rhamnopyranose-(1-4)]alpha-D-mannopyranose'
3 branched '4-deoxy-alpha-L-threo-hex-4-enopyranuronic acid-(1-4)-2-acetamido-2-deoxy-alpha-D-glucopyranose'
4 non-polymer 'ZINC ION'
5 non-polymer 'PHOSPHATE ION'
6 water water
#
_entity_poly.entity_id   1
_entity_poly.type   'polypeptide(L)'
_entity_poly.pdbx_seq_one_letter_code
;YS(PCA)TKADVVWKDVDGVSMPIPPKTHPRLYLREQQVPDLKNRMNDPKLKKVWADMIKMQEDWKPADIPEVKDFRFYF
NQKGLTVRVELMALNYLMTKDPKVGREAITSIIDTLETATFKPAGDISRGIGLFMVTGAIVYDWCYDQLKPEEKTRFVKA
FVRLAKMLECGYPPVKDKSIVGHASEWMIMRDLLSVGIAIYDEFPEMYNLAAGRFFKEHLVARNWFYPSHNYHQGMSYLN
VRFTNDLFALWILDRMGAGNVFNPGQQFILYDAIYKRRPDGQILAGGDVDYSRKKPKYYTMPALLAGSYYKDEYLNYEFL
KDPNVEPHCKLFEFLWRDTQLGSRKPDDLPLSRYSGSPFGWMIARTGWGPESVIAEMKVNEYSFLNHQHQDAGAFQIYYK
GPLAIDAGSYTGSSGGYNSPHNKNFFKRTIAHNSLLIYDPKETFSSSGYGGSDHTDFAANDGGQRLPGKGWIAPRDLKEM
LAGDFRTGKILAQGFGPDNQTPDYTYLKGDITAAYSAKVKEVKRSFLFLNLKDAKVPAAMIVFDKVVASNPDFKKFWLLH
SIEQPEIKGNQITIKRTKNGDSGMLVNTALLPDAANSNITSIGGKGKDFWVFGTNYTNDPKPGTDEALERGEWRVEITPK
KAAAEDYYLNVIQIADNTQQKLHEVKRIDGDKVVGVQLADRIVTFSKTSETVDRPFGFSVVGKGTFKFVMTDLLPGTWQV
LKDGKILYPALSAKGDDGALYFEGTEGTYRFLR
;
_entity_poly.pdbx_strand_id   A,B,C
#
# COMPACT_ATOMS: atom_id res chain seq x y z
N THR A 4 -40.92 -26.29 2.38
CA THR A 4 -42.28 -25.84 2.85
C THR A 4 -43.61 -26.30 2.16
N LYS A 5 -44.81 -25.99 2.70
CA LYS A 5 -46.11 -26.36 2.12
C LYS A 5 -46.32 -25.67 0.75
N ALA A 6 -46.79 -26.41 -0.24
CA ALA A 6 -46.99 -25.91 -1.60
C ALA A 6 -47.95 -24.72 -1.65
N ASP A 7 -47.58 -23.67 -2.38
CA ASP A 7 -48.42 -22.50 -2.45
C ASP A 7 -48.61 -22.02 -3.89
N VAL A 8 -48.15 -22.79 -4.86
CA VAL A 8 -48.36 -22.41 -6.25
C VAL A 8 -49.68 -22.95 -6.78
N VAL A 9 -50.04 -22.45 -7.96
CA VAL A 9 -51.27 -22.83 -8.63
C VAL A 9 -51.01 -24.07 -9.49
N TRP A 10 -51.86 -25.09 -9.40
CA TRP A 10 -51.73 -26.25 -10.27
C TRP A 10 -52.79 -26.23 -11.36
N LYS A 11 -52.40 -26.67 -12.55
CA LYS A 11 -53.36 -26.91 -13.63
C LYS A 11 -52.95 -28.19 -14.37
N ASP A 12 -53.95 -29.00 -14.72
CA ASP A 12 -53.77 -30.15 -15.60
C ASP A 12 -53.30 -29.70 -17.00
N VAL A 13 -52.26 -30.36 -17.51
CA VAL A 13 -51.82 -30.23 -18.90
C VAL A 13 -51.89 -31.65 -19.49
N ASP A 14 -52.70 -31.81 -20.55
CA ASP A 14 -52.94 -33.15 -21.14
C ASP A 14 -53.32 -34.19 -20.07
N GLY A 15 -54.25 -33.84 -19.19
CA GLY A 15 -54.69 -34.75 -18.13
C GLY A 15 -53.71 -34.94 -16.98
N VAL A 16 -52.62 -34.17 -16.94
CA VAL A 16 -51.65 -34.28 -15.82
C VAL A 16 -51.44 -32.97 -15.06
N SER A 17 -51.70 -33.02 -13.75
CA SER A 17 -51.57 -31.87 -12.85
C SER A 17 -50.12 -31.44 -12.78
N MET A 18 -49.86 -30.16 -13.05
CA MET A 18 -48.51 -29.61 -13.00
C MET A 18 -48.54 -28.27 -12.30
N PRO A 19 -47.47 -27.93 -11.57
CA PRO A 19 -47.44 -26.65 -10.91
C PRO A 19 -47.01 -25.54 -11.88
N ILE A 20 -47.40 -24.31 -11.57
CA ILE A 20 -47.07 -23.13 -12.34
C ILE A 20 -46.10 -22.29 -11.52
N PRO A 21 -44.93 -21.93 -12.09
CA PRO A 21 -43.96 -21.10 -11.41
C PRO A 21 -44.64 -19.83 -10.94
N PRO A 22 -44.33 -19.37 -9.72
CA PRO A 22 -44.88 -18.11 -9.21
C PRO A 22 -44.36 -16.89 -10.00
N LYS A 23 -45.16 -15.83 -10.15
CA LYS A 23 -44.71 -14.58 -10.78
C LYS A 23 -43.94 -13.74 -9.75
N THR A 24 -42.67 -14.09 -9.55
CA THR A 24 -41.88 -13.48 -8.50
C THR A 24 -40.47 -14.04 -8.58
N HIS A 25 -39.52 -13.18 -8.23
CA HIS A 25 -38.14 -13.60 -8.12
C HIS A 25 -37.66 -13.17 -6.72
N PRO A 26 -36.75 -13.93 -6.11
CA PRO A 26 -36.21 -15.19 -6.59
C PRO A 26 -37.24 -16.30 -6.52
N ARG A 27 -37.04 -17.34 -7.34
CA ARG A 27 -37.78 -18.61 -7.22
C ARG A 27 -36.96 -19.84 -7.65
N LEU A 28 -35.68 -19.64 -7.99
CA LEU A 28 -34.81 -20.77 -8.27
C LEU A 28 -33.95 -21.12 -7.06
N TYR A 29 -34.02 -22.37 -6.61
CA TYR A 29 -33.29 -22.91 -5.44
C TYR A 29 -33.69 -22.30 -4.11
N LEU A 30 -34.42 -21.18 -4.18
CA LEU A 30 -35.00 -20.53 -2.99
C LEU A 30 -36.04 -19.47 -3.38
N ARG A 31 -36.86 -19.09 -2.39
CA ARG A 31 -37.87 -18.07 -2.58
C ARG A 31 -37.58 -16.93 -1.62
N GLU A 32 -38.27 -15.82 -1.87
CA GLU A 32 -38.17 -14.64 -1.03
C GLU A 32 -38.23 -15.01 0.46
N GLN A 33 -39.13 -15.92 0.80
CA GLN A 33 -39.38 -16.32 2.18
C GLN A 33 -38.08 -16.69 2.91
N GLN A 34 -37.14 -17.35 2.23
CA GLN A 34 -35.88 -17.77 2.86
C GLN A 34 -34.67 -16.89 2.55
N VAL A 35 -34.91 -15.76 1.91
CA VAL A 35 -33.79 -14.87 1.62
C VAL A 35 -33.12 -14.31 2.89
N PRO A 36 -33.89 -13.76 3.83
CA PRO A 36 -33.30 -13.16 5.04
C PRO A 36 -32.61 -14.19 5.94
N ASP A 37 -32.85 -15.48 5.71
CA ASP A 37 -32.17 -16.51 6.46
C ASP A 37 -30.76 -16.87 5.96
N LEU A 38 -30.33 -16.28 4.86
CA LEU A 38 -28.98 -16.51 4.36
C LEU A 38 -27.93 -15.95 5.32
N LYS A 39 -28.20 -14.80 5.90
CA LYS A 39 -27.24 -14.15 6.80
C LYS A 39 -26.76 -15.10 7.90
N ASN A 40 -27.66 -15.94 8.38
CA ASN A 40 -27.35 -16.86 9.47
C ASN A 40 -26.56 -18.05 8.95
N ARG A 41 -26.90 -18.53 7.76
CA ARG A 41 -26.14 -19.61 7.13
C ARG A 41 -24.70 -19.18 6.86
N MET A 42 -24.48 -17.90 6.58
CA MET A 42 -23.15 -17.38 6.43
C MET A 42 -22.42 -17.49 7.79
N ASN A 43 -23.16 -17.29 8.87
CA ASN A 43 -22.57 -17.25 10.21
C ASN A 43 -22.59 -18.60 10.92
N ASP A 44 -23.13 -19.61 10.25
CA ASP A 44 -23.14 -20.98 10.75
C ASP A 44 -21.79 -21.58 10.34
N PRO A 45 -20.93 -21.90 11.32
CA PRO A 45 -19.55 -22.28 11.00
C PRO A 45 -19.44 -23.52 10.11
N LYS A 46 -20.38 -24.45 10.24
CA LYS A 46 -20.33 -25.67 9.44
C LYS A 46 -20.46 -25.32 7.94
N LEU A 47 -21.13 -24.20 7.68
CA LEU A 47 -21.30 -23.71 6.33
C LEU A 47 -20.29 -22.61 6.03
N LYS A 48 -19.43 -22.28 6.99
CA LYS A 48 -18.42 -21.25 6.80
C LYS A 48 -17.43 -21.82 5.79
N LYS A 49 -16.86 -22.97 6.14
CA LYS A 49 -15.92 -23.71 5.30
C LYS A 49 -16.47 -23.87 3.88
N VAL A 50 -17.74 -24.25 3.78
CA VAL A 50 -18.37 -24.39 2.46
C VAL A 50 -18.23 -23.12 1.63
N TRP A 51 -18.43 -21.97 2.27
CA TRP A 51 -18.38 -20.67 1.58
C TRP A 51 -16.92 -20.35 1.25
N ALA A 52 -16.06 -20.51 2.25
CA ALA A 52 -14.62 -20.43 2.07
C ALA A 52 -14.14 -21.27 0.89
N ASP A 53 -14.61 -22.51 0.79
CA ASP A 53 -14.29 -23.41 -0.33
C ASP A 53 -14.71 -22.83 -1.69
N MET A 54 -15.84 -22.14 -1.71
CA MET A 54 -16.37 -21.62 -2.96
C MET A 54 -15.56 -20.40 -3.41
N ILE A 55 -15.03 -19.67 -2.44
CA ILE A 55 -14.27 -18.48 -2.75
C ILE A 55 -12.89 -18.85 -3.30
N LYS A 56 -12.43 -20.01 -2.84
CA LYS A 56 -11.17 -20.56 -3.28
C LYS A 56 -11.41 -21.02 -4.69
N MET A 57 -12.57 -21.62 -4.91
CA MET A 57 -12.92 -22.05 -6.25
C MET A 57 -12.95 -20.88 -7.25
N GLN A 58 -12.92 -19.65 -6.75
CA GLN A 58 -13.02 -18.49 -7.65
C GLN A 58 -11.81 -18.32 -8.57
N GLU A 59 -10.64 -18.76 -8.13
CA GLU A 59 -9.44 -18.58 -8.94
C GLU A 59 -9.56 -19.39 -10.23
N ASP A 60 -8.90 -18.94 -11.28
CA ASP A 60 -8.97 -19.60 -12.56
C ASP A 60 -8.13 -20.89 -12.55
N TRP A 61 -8.41 -21.75 -13.53
CA TRP A 61 -7.48 -22.80 -13.87
C TRP A 61 -6.12 -22.17 -14.23
N LYS A 62 -5.07 -22.55 -13.50
CA LYS A 62 -3.68 -22.24 -13.91
C LYS A 62 -3.51 -22.86 -15.30
N PRO A 63 -3.10 -22.05 -16.29
CA PRO A 63 -3.13 -22.43 -17.70
C PRO A 63 -2.55 -23.81 -17.99
N ALA A 64 -1.37 -24.09 -17.45
CA ALA A 64 -0.71 -25.34 -17.81
C ALA A 64 -1.39 -26.58 -17.20
N ASP A 65 -2.30 -26.40 -16.25
CA ASP A 65 -3.02 -27.53 -15.67
C ASP A 65 -4.37 -27.88 -16.32
N ILE A 66 -4.84 -27.02 -17.24
CA ILE A 66 -6.04 -27.32 -18.03
C ILE A 66 -5.77 -28.55 -18.88
N PRO A 67 -6.66 -29.56 -18.84
CA PRO A 67 -6.47 -30.89 -19.45
C PRO A 67 -6.28 -30.98 -20.96
N GLU A 68 -7.06 -30.23 -21.72
CA GLU A 68 -7.11 -30.30 -23.21
C GLU A 68 -8.18 -31.25 -23.73
N VAL A 69 -8.45 -32.32 -22.99
CA VAL A 69 -9.61 -33.14 -23.26
C VAL A 69 -10.56 -32.69 -22.15
N LYS A 70 -11.54 -31.86 -22.51
CA LYS A 70 -12.45 -31.27 -21.52
C LYS A 70 -13.70 -32.07 -21.22
N ASP A 71 -13.50 -32.90 -20.21
CA ASP A 71 -14.41 -33.90 -19.77
C ASP A 71 -15.54 -33.28 -19.00
N PHE A 72 -16.50 -34.11 -18.59
CA PHE A 72 -17.47 -33.65 -17.62
C PHE A 72 -16.71 -33.51 -16.29
N ARG A 73 -15.72 -34.35 -16.07
CA ARG A 73 -14.91 -34.23 -14.88
C ARG A 73 -14.27 -32.85 -14.80
N PHE A 74 -13.92 -32.26 -15.94
CA PHE A 74 -13.32 -30.92 -15.94
C PHE A 74 -14.31 -29.82 -15.54
N TYR A 75 -15.56 -29.87 -16.02
CA TYR A 75 -16.54 -28.84 -15.66
C TYR A 75 -17.09 -29.02 -14.24
N PHE A 76 -17.38 -30.26 -13.85
CA PHE A 76 -17.84 -30.50 -12.48
C PHE A 76 -16.81 -30.03 -11.44
N ASN A 77 -15.53 -30.13 -11.76
CA ASN A 77 -14.51 -29.40 -11.00
C ASN A 77 -14.54 -27.92 -11.41
N GLN A 78 -15.57 -27.21 -10.93
CA GLN A 78 -15.87 -25.86 -11.36
C GLN A 78 -14.91 -24.81 -10.81
N LYS A 79 -14.41 -23.94 -11.68
CA LYS A 79 -13.44 -22.90 -11.33
C LYS A 79 -13.68 -21.62 -12.15
N GLY A 80 -13.19 -20.50 -11.63
CA GLY A 80 -13.15 -19.26 -12.40
C GLY A 80 -14.41 -18.42 -12.44
N LEU A 81 -14.62 -17.78 -13.59
CA LEU A 81 -15.71 -16.85 -13.76
C LEU A 81 -17.07 -17.38 -13.33
N THR A 82 -17.39 -18.63 -13.67
CA THR A 82 -18.76 -19.09 -13.43
C THR A 82 -19.06 -19.21 -11.95
N VAL A 83 -18.04 -19.56 -11.16
CA VAL A 83 -18.14 -19.57 -9.70
C VAL A 83 -18.33 -18.15 -9.16
N ARG A 84 -17.50 -17.23 -9.63
CA ARG A 84 -17.62 -15.83 -9.25
C ARG A 84 -19.01 -15.24 -9.42
N VAL A 85 -19.67 -15.48 -10.56
CA VAL A 85 -20.98 -14.82 -10.80
C VAL A 85 -22.06 -15.41 -9.91
N GLU A 86 -21.93 -16.70 -9.61
CA GLU A 86 -22.84 -17.32 -8.67
C GLU A 86 -22.68 -16.63 -7.33
N LEU A 87 -21.45 -16.40 -6.89
CA LEU A 87 -21.22 -15.77 -5.60
C LEU A 87 -21.59 -14.30 -5.59
N MET A 88 -21.53 -13.64 -6.74
CA MET A 88 -22.04 -12.29 -6.86
C MET A 88 -23.56 -12.31 -6.73
N ALA A 89 -24.21 -13.13 -7.54
CA ALA A 89 -25.67 -13.26 -7.45
C ALA A 89 -26.13 -13.57 -6.03
N LEU A 90 -25.46 -14.48 -5.34
CA LEU A 90 -25.79 -14.75 -3.94
C LEU A 90 -25.66 -13.47 -3.13
N ASN A 91 -24.54 -12.80 -3.32
CA ASN A 91 -24.26 -11.58 -2.59
C ASN A 91 -25.32 -10.54 -2.84
N TYR A 92 -25.89 -10.55 -4.05
CA TYR A 92 -26.98 -9.64 -4.39
C TYR A 92 -28.26 -9.95 -3.61
N LEU A 93 -28.62 -11.21 -3.44
CA LEU A 93 -29.71 -11.57 -2.54
C LEU A 93 -29.43 -11.07 -1.13
N MET A 94 -28.18 -11.17 -0.67
CA MET A 94 -27.86 -10.82 0.71
C MET A 94 -27.73 -9.33 1.01
N THR A 95 -27.41 -8.52 0.00
CA THR A 95 -27.21 -7.07 0.19
C THR A 95 -28.19 -6.16 -0.56
N LYS A 96 -28.88 -6.72 -1.55
CA LYS A 96 -29.88 -5.98 -2.33
C LYS A 96 -29.25 -4.86 -3.14
N ASP A 97 -27.93 -4.85 -3.22
CA ASP A 97 -27.16 -3.74 -3.79
C ASP A 97 -27.14 -3.68 -5.32
N PRO A 98 -27.89 -2.75 -5.91
CA PRO A 98 -27.93 -2.61 -7.36
C PRO A 98 -26.60 -2.91 -8.05
N LYS A 99 -25.48 -2.39 -7.55
CA LYS A 99 -24.19 -2.58 -8.22
C LYS A 99 -23.75 -4.04 -8.23
N VAL A 100 -23.84 -4.68 -7.07
CA VAL A 100 -23.47 -6.08 -6.94
C VAL A 100 -24.26 -6.98 -7.90
N GLY A 101 -25.53 -6.64 -8.10
CA GLY A 101 -26.39 -7.38 -9.00
C GLY A 101 -26.07 -7.11 -10.46
N ARG A 102 -25.73 -5.87 -10.78
CA ARG A 102 -25.44 -5.53 -12.17
C ARG A 102 -24.14 -6.12 -12.64
N GLU A 103 -23.20 -6.30 -11.72
CA GLU A 103 -21.91 -6.88 -12.10
C GLU A 103 -22.08 -8.34 -12.50
N ALA A 104 -22.89 -9.06 -11.73
CA ALA A 104 -23.19 -10.45 -12.04
C ALA A 104 -23.75 -10.61 -13.46
N ILE A 105 -24.68 -9.75 -13.83
CA ILE A 105 -25.35 -9.85 -15.12
C ILE A 105 -24.39 -9.63 -16.29
N THR A 106 -23.57 -8.57 -16.21
CA THR A 106 -22.60 -8.26 -17.27
C THR A 106 -21.32 -9.13 -17.25
N SER A 107 -21.02 -9.74 -16.11
CA SER A 107 -19.86 -10.60 -16.06
C SER A 107 -20.08 -11.88 -16.82
N ILE A 108 -21.34 -12.30 -16.92
CA ILE A 108 -21.72 -13.61 -17.49
C ILE A 108 -22.32 -13.58 -18.89
N ILE A 109 -22.95 -12.47 -19.27
CA ILE A 109 -23.83 -12.50 -20.43
C ILE A 109 -23.16 -12.76 -21.79
N ASP A 110 -22.03 -12.08 -22.03
CA ASP A 110 -21.27 -12.30 -23.26
C ASP A 110 -20.85 -13.75 -23.47
N THR A 111 -20.22 -14.31 -22.44
CA THR A 111 -19.71 -15.66 -22.52
C THR A 111 -20.84 -16.70 -22.59
N LEU A 112 -21.98 -16.39 -22.00
CA LEU A 112 -23.11 -17.32 -22.05
C LEU A 112 -23.65 -17.48 -23.47
N GLU A 113 -23.65 -16.39 -24.26
CA GLU A 113 -24.14 -16.49 -25.63
C GLU A 113 -23.07 -16.98 -26.62
N THR A 114 -21.81 -17.05 -26.19
CA THR A 114 -20.71 -17.34 -27.10
C THR A 114 -20.13 -18.75 -26.87
N ALA A 115 -20.18 -19.19 -25.62
CA ALA A 115 -19.57 -20.47 -25.25
C ALA A 115 -19.71 -21.58 -26.30
N THR A 116 -18.56 -22.18 -26.57
CA THR A 116 -18.42 -23.31 -27.46
C THR A 116 -18.08 -24.54 -26.60
N PHE A 117 -18.47 -25.73 -27.02
CA PHE A 117 -18.18 -26.94 -26.24
C PHE A 117 -17.73 -28.11 -27.10
N LYS A 118 -16.43 -28.38 -27.09
CA LYS A 118 -15.86 -29.47 -27.88
C LYS A 118 -16.45 -30.82 -27.47
N PRO A 119 -16.82 -31.63 -28.44
CA PRO A 119 -17.35 -32.96 -28.13
C PRO A 119 -16.40 -33.76 -27.24
N ALA A 120 -16.93 -34.29 -26.14
CA ALA A 120 -16.16 -35.13 -25.24
C ALA A 120 -17.10 -35.91 -24.33
N GLY A 121 -16.56 -36.90 -23.63
CA GLY A 121 -17.37 -37.72 -22.73
C GLY A 121 -18.35 -36.98 -21.82
N ASP A 122 -19.64 -37.21 -22.08
CA ASP A 122 -20.72 -36.66 -21.27
C ASP A 122 -20.66 -35.14 -21.12
N ILE A 123 -20.26 -34.49 -22.21
CA ILE A 123 -20.16 -33.03 -22.23
C ILE A 123 -21.47 -32.34 -21.87
N SER A 124 -22.61 -32.97 -22.16
CA SER A 124 -23.91 -32.39 -21.81
C SER A 124 -23.94 -31.95 -20.35
N ARG A 125 -23.20 -32.66 -19.51
CA ARG A 125 -23.03 -32.28 -18.11
C ARG A 125 -22.40 -30.89 -17.97
N GLY A 126 -21.31 -30.66 -18.71
CA GLY A 126 -20.71 -29.34 -18.75
C GLY A 126 -21.70 -28.30 -19.19
N ILE A 127 -22.21 -28.43 -20.42
CA ILE A 127 -23.15 -27.49 -21.01
C ILE A 127 -24.29 -27.23 -20.04
N GLY A 128 -24.83 -28.30 -19.47
CA GLY A 128 -25.90 -28.17 -18.50
C GLY A 128 -25.55 -27.37 -17.26
N LEU A 129 -24.36 -27.57 -16.71
CA LEU A 129 -23.89 -26.77 -15.58
C LEU A 129 -23.62 -25.30 -15.94
N PHE A 130 -23.20 -25.05 -17.16
CA PHE A 130 -23.03 -23.67 -17.63
C PHE A 130 -24.39 -23.01 -17.60
N MET A 131 -25.41 -23.76 -18.02
CA MET A 131 -26.77 -23.22 -18.06
C MET A 131 -27.26 -22.81 -16.67
N VAL A 132 -27.05 -23.69 -15.70
CA VAL A 132 -27.32 -23.44 -14.28
C VAL A 132 -26.69 -22.12 -13.88
N THR A 133 -25.37 -22.00 -14.04
CA THR A 133 -24.69 -20.75 -13.77
C THR A 133 -25.48 -19.58 -14.33
N GLY A 134 -25.92 -19.69 -15.58
CA GLY A 134 -26.67 -18.61 -16.20
C GLY A 134 -28.00 -18.38 -15.52
N ALA A 135 -28.77 -19.45 -15.32
CA ALA A 135 -30.06 -19.38 -14.64
C ALA A 135 -30.02 -18.76 -13.23
N ILE A 136 -28.93 -19.01 -12.51
CA ILE A 136 -28.77 -18.43 -11.18
C ILE A 136 -28.72 -16.92 -11.30
N VAL A 137 -27.79 -16.41 -12.10
CA VAL A 137 -27.73 -14.97 -12.30
C VAL A 137 -29.09 -14.46 -12.80
N TYR A 138 -29.67 -15.09 -13.81
CA TYR A 138 -30.95 -14.63 -14.36
C TYR A 138 -32.07 -14.50 -13.30
N ASP A 139 -32.27 -15.51 -12.46
CA ASP A 139 -33.40 -15.47 -11.53
C ASP A 139 -33.05 -14.65 -10.31
N TRP A 140 -31.82 -14.80 -9.83
CA TRP A 140 -31.42 -14.12 -8.61
C TRP A 140 -31.30 -12.62 -8.80
N CYS A 141 -31.08 -12.19 -10.04
CA CYS A 141 -30.89 -10.77 -10.29
C CYS A 141 -31.92 -10.23 -11.26
N TYR A 142 -33.09 -10.86 -11.30
CA TYR A 142 -34.09 -10.58 -12.31
C TYR A 142 -34.42 -9.08 -12.45
N ASP A 143 -34.51 -8.37 -11.32
CA ASP A 143 -34.96 -6.99 -11.36
C ASP A 143 -33.87 -6.00 -11.76
N GLN A 144 -32.67 -6.51 -12.06
CA GLN A 144 -31.59 -5.64 -12.55
C GLN A 144 -31.37 -5.89 -14.03
N LEU A 145 -32.12 -6.84 -14.59
CA LEU A 145 -31.98 -7.16 -15.99
C LEU A 145 -32.62 -6.08 -16.84
N LYS A 146 -31.93 -5.62 -17.88
CA LYS A 146 -32.52 -4.79 -18.92
C LYS A 146 -33.36 -5.68 -19.85
N PRO A 147 -34.27 -5.08 -20.64
CA PRO A 147 -35.07 -5.88 -21.57
C PRO A 147 -34.21 -6.58 -22.63
N GLU A 148 -33.35 -5.84 -23.32
CA GLU A 148 -32.45 -6.39 -24.34
C GLU A 148 -31.67 -7.59 -23.81
N GLU A 149 -31.34 -7.53 -22.51
CA GLU A 149 -30.57 -8.58 -21.84
C GLU A 149 -31.38 -9.86 -21.68
N LYS A 150 -32.67 -9.73 -21.35
CA LYS A 150 -33.52 -10.91 -21.20
C LYS A 150 -33.59 -11.63 -22.55
N THR A 151 -33.82 -10.88 -23.61
CA THR A 151 -33.87 -11.50 -24.93
C THR A 151 -32.54 -12.22 -25.24
N ARG A 152 -31.42 -11.57 -24.88
CA ARG A 152 -30.11 -12.15 -25.10
C ARG A 152 -29.91 -13.45 -24.32
N PHE A 153 -30.42 -13.48 -23.09
CA PHE A 153 -30.31 -14.61 -22.19
C PHE A 153 -31.17 -15.75 -22.64
N VAL A 154 -32.40 -15.44 -23.02
CA VAL A 154 -33.33 -16.44 -23.51
C VAL A 154 -32.76 -17.15 -24.69
N LYS A 155 -32.14 -16.37 -25.53
CA LYS A 155 -31.61 -16.93 -26.75
C LYS A 155 -30.34 -17.71 -26.50
N ALA A 156 -29.55 -17.26 -25.54
CA ALA A 156 -28.39 -18.01 -25.13
C ALA A 156 -28.83 -19.33 -24.58
N PHE A 157 -29.85 -19.33 -23.73
CA PHE A 157 -30.29 -20.58 -23.11
C PHE A 157 -30.80 -21.58 -24.14
N VAL A 158 -31.57 -21.11 -25.11
CA VAL A 158 -32.07 -22.00 -26.14
C VAL A 158 -30.90 -22.59 -26.96
N ARG A 159 -29.85 -21.81 -27.18
CA ARG A 159 -28.72 -22.27 -27.98
C ARG A 159 -28.01 -23.37 -27.20
N LEU A 160 -27.87 -23.16 -25.90
CA LEU A 160 -27.25 -24.15 -25.04
C LEU A 160 -28.10 -25.42 -24.87
N ALA A 161 -29.41 -25.25 -24.74
CA ALA A 161 -30.33 -26.36 -24.71
C ALA A 161 -30.19 -27.29 -25.94
N LYS A 162 -30.03 -26.73 -27.13
CA LYS A 162 -29.98 -27.51 -28.36
C LYS A 162 -28.76 -28.42 -28.39
N MET A 163 -27.83 -28.24 -27.47
CA MET A 163 -26.60 -29.02 -27.43
C MET A 163 -26.71 -30.16 -26.43
N LEU A 164 -27.68 -30.08 -25.52
CA LEU A 164 -27.92 -31.16 -24.54
C LEU A 164 -28.30 -32.45 -25.25
N GLU A 165 -27.89 -33.58 -24.67
CA GLU A 165 -28.05 -34.88 -25.34
C GLU A 165 -29.53 -35.25 -25.59
N CYS A 166 -30.37 -34.99 -24.58
CA CYS A 166 -31.80 -35.26 -24.70
C CYS A 166 -32.49 -34.47 -25.80
N GLY A 167 -31.78 -33.50 -26.36
CA GLY A 167 -32.27 -32.66 -27.47
C GLY A 167 -33.05 -31.47 -26.91
N TYR A 168 -33.35 -30.50 -27.75
CA TYR A 168 -34.30 -29.48 -27.37
C TYR A 168 -35.13 -29.21 -28.59
N PRO A 169 -36.43 -29.55 -28.53
CA PRO A 169 -37.12 -30.01 -27.32
C PRO A 169 -36.59 -31.34 -26.77
N PRO A 170 -36.72 -31.54 -25.45
CA PRO A 170 -36.10 -32.69 -24.80
C PRO A 170 -36.91 -33.95 -25.02
N VAL A 171 -36.89 -34.47 -26.24
CA VAL A 171 -37.73 -35.62 -26.55
C VAL A 171 -36.92 -36.89 -26.68
N LYS A 172 -35.64 -36.86 -26.30
CA LYS A 172 -34.73 -37.96 -26.63
C LYS A 172 -34.29 -38.77 -25.43
N ASP A 173 -33.76 -39.97 -25.66
CA ASP A 173 -33.27 -40.84 -24.59
C ASP A 173 -34.41 -41.32 -23.67
N LYS A 174 -34.11 -41.60 -22.39
CA LYS A 174 -35.02 -42.37 -21.55
C LYS A 174 -35.38 -41.64 -20.24
N SER A 175 -36.58 -41.92 -19.72
CA SER A 175 -37.05 -41.20 -18.55
C SER A 175 -36.89 -41.98 -17.24
N ILE A 176 -36.59 -43.28 -17.31
CA ILE A 176 -36.38 -44.04 -16.07
C ILE A 176 -34.90 -44.27 -15.82
N VAL A 177 -34.18 -44.54 -16.90
CA VAL A 177 -32.73 -44.70 -16.84
C VAL A 177 -32.06 -43.80 -17.89
N GLY A 178 -30.77 -44.05 -18.15
CA GLY A 178 -30.06 -43.34 -19.22
C GLY A 178 -29.60 -41.97 -18.78
N HIS A 179 -29.02 -41.22 -19.70
CA HIS A 179 -28.49 -39.90 -19.39
C HIS A 179 -29.58 -38.87 -19.10
N ALA A 180 -30.72 -39.00 -19.79
CA ALA A 180 -31.82 -38.05 -19.58
C ALA A 180 -32.43 -38.25 -18.19
N SER A 181 -31.99 -39.28 -17.49
CA SER A 181 -32.42 -39.51 -16.13
C SER A 181 -31.39 -38.93 -15.14
N GLU A 182 -30.51 -38.09 -15.68
CA GLU A 182 -29.46 -37.52 -14.85
C GLU A 182 -29.60 -36.00 -14.67
N TRP A 183 -28.50 -35.28 -14.87
CA TRP A 183 -28.53 -33.84 -14.68
C TRP A 183 -29.35 -33.09 -15.76
N MET A 184 -29.26 -33.50 -17.02
CA MET A 184 -29.78 -32.62 -18.08
C MET A 184 -31.20 -32.08 -17.86
N ILE A 185 -32.14 -32.93 -17.46
CA ILE A 185 -33.51 -32.44 -17.29
C ILE A 185 -33.86 -32.14 -15.82
N MET A 186 -33.58 -33.08 -14.93
CA MET A 186 -34.00 -32.88 -13.55
C MET A 186 -33.33 -31.72 -12.82
N ARG A 187 -32.10 -31.36 -13.19
CA ARG A 187 -31.49 -30.13 -12.61
C ARG A 187 -31.41 -29.03 -13.63
N ASP A 188 -30.69 -29.31 -14.71
CA ASP A 188 -30.21 -28.30 -15.63
C ASP A 188 -31.32 -27.62 -16.41
N LEU A 189 -31.98 -28.39 -17.27
CA LEU A 189 -33.11 -27.86 -18.05
C LEU A 189 -34.25 -27.34 -17.16
N LEU A 190 -34.53 -28.00 -16.05
CA LEU A 190 -35.56 -27.53 -15.13
C LEU A 190 -35.18 -26.17 -14.57
N SER A 191 -33.98 -26.06 -14.02
CA SER A 191 -33.52 -24.80 -13.41
C SER A 191 -33.59 -23.60 -14.35
N VAL A 192 -33.33 -23.79 -15.63
CA VAL A 192 -33.38 -22.66 -16.57
C VAL A 192 -34.83 -22.33 -16.84
N GLY A 193 -35.65 -23.35 -17.04
CA GLY A 193 -37.05 -23.15 -17.37
C GLY A 193 -37.78 -22.35 -16.31
N ILE A 194 -37.50 -22.67 -15.05
CA ILE A 194 -38.03 -21.93 -13.92
C ILE A 194 -37.57 -20.49 -14.01
N ALA A 195 -36.29 -20.29 -14.27
CA ALA A 195 -35.71 -18.97 -14.29
C ALA A 195 -36.36 -18.03 -15.32
N ILE A 196 -36.51 -18.50 -16.56
CA ILE A 196 -37.00 -17.62 -17.62
C ILE A 196 -38.50 -17.72 -17.89
N TYR A 197 -39.24 -18.29 -16.94
CA TYR A 197 -40.65 -18.53 -17.20
C TYR A 197 -41.50 -17.32 -17.64
N ASP A 198 -41.09 -16.10 -17.28
CA ASP A 198 -41.97 -14.97 -17.57
C ASP A 198 -41.85 -14.55 -19.04
N GLU A 199 -40.67 -14.84 -19.61
CA GLU A 199 -40.30 -14.42 -20.96
C GLU A 199 -40.43 -15.55 -21.99
N PHE A 200 -40.17 -16.77 -21.54
CA PHE A 200 -40.14 -17.93 -22.41
C PHE A 200 -40.56 -19.17 -21.61
N PRO A 201 -41.88 -19.38 -21.47
CA PRO A 201 -42.40 -20.43 -20.62
C PRO A 201 -42.30 -21.81 -21.24
N GLU A 202 -42.19 -21.86 -22.58
CA GLU A 202 -42.04 -23.11 -23.32
C GLU A 202 -40.98 -24.06 -22.74
N MET A 203 -39.81 -23.52 -22.36
CA MET A 203 -38.75 -24.35 -21.81
C MET A 203 -39.20 -25.08 -20.55
N TYR A 204 -39.71 -24.36 -19.56
CA TYR A 204 -40.27 -25.02 -18.37
C TYR A 204 -41.36 -26.04 -18.73
N ASN A 205 -42.30 -25.61 -19.58
CA ASN A 205 -43.40 -26.45 -20.03
C ASN A 205 -42.94 -27.75 -20.67
N LEU A 206 -41.78 -27.71 -21.32
CA LEU A 206 -41.20 -28.92 -21.91
C LEU A 206 -40.42 -29.74 -20.85
N ALA A 207 -39.50 -29.10 -20.16
CA ALA A 207 -38.69 -29.80 -19.17
C ALA A 207 -39.56 -30.42 -18.07
N ALA A 208 -40.34 -29.60 -17.39
CA ALA A 208 -41.22 -30.09 -16.35
C ALA A 208 -42.37 -30.90 -16.95
N GLY A 209 -42.78 -30.57 -18.18
CA GLY A 209 -43.74 -31.41 -18.90
C GLY A 209 -43.35 -32.89 -18.88
N ARG A 210 -42.21 -33.20 -19.47
CA ARG A 210 -41.67 -34.54 -19.44
C ARG A 210 -41.45 -35.06 -18.01
N PHE A 211 -40.97 -34.23 -17.11
CA PHE A 211 -40.70 -34.72 -15.76
C PHE A 211 -41.98 -35.26 -15.11
N PHE A 212 -43.01 -34.43 -15.01
CA PHE A 212 -44.21 -34.85 -14.33
C PHE A 212 -44.98 -35.93 -15.07
N LYS A 213 -44.94 -35.88 -16.40
CA LYS A 213 -45.64 -36.86 -17.24
C LYS A 213 -44.93 -38.22 -17.25
N GLU A 214 -43.60 -38.19 -17.31
CA GLU A 214 -42.83 -39.40 -17.38
C GLU A 214 -41.99 -39.65 -16.13
N HIS A 215 -40.92 -38.91 -15.94
CA HIS A 215 -39.95 -39.21 -14.90
C HIS A 215 -40.54 -39.48 -13.51
N LEU A 216 -41.50 -38.65 -13.12
CA LEU A 216 -42.11 -38.68 -11.82
C LEU A 216 -42.95 -39.93 -11.65
N VAL A 217 -43.87 -40.14 -12.59
CA VAL A 217 -44.75 -41.31 -12.57
C VAL A 217 -43.93 -42.59 -12.40
N ALA A 218 -42.89 -42.75 -13.21
CA ALA A 218 -42.08 -43.93 -13.12
C ALA A 218 -41.32 -44.01 -11.78
N ARG A 219 -40.98 -42.88 -11.18
CA ARG A 219 -40.27 -43.00 -9.92
C ARG A 219 -41.19 -43.32 -8.72
N ASN A 220 -42.42 -42.79 -8.75
CA ASN A 220 -43.37 -42.98 -7.65
C ASN A 220 -43.82 -44.45 -7.60
N TRP A 221 -43.87 -45.05 -8.80
CA TRP A 221 -44.25 -46.44 -8.95
C TRP A 221 -43.33 -47.38 -8.15
N PHE A 222 -42.03 -47.14 -8.12
CA PHE A 222 -41.19 -48.08 -7.40
C PHE A 222 -40.74 -47.58 -6.03
N TYR A 223 -40.87 -46.28 -5.79
CA TYR A 223 -40.48 -45.62 -4.55
C TYR A 223 -41.02 -46.26 -3.25
N PRO A 224 -42.30 -46.70 -3.22
CA PRO A 224 -42.84 -47.31 -1.99
C PRO A 224 -42.03 -48.50 -1.49
N SER A 225 -41.15 -49.05 -2.33
CA SER A 225 -40.40 -50.22 -1.89
C SER A 225 -38.96 -49.90 -1.41
N HIS A 226 -38.61 -48.61 -1.41
CA HIS A 226 -37.43 -48.09 -0.74
C HIS A 226 -36.10 -48.59 -1.25
N ASN A 227 -36.05 -48.72 -2.58
CA ASN A 227 -34.83 -49.15 -3.23
C ASN A 227 -34.71 -48.58 -4.65
N TYR A 228 -33.53 -48.80 -5.24
CA TYR A 228 -33.23 -48.27 -6.56
C TYR A 228 -32.75 -49.39 -7.45
N HIS A 229 -32.86 -49.20 -8.76
CA HIS A 229 -32.61 -50.27 -9.69
C HIS A 229 -31.32 -50.15 -10.53
N GLN A 230 -30.49 -49.15 -10.25
CA GLN A 230 -29.36 -48.95 -11.15
C GLN A 230 -28.01 -49.43 -10.65
N GLY A 231 -28.00 -50.25 -9.60
CA GLY A 231 -26.73 -50.78 -9.09
C GLY A 231 -26.14 -49.84 -8.07
N MET A 232 -25.11 -50.27 -7.35
CA MET A 232 -24.64 -49.54 -6.17
C MET A 232 -23.63 -48.41 -6.47
N SER A 233 -23.24 -48.29 -7.74
CA SER A 233 -22.41 -47.14 -8.12
C SER A 233 -23.27 -46.04 -8.71
N TYR A 234 -23.96 -46.32 -9.81
CA TYR A 234 -24.84 -45.32 -10.41
C TYR A 234 -26.06 -44.88 -9.55
N LEU A 235 -26.28 -45.54 -8.40
CA LEU A 235 -27.19 -45.02 -7.38
C LEU A 235 -26.82 -43.57 -7.05
N ASN A 236 -25.54 -43.28 -7.13
CA ASN A 236 -25.10 -41.93 -6.82
C ASN A 236 -25.65 -40.83 -7.76
N VAL A 237 -25.23 -40.83 -9.02
CA VAL A 237 -25.70 -39.80 -9.94
C VAL A 237 -27.21 -39.80 -10.10
N ARG A 238 -27.82 -40.98 -10.16
CA ARG A 238 -29.22 -41.09 -10.55
C ARG A 238 -30.08 -40.65 -9.38
N PHE A 239 -29.78 -41.13 -8.18
CA PHE A 239 -30.64 -40.75 -7.07
C PHE A 239 -30.39 -39.27 -6.73
N THR A 240 -29.16 -38.81 -6.91
CA THR A 240 -28.85 -37.40 -6.74
C THR A 240 -29.75 -36.50 -7.57
N ASN A 241 -30.03 -36.89 -8.82
CA ASN A 241 -30.83 -36.05 -9.74
C ASN A 241 -32.33 -36.06 -9.46
N ASP A 242 -32.80 -37.20 -8.93
CA ASP A 242 -34.14 -37.26 -8.36
C ASP A 242 -34.24 -36.21 -7.28
N LEU A 243 -33.23 -36.15 -6.43
CA LEU A 243 -33.27 -35.30 -5.25
C LEU A 243 -33.09 -33.82 -5.62
N PHE A 244 -32.35 -33.54 -6.68
CA PHE A 244 -32.29 -32.17 -7.21
C PHE A 244 -33.70 -31.71 -7.64
N ALA A 245 -34.42 -32.53 -8.41
CA ALA A 245 -35.84 -32.25 -8.70
C ALA A 245 -36.71 -32.02 -7.45
N LEU A 246 -36.50 -32.85 -6.44
CA LEU A 246 -37.20 -32.69 -5.18
C LEU A 246 -37.01 -31.28 -4.65
N TRP A 247 -35.77 -30.94 -4.37
CA TRP A 247 -35.42 -29.65 -3.77
C TRP A 247 -35.83 -28.48 -4.64
N ILE A 248 -35.50 -28.54 -5.94
CA ILE A 248 -35.85 -27.48 -6.87
C ILE A 248 -37.34 -27.16 -6.80
N LEU A 249 -38.19 -28.15 -7.02
CA LEU A 249 -39.62 -27.91 -7.06
C LEU A 249 -40.17 -27.50 -5.70
N ASP A 250 -39.78 -28.17 -4.62
CA ASP A 250 -40.19 -27.69 -3.29
C ASP A 250 -39.81 -26.22 -3.06
N ARG A 251 -38.55 -25.87 -3.33
CA ARG A 251 -38.13 -24.47 -3.18
C ARG A 251 -38.83 -23.56 -4.20
N MET A 252 -39.38 -24.11 -5.27
CA MET A 252 -40.20 -23.30 -6.20
C MET A 252 -41.55 -22.99 -5.57
N GLY A 253 -41.98 -23.84 -4.65
CA GLY A 253 -43.26 -23.69 -3.96
C GLY A 253 -44.28 -24.80 -4.24
N ALA A 254 -43.78 -25.96 -4.65
CA ALA A 254 -44.66 -26.98 -5.18
C ALA A 254 -44.73 -28.16 -4.22
N GLY A 255 -44.18 -27.97 -3.02
CA GLY A 255 -44.13 -29.01 -2.02
C GLY A 255 -43.24 -30.15 -2.48
N ASN A 256 -43.44 -31.33 -1.89
CA ASN A 256 -42.75 -32.53 -2.30
C ASN A 256 -43.59 -33.19 -3.38
N VAL A 257 -43.05 -33.30 -4.59
CA VAL A 257 -43.84 -33.87 -5.67
C VAL A 257 -43.69 -35.40 -5.72
N PHE A 258 -42.70 -35.96 -5.02
CA PHE A 258 -42.39 -37.39 -5.01
C PHE A 258 -43.12 -38.13 -3.89
N ASN A 259 -43.33 -39.43 -4.05
CA ASN A 259 -43.80 -40.24 -2.92
C ASN A 259 -42.81 -40.21 -1.76
N PRO A 260 -43.20 -39.69 -0.61
CA PRO A 260 -42.34 -39.54 0.57
C PRO A 260 -41.53 -40.79 0.93
N GLY A 261 -41.86 -41.95 0.38
CA GLY A 261 -41.05 -43.15 0.60
C GLY A 261 -39.62 -42.99 0.10
N GLN A 262 -39.44 -41.98 -0.73
CA GLN A 262 -38.13 -41.65 -1.28
C GLN A 262 -37.13 -41.56 -0.16
N GLN A 263 -37.63 -41.24 1.02
CA GLN A 263 -36.77 -41.04 2.18
C GLN A 263 -35.96 -42.27 2.45
N PHE A 264 -36.53 -43.44 2.25
CA PHE A 264 -35.96 -44.66 2.75
C PHE A 264 -35.17 -45.44 1.75
N ILE A 265 -35.05 -44.88 0.56
CA ILE A 265 -34.31 -45.51 -0.50
C ILE A 265 -32.86 -45.73 -0.15
N LEU A 266 -32.22 -44.73 0.42
CA LEU A 266 -30.77 -44.81 0.68
C LEU A 266 -30.43 -45.67 1.90
N TYR A 267 -31.44 -46.21 2.57
CA TYR A 267 -31.16 -47.15 3.65
C TYR A 267 -30.55 -48.41 3.06
N ASP A 268 -30.87 -48.67 1.80
CA ASP A 268 -30.33 -49.85 1.15
C ASP A 268 -28.80 -49.81 1.02
N ALA A 269 -28.25 -48.64 0.72
CA ALA A 269 -26.82 -48.45 0.75
C ALA A 269 -26.28 -48.70 2.16
N ILE A 270 -26.95 -48.23 3.19
CA ILE A 270 -26.41 -48.38 4.56
C ILE A 270 -26.26 -49.86 4.93
N TYR A 271 -27.21 -50.67 4.46
CA TYR A 271 -27.27 -52.07 4.87
C TYR A 271 -26.18 -52.85 4.14
N LYS A 272 -25.69 -52.28 3.05
CA LYS A 272 -24.66 -52.90 2.20
C LYS A 272 -23.19 -52.52 2.50
N ARG A 273 -22.99 -51.63 3.48
CA ARG A 273 -21.65 -51.23 3.86
C ARG A 273 -20.85 -52.31 4.58
N ARG A 274 -19.74 -52.73 3.98
CA ARG A 274 -18.86 -53.70 4.57
C ARG A 274 -17.99 -53.03 5.62
N PRO A 275 -17.42 -53.82 6.54
CA PRO A 275 -16.54 -53.25 7.56
C PRO A 275 -15.18 -52.83 7.00
N ASP A 276 -14.95 -53.08 5.71
CA ASP A 276 -13.71 -52.69 5.10
C ASP A 276 -13.84 -51.39 4.31
N GLY A 277 -14.97 -50.73 4.45
CA GLY A 277 -15.20 -49.45 3.80
C GLY A 277 -15.85 -49.59 2.45
N GLN A 278 -15.99 -50.83 1.98
CA GLN A 278 -16.61 -51.02 0.67
C GLN A 278 -18.12 -51.28 0.80
N ILE A 279 -18.79 -51.33 -0.35
CA ILE A 279 -20.25 -51.51 -0.43
C ILE A 279 -20.51 -52.82 -1.14
N LEU A 280 -21.56 -53.55 -0.74
CA LEU A 280 -21.89 -54.81 -1.40
C LEU A 280 -22.15 -54.55 -2.87
N ALA A 281 -21.72 -55.46 -3.72
CA ALA A 281 -21.80 -55.25 -5.15
C ALA A 281 -23.22 -55.40 -5.70
N GLY A 282 -23.45 -54.84 -6.88
CA GLY A 282 -24.73 -55.01 -7.56
C GLY A 282 -24.84 -54.12 -8.78
N GLY A 283 -25.36 -54.67 -9.86
CA GLY A 283 -25.45 -53.95 -11.13
C GLY A 283 -24.05 -53.54 -11.54
N ASP A 284 -23.94 -52.60 -12.48
CA ASP A 284 -22.65 -52.10 -12.99
C ASP A 284 -21.81 -51.44 -11.87
N VAL A 285 -20.78 -52.11 -11.37
CA VAL A 285 -19.85 -51.51 -10.43
C VAL A 285 -18.40 -51.90 -10.71
N ASP A 286 -17.45 -51.14 -10.17
CA ASP A 286 -16.07 -51.57 -10.08
C ASP A 286 -15.71 -51.76 -8.59
N TYR A 287 -14.49 -52.20 -8.29
CA TYR A 287 -14.10 -52.50 -6.91
C TYR A 287 -12.78 -51.85 -6.59
N SER A 288 -12.54 -51.69 -5.29
CA SER A 288 -11.39 -50.98 -4.78
C SER A 288 -11.26 -51.36 -3.34
N ARG A 289 -10.06 -51.26 -2.77
CA ARG A 289 -9.93 -51.40 -1.31
C ARG A 289 -9.11 -50.20 -0.84
N LYS A 290 -8.90 -49.25 -1.75
CA LYS A 290 -8.09 -48.07 -1.44
C LYS A 290 -8.96 -46.92 -0.96
N LYS A 291 -10.11 -46.75 -1.61
CA LYS A 291 -10.97 -45.60 -1.35
C LYS A 291 -12.38 -46.03 -0.90
N PRO A 292 -12.73 -45.80 0.39
CA PRO A 292 -14.09 -46.12 0.85
C PRO A 292 -15.10 -45.42 -0.03
N LYS A 293 -16.25 -46.02 -0.27
CA LYS A 293 -17.26 -45.43 -1.14
C LYS A 293 -18.22 -44.63 -0.27
N TYR A 294 -18.66 -43.48 -0.79
CA TYR A 294 -19.67 -42.69 -0.10
C TYR A 294 -20.85 -42.31 -0.99
N TYR A 295 -21.99 -42.05 -0.35
CA TYR A 295 -23.13 -41.50 -1.08
C TYR A 295 -23.41 -40.11 -0.51
N THR A 296 -22.38 -39.29 -0.65
CA THR A 296 -22.30 -37.97 -0.07
C THR A 296 -23.47 -37.09 -0.51
N MET A 297 -23.68 -36.95 -1.82
CA MET A 297 -24.71 -36.01 -2.25
C MET A 297 -26.11 -36.48 -1.91
N PRO A 298 -26.42 -37.76 -2.14
CA PRO A 298 -27.72 -38.34 -1.78
C PRO A 298 -27.96 -38.24 -0.27
N ALA A 299 -26.93 -38.54 0.52
CA ALA A 299 -27.10 -38.46 1.97
C ALA A 299 -27.37 -37.03 2.36
N LEU A 300 -26.71 -36.09 1.69
CA LEU A 300 -26.95 -34.69 2.00
C LEU A 300 -28.39 -34.31 1.67
N LEU A 301 -28.73 -34.40 0.39
CA LEU A 301 -29.99 -33.89 -0.14
C LEU A 301 -31.17 -34.58 0.53
N ALA A 302 -31.26 -35.90 0.44
CA ALA A 302 -32.33 -36.65 1.08
C ALA A 302 -32.30 -36.51 2.62
N GLY A 303 -31.11 -36.62 3.21
CA GLY A 303 -30.97 -36.45 4.65
C GLY A 303 -31.56 -35.14 5.15
N SER A 304 -31.04 -34.02 4.64
CA SER A 304 -31.53 -32.70 5.03
C SER A 304 -33.01 -32.40 4.71
N TYR A 305 -33.50 -32.83 3.55
CA TYR A 305 -34.90 -32.60 3.23
C TYR A 305 -35.82 -33.36 4.17
N TYR A 306 -35.55 -34.62 4.41
CA TYR A 306 -36.44 -35.43 5.23
C TYR A 306 -36.03 -35.45 6.70
N LYS A 307 -35.10 -34.58 7.09
CA LYS A 307 -34.63 -34.55 8.47
C LYS A 307 -34.34 -35.95 9.00
N ASP A 308 -33.60 -36.73 8.24
CA ASP A 308 -33.32 -38.12 8.62
C ASP A 308 -31.91 -38.31 9.19
N GLU A 309 -31.82 -38.69 10.47
CA GLU A 309 -30.54 -38.77 11.17
C GLU A 309 -29.65 -39.94 10.77
N TYR A 310 -30.25 -40.99 10.24
CA TYR A 310 -29.47 -42.13 9.76
C TYR A 310 -28.75 -41.77 8.47
N LEU A 311 -29.42 -41.06 7.57
CA LEU A 311 -28.83 -40.58 6.32
C LEU A 311 -27.85 -39.45 6.60
N ASN A 312 -28.21 -38.54 7.49
CA ASN A 312 -27.27 -37.47 7.82
C ASN A 312 -25.91 -37.98 8.33
N TYR A 313 -25.94 -38.96 9.21
CA TYR A 313 -24.72 -39.61 9.66
C TYR A 313 -23.97 -40.09 8.41
N GLU A 314 -24.70 -40.71 7.50
CA GLU A 314 -24.10 -41.17 6.24
C GLU A 314 -23.33 -40.05 5.57
N PHE A 315 -23.97 -38.91 5.36
CA PHE A 315 -23.26 -37.74 4.80
C PHE A 315 -22.06 -37.31 5.64
N LEU A 316 -22.22 -37.25 6.96
CA LEU A 316 -21.11 -36.87 7.86
C LEU A 316 -19.83 -37.73 7.80
N LYS A 317 -19.92 -38.95 7.25
CA LYS A 317 -18.75 -39.79 7.01
C LYS A 317 -17.68 -39.06 6.16
N ASP A 318 -18.15 -38.38 5.13
CA ASP A 318 -17.31 -37.66 4.19
C ASP A 318 -18.11 -36.47 3.67
N PRO A 319 -18.08 -35.37 4.46
CA PRO A 319 -18.92 -34.21 4.19
C PRO A 319 -18.34 -33.35 3.07
N ASN A 320 -17.80 -33.98 2.03
CA ASN A 320 -17.15 -33.28 0.93
C ASN A 320 -17.85 -33.38 -0.42
N VAL A 321 -18.53 -32.33 -0.78
CA VAL A 321 -19.33 -32.37 -1.98
C VAL A 321 -18.47 -31.98 -3.18
N GLU A 322 -18.76 -32.52 -4.36
CA GLU A 322 -18.12 -32.10 -5.63
C GLU A 322 -18.31 -30.58 -5.77
N PRO A 323 -17.29 -29.87 -6.34
CA PRO A 323 -17.28 -28.40 -6.39
C PRO A 323 -18.54 -27.76 -7.00
N HIS A 324 -19.07 -28.30 -8.10
CA HIS A 324 -20.26 -27.71 -8.72
C HIS A 324 -21.53 -27.81 -7.85
N CYS A 325 -21.48 -28.61 -6.78
CA CYS A 325 -22.59 -28.72 -5.83
C CYS A 325 -22.41 -27.97 -4.51
N LYS A 326 -21.23 -27.42 -4.28
CA LYS A 326 -20.95 -26.74 -3.02
C LYS A 326 -22.02 -25.68 -2.73
N LEU A 327 -22.54 -25.04 -3.78
CA LEU A 327 -23.55 -24.00 -3.58
C LEU A 327 -24.86 -24.61 -3.04
N PHE A 328 -25.20 -25.80 -3.51
CA PHE A 328 -26.40 -26.45 -3.01
C PHE A 328 -26.22 -26.98 -1.57
N GLU A 329 -25.01 -27.35 -1.17
CA GLU A 329 -24.78 -27.64 0.24
C GLU A 329 -25.15 -26.37 1.00
N PHE A 330 -24.53 -25.26 0.60
CA PHE A 330 -24.72 -24.00 1.32
C PHE A 330 -26.17 -23.57 1.50
N LEU A 331 -26.98 -23.79 0.46
CA LEU A 331 -28.36 -23.32 0.48
C LEU A 331 -29.35 -24.26 1.17
N TRP A 332 -29.04 -25.56 1.10
CA TRP A 332 -29.99 -26.60 1.53
C TRP A 332 -29.56 -27.49 2.69
N ARG A 333 -28.26 -27.56 2.99
CA ARG A 333 -27.80 -28.40 4.11
C ARG A 333 -28.39 -28.00 5.46
N ASP A 334 -28.92 -29.00 6.18
CA ASP A 334 -29.38 -28.85 7.54
C ASP A 334 -28.29 -29.18 8.55
N THR A 335 -27.70 -28.12 9.13
CA THR A 335 -26.61 -28.29 10.09
C THR A 335 -27.11 -28.54 11.52
N GLN A 336 -28.42 -28.35 11.71
CA GLN A 336 -29.05 -28.55 13.02
C GLN A 336 -29.38 -30.03 13.22
N LEU A 337 -29.70 -30.71 12.11
CA LEU A 337 -30.08 -32.11 12.08
C LEU A 337 -29.01 -32.98 12.73
N GLY A 338 -29.41 -33.95 13.55
CA GLY A 338 -28.46 -34.82 14.24
C GLY A 338 -28.04 -36.00 13.39
N SER A 339 -27.33 -36.95 13.98
CA SER A 339 -26.90 -38.16 13.26
C SER A 339 -26.84 -39.39 14.15
N ARG A 340 -27.13 -40.57 13.60
CA ARG A 340 -26.99 -41.84 14.35
C ARG A 340 -26.28 -42.95 13.56
N LYS A 341 -25.46 -43.71 14.26
CA LYS A 341 -24.87 -44.90 13.67
C LYS A 341 -25.96 -45.91 13.40
N PRO A 342 -25.71 -46.84 12.48
CA PRO A 342 -26.77 -47.74 12.08
C PRO A 342 -26.90 -48.93 13.03
N ASP A 343 -26.11 -48.92 14.10
CA ASP A 343 -25.94 -50.07 14.98
C ASP A 343 -27.23 -50.58 15.59
N ASP A 344 -28.24 -49.71 15.67
CA ASP A 344 -29.51 -50.10 16.31
C ASP A 344 -30.68 -50.35 15.33
N LEU A 345 -30.39 -50.51 14.05
CA LEU A 345 -31.41 -50.81 13.03
C LEU A 345 -31.70 -52.30 13.07
N PRO A 346 -32.88 -52.70 12.58
CA PRO A 346 -33.22 -54.14 12.45
C PRO A 346 -32.22 -54.83 11.54
N LEU A 347 -31.96 -56.12 11.75
CA LEU A 347 -30.88 -56.80 11.02
C LEU A 347 -31.24 -57.22 9.58
N SER A 348 -32.52 -57.14 9.23
CA SER A 348 -32.99 -57.45 7.88
C SER A 348 -33.95 -56.37 7.33
N ARG A 349 -33.80 -56.03 6.06
CA ARG A 349 -34.72 -55.06 5.46
C ARG A 349 -35.38 -55.65 4.20
N TYR A 350 -36.68 -55.42 4.00
CA TYR A 350 -37.32 -55.99 2.79
C TYR A 350 -37.75 -54.94 1.77
N SER A 351 -37.42 -55.11 0.50
CA SER A 351 -37.87 -54.22 -0.57
C SER A 351 -38.89 -54.91 -1.49
N GLY A 352 -40.16 -54.53 -1.35
CA GLY A 352 -41.29 -55.14 -2.09
C GLY A 352 -41.37 -54.81 -3.58
N SER A 353 -42.55 -54.96 -4.17
CA SER A 353 -42.71 -54.75 -5.60
C SER A 353 -42.14 -53.38 -5.96
N PRO A 354 -41.46 -53.27 -7.11
CA PRO A 354 -41.24 -54.33 -8.07
C PRO A 354 -39.88 -54.96 -7.88
N PHE A 355 -39.35 -54.91 -6.67
CA PHE A 355 -38.05 -55.50 -6.42
C PHE A 355 -38.11 -56.96 -5.94
N GLY A 356 -38.55 -57.11 -4.70
CA GLY A 356 -38.59 -58.42 -4.08
C GLY A 356 -37.17 -58.75 -3.65
N TRP A 357 -36.59 -57.88 -2.82
CA TRP A 357 -35.21 -58.05 -2.36
C TRP A 357 -35.01 -58.09 -0.82
N MET A 358 -34.20 -59.01 -0.32
CA MET A 358 -33.93 -59.05 1.10
C MET A 358 -32.46 -58.75 1.38
N ILE A 359 -32.19 -57.86 2.32
CA ILE A 359 -30.82 -57.76 2.81
C ILE A 359 -30.80 -58.22 4.26
N ALA A 360 -29.90 -59.13 4.59
CA ALA A 360 -29.91 -59.78 5.89
C ALA A 360 -28.53 -59.70 6.54
N ARG A 361 -28.51 -59.38 7.82
CA ARG A 361 -27.25 -59.11 8.52
C ARG A 361 -27.25 -59.80 9.86
N THR A 362 -26.08 -59.93 10.48
CA THR A 362 -25.99 -60.62 11.77
C THR A 362 -25.40 -59.65 12.80
N GLY A 363 -25.19 -58.42 12.34
CA GLY A 363 -24.64 -57.33 13.15
C GLY A 363 -24.27 -56.14 12.29
N TRP A 364 -23.57 -55.19 12.91
CA TRP A 364 -23.13 -53.99 12.23
C TRP A 364 -21.63 -53.77 12.41
N GLY A 365 -20.98 -54.70 13.12
CA GLY A 365 -19.56 -54.59 13.46
C GLY A 365 -18.63 -55.36 12.53
N PRO A 366 -17.39 -55.59 12.99
CA PRO A 366 -16.44 -56.28 12.14
C PRO A 366 -16.91 -57.69 11.74
N GLU A 367 -17.59 -58.38 12.67
CA GLU A 367 -18.01 -59.78 12.50
C GLU A 367 -19.30 -59.99 11.66
N SER A 368 -19.75 -58.99 10.94
CA SER A 368 -21.07 -59.10 10.32
C SER A 368 -21.11 -60.00 9.10
N VAL A 369 -22.09 -60.90 9.04
CA VAL A 369 -22.45 -61.56 7.79
C VAL A 369 -23.40 -60.62 7.07
N ILE A 370 -23.26 -60.49 5.75
CA ILE A 370 -24.19 -59.68 4.94
C ILE A 370 -24.65 -60.52 3.75
N ALA A 371 -25.97 -60.74 3.68
CA ALA A 371 -26.56 -61.63 2.71
C ALA A 371 -27.63 -60.88 1.93
N GLU A 372 -27.67 -61.09 0.62
CA GLU A 372 -28.62 -60.44 -0.29
C GLU A 372 -29.33 -61.54 -1.03
N MET A 373 -30.64 -61.40 -1.22
CA MET A 373 -31.49 -62.34 -1.92
C MET A 373 -32.42 -61.56 -2.84
N LYS A 374 -32.50 -61.93 -4.13
CA LYS A 374 -33.23 -61.10 -5.09
C LYS A 374 -34.19 -61.83 -6.04
N VAL A 375 -35.47 -61.45 -6.05
CA VAL A 375 -36.34 -61.99 -7.11
C VAL A 375 -36.20 -61.16 -8.37
N ASN A 376 -36.45 -59.86 -8.26
CA ASN A 376 -36.60 -59.00 -9.43
C ASN A 376 -37.94 -59.22 -10.08
N GLU A 377 -38.94 -58.41 -9.74
CA GLU A 377 -40.22 -58.50 -10.45
C GLU A 377 -40.11 -57.95 -11.85
N TYR A 378 -39.44 -56.81 -12.00
CA TYR A 378 -39.17 -56.24 -13.33
C TYR A 378 -37.69 -55.90 -13.42
N SER A 379 -37.28 -55.69 -14.66
CA SER A 379 -35.95 -55.24 -15.01
C SER A 379 -35.97 -53.81 -15.57
N PHE A 380 -35.01 -52.98 -15.16
CA PHE A 380 -34.94 -51.61 -15.69
C PHE A 380 -33.89 -51.42 -16.83
N LEU A 381 -33.05 -52.44 -17.02
CA LEU A 381 -31.97 -52.44 -18.00
C LEU A 381 -30.95 -51.33 -17.68
N ASN A 382 -30.27 -50.81 -18.71
CA ASN A 382 -29.18 -49.87 -18.49
C ASN A 382 -28.19 -50.54 -17.52
N HIS A 383 -28.04 -49.97 -16.32
CA HIS A 383 -26.99 -50.46 -15.42
C HIS A 383 -27.41 -51.64 -14.55
N GLN A 384 -28.68 -52.05 -14.65
CA GLN A 384 -29.16 -53.27 -13.98
C GLN A 384 -28.78 -54.54 -14.77
N HIS A 385 -28.42 -55.60 -14.04
CA HIS A 385 -28.08 -56.90 -14.67
C HIS A 385 -29.25 -57.86 -14.71
N GLN A 386 -29.31 -58.70 -15.75
CA GLN A 386 -30.30 -59.79 -15.77
C GLN A 386 -29.99 -60.86 -14.69
N ASP A 387 -30.21 -60.50 -13.41
CA ASP A 387 -29.82 -61.34 -12.29
C ASP A 387 -30.94 -61.85 -11.39
N ALA A 388 -32.09 -62.13 -11.98
CA ALA A 388 -33.16 -62.72 -11.19
C ALA A 388 -32.70 -63.95 -10.35
N GLY A 389 -33.18 -64.01 -9.12
CA GLY A 389 -32.91 -65.15 -8.25
C GLY A 389 -31.54 -65.14 -7.63
N ALA A 390 -30.75 -64.11 -7.87
CA ALA A 390 -29.36 -64.13 -7.42
C ALA A 390 -29.15 -63.99 -5.91
N PHE A 391 -28.20 -64.74 -5.37
CA PHE A 391 -27.82 -64.47 -3.98
C PHE A 391 -26.37 -63.99 -3.84
N GLN A 392 -26.10 -63.20 -2.81
CA GLN A 392 -24.76 -62.71 -2.56
C GLN A 392 -24.42 -62.75 -1.05
N ILE A 393 -23.25 -63.27 -0.73
CA ILE A 393 -22.83 -63.40 0.67
C ILE A 393 -21.40 -62.88 0.89
N TYR A 394 -21.30 -61.86 1.74
CA TYR A 394 -20.03 -61.36 2.27
C TYR A 394 -19.95 -61.72 3.76
N TYR A 395 -18.78 -62.13 4.24
CA TYR A 395 -18.47 -62.23 5.68
C TYR A 395 -16.94 -62.24 5.76
N LYS A 396 -16.34 -61.28 6.46
CA LYS A 396 -14.89 -61.14 6.45
C LYS A 396 -14.36 -61.41 5.04
N GLY A 397 -14.91 -60.69 4.07
CA GLY A 397 -14.47 -60.80 2.69
C GLY A 397 -15.68 -61.30 1.89
N PRO A 398 -15.66 -61.05 0.57
CA PRO A 398 -16.70 -61.62 -0.32
C PRO A 398 -16.59 -63.15 -0.53
N LEU A 399 -17.61 -63.88 -0.13
CA LEU A 399 -17.61 -65.33 -0.28
C LEU A 399 -18.43 -65.79 -1.49
N ALA A 400 -19.72 -65.48 -1.54
CA ALA A 400 -20.59 -65.93 -2.63
C ALA A 400 -20.81 -64.69 -3.50
N ILE A 401 -20.08 -64.58 -4.60
CA ILE A 401 -19.94 -63.28 -5.22
C ILE A 401 -20.89 -62.95 -6.39
N ASP A 402 -20.99 -61.66 -6.70
CA ASP A 402 -21.65 -61.09 -7.87
C ASP A 402 -20.55 -60.72 -8.87
N ALA A 403 -20.14 -61.69 -9.69
CA ALA A 403 -18.87 -61.67 -10.44
C ALA A 403 -18.80 -60.77 -11.66
N GLY A 404 -17.56 -60.57 -12.12
CA GLY A 404 -17.26 -59.66 -13.24
C GLY A 404 -16.96 -58.25 -12.75
N SER A 405 -16.68 -57.35 -13.69
CA SER A 405 -16.41 -55.97 -13.32
C SER A 405 -16.81 -55.02 -14.46
N TYR A 406 -17.21 -53.79 -14.11
CA TYR A 406 -17.72 -52.85 -15.10
C TYR A 406 -16.64 -52.48 -16.12
N THR A 407 -15.47 -52.07 -15.62
CA THR A 407 -14.40 -51.68 -16.50
C THR A 407 -13.18 -52.57 -16.36
N GLY A 408 -12.27 -52.42 -17.32
CA GLY A 408 -11.07 -53.24 -17.37
C GLY A 408 -10.53 -53.34 -18.79
N SER A 409 -9.64 -54.31 -19.00
CA SER A 409 -9.01 -54.51 -20.30
C SER A 409 -10.04 -54.67 -21.42
N SER A 410 -11.25 -55.07 -21.08
CA SER A 410 -12.26 -55.32 -22.10
C SER A 410 -12.85 -54.01 -22.66
N GLY A 411 -12.81 -52.98 -21.82
CA GLY A 411 -13.40 -51.67 -22.12
C GLY A 411 -14.27 -51.24 -20.95
N GLY A 412 -15.31 -50.46 -21.25
CA GLY A 412 -16.32 -50.05 -20.28
C GLY A 412 -17.74 -50.50 -20.61
N TYR A 413 -18.73 -49.64 -20.38
CA TYR A 413 -20.12 -49.99 -20.64
C TYR A 413 -20.32 -50.80 -21.92
N ASN A 414 -19.67 -50.41 -23.02
CA ASN A 414 -19.89 -51.11 -24.30
C ASN A 414 -19.05 -52.38 -24.52
N SER A 415 -18.18 -52.69 -23.56
CA SER A 415 -17.26 -53.81 -23.68
C SER A 415 -17.94 -55.16 -24.02
N PRO A 416 -17.22 -56.04 -24.75
CA PRO A 416 -17.70 -57.41 -24.91
C PRO A 416 -18.03 -58.00 -23.54
N HIS A 417 -17.21 -57.71 -22.54
CA HIS A 417 -17.41 -58.25 -21.19
C HIS A 417 -18.74 -57.83 -20.57
N ASN A 418 -19.21 -56.64 -20.90
CA ASN A 418 -20.51 -56.19 -20.41
C ASN A 418 -21.69 -56.91 -21.07
N LYS A 419 -21.60 -57.03 -22.38
CA LYS A 419 -22.68 -57.58 -23.17
C LYS A 419 -22.77 -59.10 -22.95
N ASN A 420 -21.64 -59.73 -22.70
CA ASN A 420 -21.56 -61.19 -22.74
C ASN A 420 -21.32 -61.86 -21.39
N PHE A 421 -21.01 -61.10 -20.37
CA PHE A 421 -20.81 -61.74 -19.09
C PHE A 421 -21.42 -60.92 -17.97
N PHE A 422 -20.86 -59.72 -17.77
CA PHE A 422 -21.19 -58.91 -16.62
C PHE A 422 -22.68 -58.72 -16.39
N LYS A 423 -23.38 -58.25 -17.41
CA LYS A 423 -24.80 -57.94 -17.28
C LYS A 423 -25.71 -59.17 -17.40
N ARG A 424 -25.11 -60.31 -17.71
CA ARG A 424 -25.87 -61.54 -18.00
C ARG A 424 -26.03 -62.49 -16.78
N THR A 425 -26.90 -63.47 -16.90
CA THR A 425 -27.18 -64.34 -15.78
C THR A 425 -25.95 -65.11 -15.38
N ILE A 426 -25.18 -65.61 -16.35
CA ILE A 426 -24.04 -66.46 -16.08
C ILE A 426 -23.05 -65.89 -15.02
N ALA A 427 -23.08 -64.57 -14.85
CA ALA A 427 -22.17 -63.88 -13.93
C ALA A 427 -22.62 -63.97 -12.47
N HIS A 428 -23.79 -64.55 -12.24
CA HIS A 428 -24.50 -64.45 -10.97
C HIS A 428 -24.82 -65.81 -10.38
N ASN A 429 -24.99 -65.84 -9.07
CA ASN A 429 -25.38 -67.02 -8.35
C ASN A 429 -26.85 -67.31 -8.56
N SER A 430 -27.21 -67.71 -9.78
CA SER A 430 -28.58 -67.95 -10.18
C SER A 430 -28.69 -69.25 -10.99
N LEU A 431 -29.61 -69.31 -11.95
CA LEU A 431 -29.92 -70.54 -12.61
C LEU A 431 -29.81 -70.42 -14.13
N LEU A 432 -29.20 -71.40 -14.78
CA LEU A 432 -29.12 -71.40 -16.23
C LEU A 432 -29.89 -72.57 -16.80
N ILE A 433 -30.49 -72.35 -17.97
CA ILE A 433 -31.20 -73.38 -18.68
C ILE A 433 -30.84 -73.19 -20.17
N TYR A 434 -30.01 -74.10 -20.69
CA TYR A 434 -29.38 -73.88 -21.97
C TYR A 434 -30.15 -74.43 -23.18
N ASP A 435 -30.72 -73.52 -23.96
CA ASP A 435 -31.33 -73.84 -25.24
C ASP A 435 -30.34 -73.49 -26.36
N PRO A 436 -29.83 -74.51 -27.06
CA PRO A 436 -28.78 -74.25 -28.07
C PRO A 436 -29.24 -73.34 -29.20
N LYS A 437 -30.54 -73.07 -29.30
CA LYS A 437 -31.13 -72.41 -30.46
C LYS A 437 -31.71 -71.06 -30.08
N GLU A 438 -31.49 -70.65 -28.84
CA GLU A 438 -31.95 -69.35 -28.39
C GLU A 438 -31.03 -68.26 -28.93
N THR A 439 -31.60 -67.11 -29.24
CA THR A 439 -30.84 -65.95 -29.68
C THR A 439 -31.19 -64.81 -28.75
N PHE A 440 -30.31 -63.81 -28.68
CA PHE A 440 -30.46 -62.73 -27.71
C PHE A 440 -30.29 -61.43 -28.46
N SER A 441 -31.39 -60.74 -28.76
CA SER A 441 -31.28 -59.53 -29.59
C SER A 441 -30.69 -58.35 -28.81
N SER A 442 -29.60 -57.76 -29.29
CA SER A 442 -28.90 -56.69 -28.58
C SER A 442 -28.68 -55.42 -29.37
N SER A 443 -29.29 -55.31 -30.55
CA SER A 443 -28.98 -54.21 -31.46
C SER A 443 -29.05 -52.82 -30.83
N GLY A 444 -29.83 -52.64 -29.78
CA GLY A 444 -29.95 -51.31 -29.17
C GLY A 444 -29.05 -51.03 -27.97
N TYR A 445 -28.32 -52.03 -27.50
CA TYR A 445 -27.47 -51.85 -26.34
C TYR A 445 -26.30 -50.87 -26.56
N GLY A 446 -26.07 -50.02 -25.57
CA GLY A 446 -24.87 -49.20 -25.50
C GLY A 446 -24.84 -48.08 -26.51
N GLY A 447 -23.72 -47.35 -26.54
CA GLY A 447 -23.57 -46.23 -27.46
C GLY A 447 -22.45 -46.33 -28.47
N SER A 448 -21.75 -47.46 -28.43
CA SER A 448 -20.60 -47.73 -29.28
C SER A 448 -20.50 -49.22 -29.49
N ASP A 449 -19.95 -49.64 -30.62
CA ASP A 449 -19.65 -51.04 -30.91
C ASP A 449 -20.93 -51.87 -30.85
N HIS A 450 -21.91 -51.54 -31.68
CA HIS A 450 -23.21 -52.21 -31.65
C HIS A 450 -23.17 -53.60 -32.30
N THR A 451 -23.87 -54.54 -31.66
CA THR A 451 -24.05 -55.90 -32.17
C THR A 451 -25.53 -56.27 -32.26
N ASP A 452 -25.91 -56.96 -33.35
CA ASP A 452 -27.28 -57.44 -33.47
C ASP A 452 -27.61 -58.45 -32.38
N PHE A 453 -26.63 -59.28 -32.01
CA PHE A 453 -26.84 -60.34 -31.01
C PHE A 453 -25.68 -60.37 -30.03
N ALA A 454 -25.92 -60.90 -28.84
CA ALA A 454 -24.89 -61.15 -27.85
C ALA A 454 -24.82 -62.65 -27.62
N ALA A 455 -23.85 -63.09 -26.81
CA ALA A 455 -23.64 -64.52 -26.58
C ALA A 455 -24.85 -65.17 -25.94
N ASN A 456 -24.93 -66.50 -26.09
CA ASN A 456 -25.91 -67.34 -25.40
C ASN A 456 -25.26 -67.84 -24.11
N ASP A 457 -25.68 -67.32 -22.97
CA ASP A 457 -25.13 -67.75 -21.67
C ASP A 457 -26.07 -68.73 -20.98
N GLY A 458 -27.11 -69.13 -21.71
CA GLY A 458 -28.16 -69.97 -21.13
C GLY A 458 -28.93 -69.26 -20.02
N GLY A 459 -28.85 -67.93 -20.01
CA GLY A 459 -29.46 -67.14 -18.94
C GLY A 459 -30.83 -66.59 -19.28
N GLN A 460 -31.11 -65.41 -18.72
CA GLN A 460 -32.42 -64.75 -18.84
C GLN A 460 -32.48 -63.92 -20.11
N ARG A 461 -33.67 -63.59 -20.57
CA ARG A 461 -33.83 -62.87 -21.84
C ARG A 461 -33.20 -61.50 -21.76
N LEU A 462 -32.99 -60.92 -22.94
CA LEU A 462 -32.64 -59.52 -23.00
C LEU A 462 -33.91 -58.77 -23.45
N PRO A 463 -34.62 -58.16 -22.50
CA PRO A 463 -35.92 -57.57 -22.81
C PRO A 463 -35.76 -56.32 -23.67
N GLY A 464 -36.87 -55.73 -24.13
CA GLY A 464 -36.76 -54.46 -24.80
C GLY A 464 -36.54 -54.65 -26.29
N LYS A 465 -36.47 -53.53 -27.01
CA LYS A 465 -36.26 -53.60 -28.49
C LYS A 465 -34.75 -53.73 -28.81
N GLY A 466 -34.21 -54.93 -28.61
CA GLY A 466 -32.77 -55.13 -28.74
C GLY A 466 -31.98 -54.68 -27.52
N TRP A 467 -32.54 -54.91 -26.35
CA TRP A 467 -31.86 -54.69 -25.07
C TRP A 467 -31.67 -53.20 -24.75
N ILE A 468 -32.66 -52.37 -25.09
CA ILE A 468 -32.73 -51.00 -24.60
C ILE A 468 -33.89 -50.86 -23.64
N ALA A 469 -33.74 -49.87 -22.76
CA ALA A 469 -34.78 -49.52 -21.82
C ALA A 469 -35.95 -48.89 -22.57
N PRO A 470 -37.14 -48.99 -21.98
CA PRO A 470 -38.31 -48.35 -22.58
C PRO A 470 -38.26 -46.85 -22.27
N ARG A 471 -39.00 -46.07 -23.03
CA ARG A 471 -39.04 -44.63 -22.81
C ARG A 471 -39.49 -44.33 -21.40
N ASP A 472 -40.60 -44.92 -20.96
CA ASP A 472 -41.17 -44.65 -19.63
C ASP A 472 -41.99 -45.80 -19.03
N LEU A 473 -42.61 -45.53 -17.88
CA LEU A 473 -43.43 -46.55 -17.20
C LEU A 473 -44.52 -47.14 -18.08
N LYS A 474 -45.26 -46.29 -18.79
CA LYS A 474 -46.31 -46.81 -19.66
C LYS A 474 -45.72 -47.84 -20.62
N GLU A 475 -44.56 -47.54 -21.19
CA GLU A 475 -44.01 -48.34 -22.28
C GLU A 475 -43.46 -49.63 -21.71
N MET A 476 -42.92 -49.48 -20.50
CA MET A 476 -42.37 -50.57 -19.72
C MET A 476 -43.43 -51.61 -19.49
N LEU A 477 -44.59 -51.19 -18.97
CA LEU A 477 -45.62 -52.10 -18.53
C LEU A 477 -46.30 -52.78 -19.69
N ALA A 478 -46.36 -52.10 -20.84
CA ALA A 478 -46.94 -52.70 -22.04
C ALA A 478 -45.99 -53.65 -22.75
N GLY A 479 -44.73 -53.70 -22.31
CA GLY A 479 -43.72 -54.47 -23.01
C GLY A 479 -43.36 -55.80 -22.38
N ASP A 480 -42.08 -56.12 -22.40
CA ASP A 480 -41.65 -57.45 -22.03
C ASP A 480 -40.59 -57.38 -20.95
N PHE A 481 -40.84 -56.50 -19.97
CA PHE A 481 -39.84 -56.20 -18.97
C PHE A 481 -40.17 -56.85 -17.63
N ARG A 482 -41.34 -57.47 -17.57
CA ARG A 482 -41.68 -58.30 -16.42
C ARG A 482 -40.77 -59.54 -16.31
N THR A 483 -40.17 -59.76 -15.15
CA THR A 483 -39.19 -60.83 -14.98
C THR A 483 -39.48 -61.82 -13.86
N GLY A 484 -40.50 -61.54 -13.06
CA GLY A 484 -40.83 -62.43 -11.97
C GLY A 484 -41.96 -61.92 -11.11
N LYS A 485 -42.26 -62.72 -10.09
CA LYS A 485 -43.34 -62.47 -9.16
C LYS A 485 -42.89 -62.90 -7.77
N ILE A 486 -43.03 -62.00 -6.81
CA ILE A 486 -42.84 -62.38 -5.45
C ILE A 486 -43.99 -63.27 -5.00
N LEU A 487 -43.65 -64.46 -4.51
CA LEU A 487 -44.65 -65.38 -4.00
C LEU A 487 -44.85 -65.32 -2.48
N ALA A 488 -43.78 -65.08 -1.73
CA ALA A 488 -43.86 -65.16 -0.26
C ALA A 488 -42.64 -64.51 0.37
N GLN A 489 -42.78 -63.92 1.53
CA GLN A 489 -41.62 -63.31 2.17
C GLN A 489 -41.84 -63.03 3.67
N GLY A 490 -40.76 -62.99 4.45
CA GLY A 490 -40.83 -62.56 5.83
C GLY A 490 -39.54 -62.81 6.59
N PHE A 491 -39.46 -62.26 7.80
CA PHE A 491 -38.39 -62.59 8.72
C PHE A 491 -38.98 -62.47 10.12
N GLY A 492 -38.40 -63.19 11.09
CA GLY A 492 -38.91 -63.29 12.45
C GLY A 492 -38.13 -64.32 13.24
N PRO A 493 -38.67 -64.75 14.37
CA PRO A 493 -39.95 -64.28 14.87
C PRO A 493 -39.86 -62.89 15.50
N ASP A 494 -38.65 -62.46 15.84
CA ASP A 494 -38.45 -61.15 16.39
C ASP A 494 -38.09 -60.18 15.27
N ASN A 495 -38.62 -58.96 15.33
CA ASN A 495 -38.40 -57.99 14.26
C ASN A 495 -36.98 -57.40 14.20
N GLN A 496 -36.33 -57.30 15.35
CA GLN A 496 -35.04 -56.65 15.44
C GLN A 496 -33.86 -57.57 15.10
N THR A 497 -33.93 -58.80 15.55
CA THR A 497 -32.87 -59.75 15.38
C THR A 497 -33.52 -61.05 14.89
N PRO A 498 -34.06 -61.05 13.64
CA PRO A 498 -34.81 -62.22 13.15
C PRO A 498 -33.96 -63.48 13.03
N ASP A 499 -34.50 -64.62 13.46
CA ASP A 499 -33.74 -65.86 13.44
C ASP A 499 -33.59 -66.34 12.00
N TYR A 500 -34.58 -66.01 11.19
CA TYR A 500 -34.56 -66.40 9.81
C TYR A 500 -35.01 -65.20 9.01
N THR A 501 -34.66 -65.23 7.72
CA THR A 501 -35.13 -64.28 6.71
C THR A 501 -35.54 -65.10 5.49
N TYR A 502 -36.76 -64.89 5.04
CA TYR A 502 -37.34 -65.78 4.04
C TYR A 502 -37.77 -65.02 2.77
N LEU A 503 -37.56 -65.62 1.59
CA LEU A 503 -38.01 -65.01 0.34
C LEU A 503 -38.24 -66.07 -0.74
N LYS A 504 -39.29 -65.89 -1.53
CA LYS A 504 -39.60 -66.83 -2.59
C LYS A 504 -40.16 -66.15 -3.83
N GLY A 505 -39.62 -66.50 -4.99
CA GLY A 505 -40.08 -65.83 -6.20
C GLY A 505 -40.23 -66.79 -7.36
N ASP A 506 -41.26 -66.56 -8.18
CA ASP A 506 -41.39 -67.24 -9.49
C ASP A 506 -40.69 -66.34 -10.50
N ILE A 507 -39.57 -66.81 -11.03
CA ILE A 507 -38.79 -66.02 -11.97
C ILE A 507 -38.92 -66.51 -13.41
N THR A 508 -39.88 -67.39 -13.65
CA THR A 508 -40.12 -67.91 -14.99
C THR A 508 -40.10 -66.85 -16.11
N ALA A 509 -40.74 -65.71 -15.90
CA ALA A 509 -40.79 -64.71 -16.96
C ALA A 509 -39.41 -64.12 -17.31
N ALA A 510 -38.44 -64.23 -16.40
CA ALA A 510 -37.08 -63.80 -16.78
C ALA A 510 -36.51 -64.57 -17.99
N TYR A 511 -37.02 -65.78 -18.24
CA TYR A 511 -36.46 -66.65 -19.27
C TYR A 511 -37.37 -66.76 -20.49
N SER A 512 -36.84 -67.39 -21.55
CA SER A 512 -37.60 -67.57 -22.78
C SER A 512 -38.58 -68.73 -22.62
N ALA A 513 -39.28 -69.09 -23.70
CA ALA A 513 -40.23 -70.19 -23.65
C ALA A 513 -39.53 -71.54 -23.36
N LYS A 514 -38.20 -71.53 -23.31
CA LYS A 514 -37.40 -72.70 -22.94
C LYS A 514 -37.74 -73.29 -21.57
N VAL A 515 -38.34 -72.49 -20.68
CA VAL A 515 -38.83 -73.03 -19.42
C VAL A 515 -40.36 -72.87 -19.26
N LYS A 516 -40.95 -73.83 -18.57
CA LYS A 516 -42.36 -73.77 -18.18
C LYS A 516 -42.54 -73.17 -16.78
N GLU A 517 -41.59 -73.42 -15.87
CA GLU A 517 -41.65 -72.87 -14.51
C GLU A 517 -40.29 -72.78 -13.81
N VAL A 518 -39.97 -71.61 -13.26
CA VAL A 518 -38.74 -71.43 -12.51
C VAL A 518 -39.04 -70.77 -11.16
N LYS A 519 -38.65 -71.43 -10.07
CA LYS A 519 -38.91 -70.90 -8.74
C LYS A 519 -37.70 -71.02 -7.83
N ARG A 520 -37.53 -70.02 -6.98
CA ARG A 520 -36.42 -70.03 -6.04
C ARG A 520 -36.90 -69.53 -4.70
N SER A 521 -36.54 -70.28 -3.66
CA SER A 521 -36.88 -69.97 -2.30
C SER A 521 -35.58 -69.83 -1.50
N PHE A 522 -35.35 -68.66 -0.92
CA PHE A 522 -34.13 -68.47 -0.17
C PHE A 522 -34.56 -68.56 1.28
N LEU A 523 -33.78 -69.21 2.14
CA LEU A 523 -34.02 -69.10 3.56
C LEU A 523 -32.70 -68.88 4.32
N PHE A 524 -32.49 -67.65 4.78
CA PHE A 524 -31.28 -67.27 5.49
C PHE A 524 -31.56 -67.44 6.96
N LEU A 525 -30.65 -68.09 7.67
CA LEU A 525 -30.77 -68.24 9.11
C LEU A 525 -29.69 -67.44 9.81
N ASN A 526 -30.08 -66.65 10.80
CA ASN A 526 -29.09 -66.04 11.69
C ASN A 526 -28.89 -67.01 12.88
N LEU A 527 -27.87 -67.86 12.81
CA LEU A 527 -27.67 -68.89 13.85
C LEU A 527 -27.26 -68.37 15.23
N LYS A 528 -27.25 -67.05 15.43
CA LYS A 528 -27.00 -66.43 16.72
C LYS A 528 -25.85 -67.07 17.49
N ASP A 529 -24.70 -67.24 16.83
CA ASP A 529 -23.56 -67.98 17.38
C ASP A 529 -22.25 -67.59 16.72
N ALA A 530 -21.27 -67.22 17.53
CA ALA A 530 -19.98 -66.71 17.04
C ALA A 530 -19.24 -67.70 16.13
N LYS A 531 -19.20 -68.97 16.51
CA LYS A 531 -18.38 -69.94 15.80
C LYS A 531 -18.87 -70.17 14.38
N VAL A 532 -20.17 -70.28 14.19
CA VAL A 532 -20.75 -70.42 12.85
C VAL A 532 -21.98 -69.52 12.78
N PRO A 533 -21.81 -68.27 12.36
CA PRO A 533 -22.86 -67.28 12.56
C PRO A 533 -24.04 -67.27 11.59
N ALA A 534 -23.93 -67.90 10.42
CA ALA A 534 -25.10 -67.86 9.52
C ALA A 534 -25.16 -69.00 8.53
N ALA A 535 -26.35 -69.22 7.99
CA ALA A 535 -26.50 -70.15 6.89
C ALA A 535 -27.53 -69.61 5.89
N MET A 536 -27.58 -70.21 4.71
CA MET A 536 -28.61 -69.86 3.75
C MET A 536 -29.03 -71.15 3.02
N ILE A 537 -30.31 -71.46 3.04
CA ILE A 537 -30.84 -72.61 2.31
C ILE A 537 -31.48 -72.05 1.03
N VAL A 538 -31.13 -72.63 -0.12
CA VAL A 538 -31.76 -72.26 -1.38
C VAL A 538 -32.34 -73.51 -2.00
N PHE A 539 -33.61 -73.42 -2.39
CA PHE A 539 -34.39 -74.52 -2.95
C PHE A 539 -35.07 -74.12 -4.27
N ASP A 540 -34.73 -74.79 -5.37
CA ASP A 540 -35.14 -74.32 -6.68
C ASP A 540 -35.96 -75.36 -7.39
N LYS A 541 -36.92 -74.90 -8.20
CA LYS A 541 -37.68 -75.77 -9.11
C LYS A 541 -37.52 -75.31 -10.57
N VAL A 542 -37.03 -76.21 -11.43
CA VAL A 542 -36.82 -75.84 -12.83
C VAL A 542 -37.48 -76.85 -13.76
N VAL A 543 -38.42 -76.37 -14.57
CA VAL A 543 -39.12 -77.25 -15.50
C VAL A 543 -38.87 -76.70 -16.90
N ALA A 544 -38.23 -77.50 -17.74
CA ALA A 544 -37.83 -77.05 -19.06
C ALA A 544 -38.77 -77.54 -20.14
N SER A 545 -38.86 -76.80 -21.23
CA SER A 545 -39.72 -77.19 -22.36
C SER A 545 -39.18 -78.39 -23.08
N ASN A 546 -37.94 -78.74 -22.75
CA ASN A 546 -37.23 -79.83 -23.40
C ASN A 546 -36.23 -80.40 -22.42
N PRO A 547 -36.37 -81.69 -22.06
CA PRO A 547 -35.44 -82.28 -21.10
C PRO A 547 -33.96 -82.07 -21.46
N ASP A 548 -33.65 -82.00 -22.76
CA ASP A 548 -32.26 -81.91 -23.21
C ASP A 548 -31.64 -80.52 -23.07
N PHE A 549 -32.39 -79.58 -22.53
CA PHE A 549 -31.85 -78.27 -22.26
C PHE A 549 -31.11 -78.39 -20.93
N LYS A 550 -29.78 -78.28 -20.99
CA LYS A 550 -28.90 -78.46 -19.84
C LYS A 550 -29.18 -77.44 -18.72
N LYS A 551 -29.46 -77.92 -17.51
CA LYS A 551 -29.64 -77.00 -16.38
C LYS A 551 -28.36 -76.78 -15.57
N PHE A 552 -28.16 -75.55 -15.11
CA PHE A 552 -27.00 -75.20 -14.27
C PHE A 552 -27.42 -74.43 -13.02
N TRP A 553 -26.76 -74.74 -11.91
CA TRP A 553 -26.83 -73.94 -10.68
C TRP A 553 -25.40 -73.40 -10.48
N LEU A 554 -25.27 -72.13 -10.13
CA LEU A 554 -23.94 -71.52 -10.11
C LEU A 554 -23.58 -70.90 -8.76
N LEU A 555 -22.32 -71.04 -8.37
CA LEU A 555 -21.79 -70.37 -7.18
C LEU A 555 -20.40 -69.77 -7.50
N HIS A 556 -20.33 -68.44 -7.60
CA HIS A 556 -19.10 -67.72 -7.96
C HIS A 556 -18.17 -67.43 -6.77
N SER A 557 -16.86 -67.50 -7.01
CA SER A 557 -15.92 -67.12 -5.96
C SER A 557 -14.70 -66.37 -6.46
N ILE A 558 -13.98 -65.75 -5.53
CA ILE A 558 -12.72 -65.11 -5.86
C ILE A 558 -11.65 -66.19 -6.00
N GLU A 559 -11.44 -66.96 -4.92
CA GLU A 559 -10.39 -67.99 -4.95
C GLU A 559 -10.91 -69.34 -5.42
N GLN A 560 -10.03 -70.30 -5.68
CA GLN A 560 -10.47 -71.62 -6.16
C GLN A 560 -11.27 -72.41 -5.10
N PRO A 561 -12.45 -72.92 -5.46
CA PRO A 561 -13.24 -73.73 -4.55
C PRO A 561 -12.67 -75.15 -4.46
N GLU A 562 -12.80 -75.80 -3.29
CA GLU A 562 -12.48 -77.21 -3.17
C GLU A 562 -13.80 -77.99 -3.19
N ILE A 563 -13.84 -79.03 -4.00
CA ILE A 563 -15.03 -79.87 -4.15
C ILE A 563 -14.70 -81.27 -3.64
N LYS A 564 -15.41 -81.69 -2.60
CA LYS A 564 -15.19 -83.00 -1.98
C LYS A 564 -16.53 -83.71 -1.79
N GLY A 565 -16.89 -84.60 -2.71
CA GLY A 565 -18.21 -85.22 -2.69
C GLY A 565 -19.30 -84.19 -2.88
N ASN A 566 -20.24 -84.13 -1.93
CA ASN A 566 -21.36 -83.20 -1.95
C ASN A 566 -21.02 -81.88 -1.25
N GLN A 567 -19.74 -81.65 -0.97
CA GLN A 567 -19.36 -80.48 -0.22
C GLN A 567 -18.45 -79.50 -0.97
N ILE A 568 -18.84 -78.23 -0.97
CA ILE A 568 -18.09 -77.17 -1.64
C ILE A 568 -17.52 -76.17 -0.64
N THR A 569 -16.20 -76.00 -0.61
CA THR A 569 -15.54 -75.14 0.37
C THR A 569 -14.82 -73.97 -0.27
N ILE A 570 -15.31 -72.76 -0.01
CA ILE A 570 -14.73 -71.55 -0.59
C ILE A 570 -14.12 -70.69 0.50
N LYS A 571 -12.89 -70.23 0.31
CA LYS A 571 -12.19 -69.43 1.31
C LYS A 571 -11.68 -68.09 0.80
N ARG A 572 -11.52 -67.11 1.71
CA ARG A 572 -10.76 -65.89 1.42
C ARG A 572 -9.48 -65.93 2.25
N THR A 573 -8.33 -65.72 1.60
CA THR A 573 -7.04 -65.82 2.29
C THR A 573 -6.15 -64.61 2.03
N LYS A 574 -6.76 -63.61 1.39
CA LYS A 574 -6.03 -62.48 0.87
C LYS A 574 -6.70 -61.15 1.20
N ASN A 575 -5.89 -60.09 1.23
CA ASN A 575 -6.40 -58.74 1.51
C ASN A 575 -6.90 -58.58 2.95
N GLY A 576 -6.52 -59.50 3.83
CA GLY A 576 -6.98 -59.43 5.21
C GLY A 576 -8.35 -60.01 5.51
N ASP A 577 -9.09 -60.44 4.49
CA ASP A 577 -10.34 -61.20 4.59
C ASP A 577 -9.99 -62.61 5.04
N SER A 578 -10.91 -63.29 5.71
CA SER A 578 -10.69 -64.69 6.09
C SER A 578 -11.99 -65.43 6.30
N GLY A 579 -13.00 -65.11 5.50
CA GLY A 579 -14.29 -65.76 5.63
C GLY A 579 -14.26 -67.14 5.02
N MET A 580 -15.35 -67.88 5.22
CA MET A 580 -15.45 -69.20 4.62
C MET A 580 -16.89 -69.57 4.33
N LEU A 581 -17.12 -70.01 3.09
CA LEU A 581 -18.42 -70.53 2.75
C LEU A 581 -18.32 -72.03 2.44
N VAL A 582 -19.21 -72.82 3.01
CA VAL A 582 -19.24 -74.26 2.73
C VAL A 582 -20.65 -74.66 2.31
N ASN A 583 -20.79 -75.18 1.09
CA ASN A 583 -22.11 -75.57 0.60
C ASN A 583 -22.28 -77.08 0.67
N THR A 584 -23.37 -77.52 1.29
CA THR A 584 -23.75 -78.94 1.22
C THR A 584 -24.78 -79.19 0.13
N ALA A 585 -24.41 -79.91 -0.92
CA ALA A 585 -25.36 -80.24 -1.98
C ALA A 585 -26.28 -81.39 -1.57
N LEU A 586 -27.56 -81.12 -1.30
CA LEU A 586 -28.51 -82.17 -0.90
C LEU A 586 -29.31 -82.66 -2.10
N LEU A 587 -29.80 -81.73 -2.91
CA LEU A 587 -30.49 -82.12 -4.14
C LEU A 587 -29.91 -81.34 -5.32
N PRO A 588 -29.65 -82.03 -6.43
CA PRO A 588 -29.84 -83.47 -6.56
C PRO A 588 -28.86 -84.28 -5.70
N ASP A 589 -29.24 -85.49 -5.27
CA ASP A 589 -28.37 -86.27 -4.39
C ASP A 589 -27.15 -86.77 -5.15
N ALA A 590 -26.18 -87.29 -4.40
CA ALA A 590 -24.89 -87.67 -4.94
C ALA A 590 -24.95 -88.48 -6.24
N ALA A 591 -25.94 -89.36 -6.40
CA ALA A 591 -26.00 -90.21 -7.59
C ALA A 591 -26.48 -89.48 -8.85
N ASN A 592 -27.14 -88.34 -8.71
CA ASN A 592 -27.63 -87.59 -9.88
C ASN A 592 -26.98 -86.22 -10.06
N SER A 593 -25.94 -85.97 -9.26
CA SER A 593 -25.27 -84.67 -9.17
C SER A 593 -23.84 -84.61 -9.75
N ASN A 594 -23.63 -83.67 -10.66
CA ASN A 594 -22.29 -83.31 -11.15
C ASN A 594 -21.86 -81.94 -10.60
N ILE A 595 -20.84 -81.96 -9.75
CA ILE A 595 -20.29 -80.72 -9.20
C ILE A 595 -18.92 -80.50 -9.87
N THR A 596 -18.74 -79.29 -10.39
CA THR A 596 -17.62 -78.95 -11.27
C THR A 596 -17.22 -77.50 -11.08
N SER A 597 -15.92 -77.22 -11.03
CA SER A 597 -15.46 -75.83 -10.99
C SER A 597 -14.84 -75.42 -12.32
N ILE A 598 -14.96 -74.13 -12.62
CA ILE A 598 -14.44 -73.57 -13.85
C ILE A 598 -13.85 -72.26 -13.44
N GLY A 599 -12.63 -72.02 -13.87
CA GLY A 599 -11.95 -70.77 -13.54
C GLY A 599 -10.46 -70.84 -13.67
N GLY A 600 -9.80 -69.85 -13.08
CA GLY A 600 -8.38 -69.65 -13.32
C GLY A 600 -8.19 -68.84 -14.60
N LYS A 601 -6.95 -68.39 -14.82
CA LYS A 601 -6.60 -67.54 -15.96
C LYS A 601 -7.16 -68.16 -17.26
N GLY A 602 -7.97 -67.41 -18.01
CA GLY A 602 -8.55 -67.88 -19.27
C GLY A 602 -9.98 -68.37 -19.15
N LYS A 603 -10.41 -68.60 -17.91
CA LYS A 603 -11.67 -69.28 -17.66
C LYS A 603 -12.49 -68.52 -16.61
N ASP A 604 -12.06 -67.31 -16.27
CA ASP A 604 -12.77 -66.54 -15.24
C ASP A 604 -14.08 -65.90 -15.75
N PHE A 605 -14.17 -65.62 -17.04
CA PHE A 605 -15.40 -65.06 -17.56
C PHE A 605 -15.87 -65.93 -18.71
N TRP A 606 -15.85 -67.23 -18.46
CA TRP A 606 -16.12 -68.26 -19.45
C TRP A 606 -17.62 -68.41 -19.75
N VAL A 607 -17.98 -68.36 -21.03
CA VAL A 607 -19.36 -68.53 -21.47
C VAL A 607 -19.37 -69.49 -22.66
N PHE A 608 -19.58 -70.76 -22.35
CA PHE A 608 -19.70 -71.83 -23.36
C PHE A 608 -18.78 -71.69 -24.58
N GLY A 609 -17.48 -71.82 -24.37
CA GLY A 609 -16.54 -71.87 -25.48
C GLY A 609 -15.78 -70.58 -25.75
N THR A 610 -16.09 -69.52 -25.00
CA THR A 610 -15.44 -68.21 -25.19
C THR A 610 -15.24 -67.48 -23.87
N ASN A 611 -14.03 -66.94 -23.67
CA ASN A 611 -13.74 -66.26 -22.42
C ASN A 611 -13.69 -64.75 -22.61
N TYR A 612 -14.55 -64.06 -21.88
CA TYR A 612 -14.72 -62.64 -22.08
C TYR A 612 -13.80 -61.85 -21.16
N THR A 613 -12.50 -61.97 -21.46
CA THR A 613 -11.43 -61.37 -20.66
C THR A 613 -11.77 -59.97 -20.15
N ASN A 614 -11.55 -59.79 -18.85
CA ASN A 614 -11.58 -58.43 -18.29
C ASN A 614 -10.61 -58.30 -17.13
N ASP A 615 -9.35 -58.04 -17.47
CA ASP A 615 -8.33 -57.81 -16.45
C ASP A 615 -8.38 -56.35 -15.97
N PRO A 616 -8.06 -56.14 -14.69
CA PRO A 616 -8.14 -54.80 -14.15
C PRO A 616 -7.08 -53.89 -14.75
N LYS A 617 -7.36 -52.60 -14.77
CA LYS A 617 -6.31 -51.62 -15.03
C LYS A 617 -5.34 -51.79 -13.88
N PRO A 618 -4.04 -51.72 -14.19
CA PRO A 618 -3.01 -51.92 -13.18
C PRO A 618 -3.32 -51.21 -11.88
N GLY A 619 -3.12 -51.90 -10.75
CA GLY A 619 -3.30 -51.33 -9.42
C GLY A 619 -4.73 -51.18 -8.91
N THR A 620 -5.70 -51.58 -9.71
CA THR A 620 -7.09 -51.45 -9.32
C THR A 620 -7.69 -52.82 -9.00
N ASP A 621 -8.86 -52.83 -8.36
CA ASP A 621 -9.47 -54.07 -7.89
C ASP A 621 -8.40 -54.97 -7.26
N GLU A 622 -7.68 -54.46 -6.27
CA GLU A 622 -6.58 -55.23 -5.67
C GLU A 622 -6.99 -56.55 -4.99
N ALA A 623 -8.24 -56.70 -4.61
CA ALA A 623 -8.72 -57.95 -4.00
C ALA A 623 -9.41 -58.89 -5.03
N LEU A 624 -9.40 -58.50 -6.29
CA LEU A 624 -9.93 -59.29 -7.40
C LEU A 624 -11.41 -59.71 -7.25
N GLU A 625 -12.22 -58.85 -6.66
CA GLU A 625 -13.62 -59.16 -6.42
C GLU A 625 -14.42 -59.36 -7.71
N ARG A 626 -13.76 -59.24 -8.87
CA ARG A 626 -14.45 -59.54 -10.14
C ARG A 626 -14.45 -61.06 -10.28
N GLY A 627 -13.74 -61.71 -9.36
CA GLY A 627 -13.74 -63.16 -9.22
C GLY A 627 -12.95 -63.89 -10.28
N GLU A 628 -12.68 -65.16 -10.05
CA GLU A 628 -11.82 -65.94 -10.94
C GLU A 628 -12.34 -67.38 -11.14
N TRP A 629 -13.38 -67.75 -10.39
CA TRP A 629 -13.85 -69.13 -10.34
C TRP A 629 -15.34 -69.20 -10.07
N ARG A 630 -15.99 -70.23 -10.57
CA ARG A 630 -17.39 -70.51 -10.28
C ARG A 630 -17.59 -72.01 -10.11
N VAL A 631 -18.58 -72.42 -9.33
CA VAL A 631 -18.97 -73.84 -9.23
C VAL A 631 -20.25 -74.11 -10.01
N GLU A 632 -20.26 -75.16 -10.84
CA GLU A 632 -21.44 -75.52 -11.58
C GLU A 632 -22.04 -76.84 -11.07
N ILE A 633 -23.32 -76.84 -10.73
CA ILE A 633 -24.00 -78.10 -10.38
C ILE A 633 -25.03 -78.44 -11.44
N THR A 634 -24.84 -79.57 -12.10
CA THR A 634 -25.78 -80.06 -13.12
C THR A 634 -26.27 -81.48 -12.83
N PRO A 635 -27.52 -81.77 -13.24
CA PRO A 635 -28.02 -83.14 -13.19
C PRO A 635 -27.29 -84.05 -14.20
N LYS A 636 -26.97 -85.27 -13.77
CA LYS A 636 -26.41 -86.26 -14.70
C LYS A 636 -27.49 -86.70 -15.67
N LYS A 637 -28.71 -86.86 -15.14
CA LYS A 637 -29.82 -87.43 -15.91
C LYS A 637 -30.67 -86.32 -16.51
N ALA A 638 -30.84 -86.38 -17.83
CA ALA A 638 -31.69 -85.43 -18.55
C ALA A 638 -33.15 -85.63 -18.12
N ALA A 639 -33.79 -84.53 -17.77
CA ALA A 639 -35.19 -84.56 -17.32
C ALA A 639 -35.80 -83.19 -17.57
N ALA A 640 -37.11 -83.16 -17.83
CA ALA A 640 -37.83 -81.88 -17.87
C ALA A 640 -37.78 -81.15 -16.52
N GLU A 641 -38.03 -81.88 -15.43
CA GLU A 641 -38.12 -81.24 -14.13
C GLU A 641 -37.00 -81.68 -13.18
N ASP A 642 -36.28 -80.70 -12.67
CA ASP A 642 -35.24 -80.93 -11.66
C ASP A 642 -35.38 -79.99 -10.46
N TYR A 643 -34.95 -80.42 -9.27
CA TYR A 643 -34.94 -79.59 -8.08
C TYR A 643 -33.53 -79.43 -7.53
N TYR A 644 -33.13 -78.22 -7.16
CA TYR A 644 -31.84 -78.07 -6.48
C TYR A 644 -32.09 -77.72 -5.02
N LEU A 645 -31.39 -78.37 -4.09
CA LEU A 645 -31.46 -77.98 -2.69
C LEU A 645 -30.04 -77.91 -2.16
N ASN A 646 -29.61 -76.71 -1.80
CA ASN A 646 -28.26 -76.45 -1.31
C ASN A 646 -28.26 -75.69 0.01
N VAL A 647 -27.40 -76.11 0.94
CA VAL A 647 -27.37 -75.51 2.25
C VAL A 647 -26.00 -74.90 2.45
N ILE A 648 -25.93 -73.58 2.61
CA ILE A 648 -24.64 -72.88 2.80
C ILE A 648 -24.33 -72.56 4.27
N GLN A 649 -23.08 -72.73 4.69
CA GLN A 649 -22.69 -72.27 6.03
C GLN A 649 -21.54 -71.25 5.97
N ILE A 650 -21.63 -70.24 6.83
CA ILE A 650 -20.64 -69.17 6.90
C ILE A 650 -19.80 -69.25 8.21
N ALA A 651 -18.49 -69.05 8.08
CA ALA A 651 -17.58 -69.08 9.24
C ALA A 651 -16.16 -68.66 8.85
N ASP A 652 -15.32 -68.53 9.86
CA ASP A 652 -13.92 -68.18 9.66
C ASP A 652 -13.22 -69.31 8.93
N ASN A 653 -12.35 -68.97 7.97
CA ASN A 653 -11.61 -69.99 7.27
C ASN A 653 -10.67 -70.80 8.19
N THR A 654 -10.81 -70.58 9.50
CA THR A 654 -9.99 -71.31 10.49
C THR A 654 -10.91 -72.19 11.36
N GLN A 655 -12.18 -72.20 10.98
CA GLN A 655 -13.16 -73.00 11.71
C GLN A 655 -13.13 -74.47 11.29
N GLN A 656 -12.69 -75.34 12.20
CA GLN A 656 -12.60 -76.76 11.88
C GLN A 656 -13.98 -77.39 11.78
N LYS A 657 -14.70 -77.42 12.90
CA LYS A 657 -15.99 -78.11 12.97
C LYS A 657 -17.18 -77.21 12.69
N LEU A 658 -18.00 -77.61 11.71
CA LEU A 658 -19.22 -76.89 11.36
C LEU A 658 -20.40 -77.72 11.82
N HIS A 659 -21.60 -77.41 11.29
CA HIS A 659 -22.80 -78.18 11.64
C HIS A 659 -23.02 -79.30 10.63
N GLU A 660 -23.54 -80.43 11.10
CA GLU A 660 -23.94 -81.49 10.20
C GLU A 660 -25.33 -81.16 9.63
N VAL A 661 -25.48 -81.40 8.34
CA VAL A 661 -26.68 -81.04 7.60
C VAL A 661 -27.45 -82.30 7.24
N LYS A 662 -28.65 -82.47 7.79
CA LYS A 662 -29.48 -83.61 7.44
C LYS A 662 -30.59 -83.18 6.49
N ARG A 663 -30.84 -83.98 5.45
CA ARG A 663 -31.98 -83.71 4.57
C ARG A 663 -33.21 -84.33 5.25
N ILE A 664 -34.33 -83.62 5.16
CA ILE A 664 -35.57 -84.15 5.71
C ILE A 664 -36.52 -84.47 4.59
N ASP A 665 -36.99 -85.72 4.60
CA ASP A 665 -37.86 -86.22 3.55
C ASP A 665 -39.18 -86.73 4.12
N GLY A 666 -40.26 -86.06 3.73
CA GLY A 666 -41.55 -86.55 4.14
C GLY A 666 -42.39 -86.79 2.90
N ASP A 667 -43.66 -87.10 3.16
CA ASP A 667 -44.66 -87.08 2.10
C ASP A 667 -45.00 -85.59 2.01
N LYS A 668 -45.06 -85.08 0.78
CA LYS A 668 -45.49 -83.72 0.48
C LYS A 668 -44.42 -82.66 0.75
N VAL A 669 -43.45 -82.96 1.60
CA VAL A 669 -42.45 -81.94 1.93
C VAL A 669 -41.01 -82.45 1.86
N VAL A 670 -40.08 -81.50 1.79
CA VAL A 670 -38.64 -81.75 1.70
C VAL A 670 -38.04 -80.65 2.55
N GLY A 671 -37.00 -80.97 3.31
CA GLY A 671 -36.48 -79.96 4.23
C GLY A 671 -35.03 -80.09 4.64
N VAL A 672 -34.62 -79.25 5.58
CA VAL A 672 -33.25 -79.24 6.09
C VAL A 672 -33.23 -79.05 7.61
N GLN A 673 -32.47 -79.89 8.30
CA GLN A 673 -32.18 -79.69 9.72
C GLN A 673 -30.69 -79.43 9.88
N LEU A 674 -30.33 -78.33 10.54
CA LEU A 674 -28.94 -78.07 10.94
C LEU A 674 -28.93 -77.25 12.23
N ALA A 675 -27.98 -77.52 13.10
CA ALA A 675 -27.92 -76.88 14.41
C ALA A 675 -29.25 -77.12 15.11
N ASP A 676 -29.93 -76.04 15.50
CA ASP A 676 -31.25 -76.14 16.10
C ASP A 676 -32.37 -75.60 15.19
N ARG A 677 -32.09 -75.57 13.89
CA ARG A 677 -33.03 -75.04 12.91
C ARG A 677 -33.60 -76.15 12.05
N ILE A 678 -34.91 -76.11 11.85
CA ILE A 678 -35.59 -77.01 10.92
C ILE A 678 -36.35 -76.10 9.98
N VAL A 679 -36.28 -76.44 8.70
CA VAL A 679 -36.84 -75.62 7.63
C VAL A 679 -37.37 -76.63 6.64
N THR A 680 -38.60 -76.41 6.16
CA THR A 680 -39.25 -77.32 5.22
C THR A 680 -39.90 -76.57 4.07
N PHE A 681 -40.08 -77.22 2.93
CA PHE A 681 -40.66 -76.64 1.70
C PHE A 681 -41.60 -77.69 1.14
N SER A 682 -42.52 -77.27 0.29
CA SER A 682 -43.37 -78.21 -0.42
C SER A 682 -42.49 -79.00 -1.36
N LYS A 683 -42.66 -80.32 -1.40
CA LYS A 683 -41.85 -81.18 -2.26
C LYS A 683 -41.89 -80.77 -3.74
N THR A 684 -42.98 -80.14 -4.15
CA THR A 684 -43.14 -79.74 -5.54
C THR A 684 -42.93 -78.23 -5.67
N SER A 685 -42.63 -77.60 -4.52
CA SER A 685 -42.58 -76.14 -4.40
C SER A 685 -43.93 -75.46 -4.79
N GLU A 686 -45.06 -76.19 -4.72
CA GLU A 686 -46.39 -75.61 -4.81
C GLU A 686 -47.09 -75.66 -3.46
N THR A 687 -48.07 -74.77 -3.24
CA THR A 687 -48.90 -74.72 -2.02
C THR A 687 -49.34 -76.10 -1.53
N VAL A 688 -49.19 -76.31 -0.22
CA VAL A 688 -49.63 -77.53 0.43
C VAL A 688 -50.98 -77.27 1.09
N ASP A 689 -51.97 -78.09 0.75
CA ASP A 689 -53.32 -77.84 1.26
C ASP A 689 -53.98 -79.11 1.77
N ARG A 690 -53.18 -80.15 1.92
CA ARG A 690 -53.65 -81.37 2.54
C ARG A 690 -52.69 -81.67 3.70
N PRO A 691 -53.06 -82.61 4.58
CA PRO A 691 -52.16 -82.96 5.70
C PRO A 691 -50.82 -83.53 5.24
N PHE A 692 -49.75 -83.25 5.98
CA PHE A 692 -48.41 -83.76 5.65
C PHE A 692 -47.58 -84.02 6.91
N GLY A 693 -46.42 -84.67 6.75
CA GLY A 693 -45.58 -84.94 7.93
C GLY A 693 -44.16 -85.37 7.67
N PHE A 694 -43.36 -85.37 8.74
CA PHE A 694 -41.97 -85.80 8.69
C PHE A 694 -41.50 -86.07 10.11
N SER A 695 -40.32 -86.67 10.24
CA SER A 695 -39.74 -87.02 11.54
C SER A 695 -38.52 -86.18 11.88
N VAL A 696 -38.42 -85.76 13.14
CA VAL A 696 -37.20 -85.10 13.60
C VAL A 696 -36.47 -85.99 14.60
N VAL A 697 -35.17 -86.16 14.35
CA VAL A 697 -34.31 -86.94 15.23
C VAL A 697 -33.15 -86.02 15.60
N GLY A 698 -32.87 -85.90 16.89
CA GLY A 698 -31.75 -85.07 17.39
C GLY A 698 -32.02 -84.50 18.77
N LYS A 699 -30.96 -84.13 19.49
CA LYS A 699 -31.03 -83.66 20.88
C LYS A 699 -31.55 -82.20 20.99
N GLY A 700 -32.08 -81.82 22.15
CA GLY A 700 -32.46 -80.43 22.43
C GLY A 700 -33.71 -79.85 21.77
N THR A 701 -33.84 -78.52 21.82
CA THR A 701 -34.99 -77.78 21.24
C THR A 701 -34.72 -77.31 19.80
N PHE A 702 -35.71 -77.45 18.92
CA PHE A 702 -35.55 -77.00 17.55
C PHE A 702 -36.52 -75.88 17.20
N LYS A 703 -36.09 -74.95 16.36
CA LYS A 703 -36.97 -73.92 15.78
C LYS A 703 -37.34 -74.34 14.34
N PHE A 704 -38.65 -74.39 14.07
CA PHE A 704 -39.23 -74.91 12.83
C PHE A 704 -39.79 -73.79 11.92
N VAL A 705 -39.37 -73.77 10.65
CA VAL A 705 -40.03 -72.86 9.70
C VAL A 705 -40.58 -73.69 8.55
N MET A 706 -41.89 -73.86 8.48
CA MET A 706 -42.45 -74.65 7.40
C MET A 706 -43.05 -73.73 6.33
N THR A 707 -42.59 -73.82 5.10
CA THR A 707 -43.06 -72.83 4.13
C THR A 707 -44.05 -73.47 3.17
N ASP A 708 -44.51 -72.72 2.18
CA ASP A 708 -45.42 -73.24 1.16
C ASP A 708 -46.73 -73.75 1.76
N LEU A 709 -47.24 -73.12 2.80
CA LEU A 709 -48.48 -73.61 3.39
C LEU A 709 -49.70 -72.78 2.97
N LEU A 710 -50.84 -73.46 2.84
CA LEU A 710 -52.10 -72.77 2.61
C LEU A 710 -52.42 -72.01 3.90
N PRO A 711 -52.56 -70.67 3.76
CA PRO A 711 -52.83 -69.85 4.93
C PRO A 711 -54.19 -70.25 5.47
N GLY A 712 -54.32 -70.25 6.79
CA GLY A 712 -55.52 -70.71 7.47
C GLY A 712 -55.01 -71.28 8.78
N THR A 713 -55.81 -72.13 9.41
CA THR A 713 -55.44 -72.67 10.72
C THR A 713 -54.96 -74.10 10.61
N TRP A 714 -53.67 -74.27 10.80
CA TRP A 714 -53.05 -75.59 10.86
C TRP A 714 -53.13 -76.18 12.26
N GLN A 715 -53.09 -77.52 12.35
CA GLN A 715 -52.93 -78.23 13.63
C GLN A 715 -51.63 -79.06 13.60
N VAL A 716 -50.93 -79.08 14.72
CA VAL A 716 -49.65 -79.74 14.81
C VAL A 716 -49.65 -80.84 15.84
N LEU A 717 -49.36 -82.06 15.38
CA LEU A 717 -49.23 -83.20 16.25
C LEU A 717 -47.78 -83.72 16.27
N LYS A 718 -47.44 -84.46 17.33
CA LYS A 718 -46.14 -85.09 17.49
C LYS A 718 -46.35 -86.42 18.19
N ASP A 719 -45.82 -87.50 17.63
CA ASP A 719 -46.00 -88.85 18.22
C ASP A 719 -47.48 -89.16 18.51
N GLY A 720 -48.34 -88.77 17.59
CA GLY A 720 -49.74 -89.15 17.64
C GLY A 720 -50.65 -88.24 18.45
N LYS A 721 -50.07 -87.34 19.24
CA LYS A 721 -50.85 -86.49 20.16
C LYS A 721 -50.75 -85.00 19.82
N ILE A 722 -51.83 -84.27 20.05
CA ILE A 722 -51.86 -82.84 19.80
C ILE A 722 -50.77 -82.07 20.57
N LEU A 723 -50.00 -81.28 19.81
CA LEU A 723 -48.91 -80.48 20.35
C LEU A 723 -49.31 -79.02 20.29
N TYR A 724 -49.79 -78.58 19.15
CA TYR A 724 -50.32 -77.24 19.04
C TYR A 724 -51.63 -77.40 18.34
N PRO A 725 -52.72 -77.25 19.09
CA PRO A 725 -54.05 -77.50 18.57
C PRO A 725 -54.43 -76.59 17.41
N ALA A 726 -53.84 -75.39 17.32
CA ALA A 726 -54.16 -74.42 16.26
C ALA A 726 -53.15 -73.30 16.13
N LEU A 727 -52.43 -73.26 15.02
CA LEU A 727 -51.52 -72.16 14.74
C LEU A 727 -51.94 -71.61 13.40
N SER A 728 -51.57 -70.37 13.09
CA SER A 728 -52.03 -69.77 11.86
C SER A 728 -50.88 -69.52 10.90
N ALA A 729 -51.08 -69.97 9.66
CA ALA A 729 -50.16 -69.67 8.58
C ALA A 729 -50.76 -68.45 7.96
N LYS A 730 -49.95 -67.41 7.82
CA LYS A 730 -50.44 -66.16 7.26
C LYS A 730 -50.14 -66.06 5.77
N GLY A 731 -50.80 -65.14 5.07
CA GLY A 731 -50.70 -65.05 3.60
C GLY A 731 -49.42 -64.51 2.99
N ASP A 732 -48.68 -63.66 3.71
CA ASP A 732 -47.51 -63.04 3.13
C ASP A 732 -46.35 -64.00 3.00
N ASP A 733 -46.27 -64.92 3.97
CA ASP A 733 -45.17 -65.90 3.99
C ASP A 733 -45.64 -67.34 3.85
N GLY A 734 -46.92 -67.60 3.96
CA GLY A 734 -47.40 -68.96 3.87
C GLY A 734 -46.69 -69.93 4.80
N ALA A 735 -46.39 -69.50 6.02
CA ALA A 735 -45.55 -70.30 6.88
C ALA A 735 -46.00 -70.58 8.33
N LEU A 736 -45.53 -71.67 8.91
CA LEU A 736 -45.72 -71.84 10.32
C LEU A 736 -44.42 -71.65 11.06
N TYR A 737 -44.46 -71.01 12.20
CA TYR A 737 -43.27 -71.00 13.02
C TYR A 737 -43.62 -71.53 14.38
N PHE A 738 -42.81 -72.44 14.92
CA PHE A 738 -43.02 -72.94 16.27
C PHE A 738 -41.75 -73.61 16.77
N GLU A 739 -41.73 -73.94 18.05
CA GLU A 739 -40.55 -74.62 18.60
C GLU A 739 -41.01 -76.04 18.90
N GLY A 740 -40.07 -77.00 18.90
CA GLY A 740 -40.40 -78.38 19.30
C GLY A 740 -39.18 -79.26 19.40
N THR A 741 -39.27 -80.31 20.20
CA THR A 741 -38.17 -81.28 20.37
C THR A 741 -38.36 -82.47 19.45
N GLU A 742 -37.47 -83.46 19.51
CA GLU A 742 -37.49 -84.57 18.54
C GLU A 742 -38.79 -85.39 18.62
N GLY A 743 -39.06 -86.18 17.58
CA GLY A 743 -40.29 -86.97 17.49
C GLY A 743 -40.85 -86.97 16.07
N THR A 744 -42.00 -87.62 15.88
CA THR A 744 -42.54 -87.69 14.51
C THR A 744 -43.81 -86.80 14.29
N TYR A 745 -43.72 -85.85 13.38
CA TYR A 745 -44.70 -84.78 13.26
C TYR A 745 -45.75 -84.97 12.16
N ARG A 746 -46.97 -84.50 12.43
CA ARG A 746 -48.08 -84.43 11.46
C ARG A 746 -48.68 -83.01 11.50
N PHE A 747 -49.11 -82.53 10.34
CA PHE A 747 -49.68 -81.20 10.24
C PHE A 747 -51.01 -81.27 9.53
N LEU A 748 -52.05 -80.72 10.15
CA LEU A 748 -53.38 -80.89 9.57
C LEU A 748 -53.93 -79.55 9.18
N ARG A 749 -54.81 -79.53 8.18
CA ARG A 749 -55.33 -78.29 7.63
C ARG A 749 -56.73 -78.57 7.09
N THR B 4 -18.12 25.81 17.76
CA THR B 4 -18.35 27.25 18.13
C THR B 4 -17.23 27.98 18.95
N LYS B 5 -16.99 29.28 18.76
CA LYS B 5 -16.04 30.10 19.54
C LYS B 5 -16.07 29.69 21.01
N ALA B 6 -14.91 29.37 21.60
CA ALA B 6 -14.82 29.06 23.02
C ALA B 6 -15.54 30.11 23.88
N ASP B 7 -16.16 29.67 24.97
CA ASP B 7 -16.80 30.60 25.92
C ASP B 7 -16.62 30.18 27.39
N VAL B 8 -15.91 29.08 27.64
CA VAL B 8 -15.66 28.66 29.03
C VAL B 8 -14.48 29.37 29.68
N VAL B 9 -14.35 29.24 31.00
CA VAL B 9 -13.15 29.69 31.73
C VAL B 9 -12.02 28.67 31.50
N TRP B 10 -10.76 29.10 31.57
CA TRP B 10 -9.62 28.17 31.44
C TRP B 10 -8.58 28.39 32.53
N LYS B 11 -8.10 27.30 33.12
CA LYS B 11 -7.07 27.43 34.17
C LYS B 11 -5.99 26.36 34.14
N ASP B 12 -4.80 26.71 34.63
CA ASP B 12 -3.64 25.83 34.63
C ASP B 12 -3.65 24.79 35.75
N VAL B 13 -3.45 23.54 35.37
CA VAL B 13 -3.21 22.44 36.31
C VAL B 13 -1.82 21.84 36.02
N ASP B 14 -0.88 22.09 36.95
CA ASP B 14 0.53 21.69 36.83
C ASP B 14 1.18 22.09 35.50
N GLY B 15 1.04 23.37 35.15
CA GLY B 15 1.68 23.95 33.96
C GLY B 15 0.84 23.98 32.70
N VAL B 16 -0.11 23.05 32.59
CA VAL B 16 -0.92 22.89 31.38
C VAL B 16 -2.31 23.51 31.53
N SER B 17 -2.69 24.40 30.61
CA SER B 17 -3.99 25.04 30.70
C SER B 17 -5.09 24.08 30.29
N MET B 18 -6.21 24.10 31.03
CA MET B 18 -7.35 23.21 30.80
C MET B 18 -8.66 23.97 30.96
N PRO B 19 -9.70 23.56 30.24
CA PRO B 19 -11.02 24.17 30.42
C PRO B 19 -11.75 23.63 31.66
N ILE B 20 -12.62 24.45 32.23
CA ILE B 20 -13.52 24.04 33.32
C ILE B 20 -14.94 23.92 32.72
N PRO B 21 -15.61 22.78 32.93
CA PRO B 21 -16.94 22.61 32.35
C PRO B 21 -17.88 23.65 32.92
N PRO B 22 -18.67 24.32 32.05
CA PRO B 22 -19.55 25.38 32.53
C PRO B 22 -20.62 24.84 33.47
N LYS B 23 -20.93 25.60 34.51
CA LYS B 23 -21.98 25.23 35.46
C LYS B 23 -23.39 25.27 34.84
N THR B 24 -23.66 24.37 33.89
CA THR B 24 -24.92 24.43 33.15
C THR B 24 -25.22 23.09 32.47
N HIS B 25 -26.50 22.72 32.45
CA HIS B 25 -26.91 21.50 31.76
C HIS B 25 -28.00 21.82 30.75
N PRO B 26 -27.89 21.24 29.54
CA PRO B 26 -26.87 20.25 29.22
C PRO B 26 -25.52 20.84 28.82
N ARG B 27 -24.49 20.00 28.83
CA ARG B 27 -23.17 20.39 28.37
C ARG B 27 -22.50 19.19 27.68
N LEU B 28 -23.15 18.03 27.69
CA LEU B 28 -22.56 16.87 27.04
C LEU B 28 -23.09 16.74 25.64
N TYR B 29 -22.19 16.83 24.65
CA TYR B 29 -22.49 16.68 23.23
C TYR B 29 -23.23 17.87 22.63
N LEU B 30 -23.88 18.66 23.47
CA LEU B 30 -24.53 19.88 23.00
C LEU B 30 -24.81 20.82 24.18
N ARG B 31 -25.14 22.08 23.90
CA ARG B 31 -25.53 23.00 24.97
C ARG B 31 -26.86 23.66 24.64
N GLU B 32 -27.35 24.46 25.57
CA GLU B 32 -28.65 25.09 25.42
C GLU B 32 -28.83 25.71 24.03
N GLN B 33 -27.74 26.26 23.50
CA GLN B 33 -27.74 27.01 22.25
C GLN B 33 -28.31 26.20 21.09
N GLN B 34 -27.90 24.93 20.99
CA GLN B 34 -28.26 24.08 19.85
C GLN B 34 -29.44 23.14 20.15
N VAL B 35 -29.99 23.26 21.35
CA VAL B 35 -31.15 22.47 21.76
C VAL B 35 -32.38 22.73 20.88
N PRO B 36 -32.73 24.01 20.65
CA PRO B 36 -33.80 24.36 19.73
C PRO B 36 -33.63 23.79 18.31
N ASP B 37 -32.39 23.65 17.85
CA ASP B 37 -32.14 23.16 16.49
C ASP B 37 -32.53 21.68 16.27
N LEU B 38 -32.70 20.93 17.36
CA LEU B 38 -33.00 19.50 17.31
C LEU B 38 -34.29 19.20 16.55
N LYS B 39 -35.31 20.00 16.78
CA LYS B 39 -36.60 19.82 16.11
C LYS B 39 -36.42 19.77 14.60
N ASN B 40 -35.49 20.57 14.09
CA ASN B 40 -35.24 20.66 12.66
C ASN B 40 -34.42 19.48 12.15
N ARG B 41 -33.52 19.00 12.98
CA ARG B 41 -32.79 17.79 12.68
C ARG B 41 -33.75 16.61 12.53
N MET B 42 -34.80 16.58 13.35
CA MET B 42 -35.88 15.60 13.25
C MET B 42 -36.63 15.70 11.92
N ASN B 43 -36.76 16.92 11.40
CA ASN B 43 -37.50 17.12 10.15
C ASN B 43 -36.64 17.13 8.90
N ASP B 44 -35.34 16.94 9.06
CA ASP B 44 -34.41 16.92 7.93
C ASP B 44 -34.54 15.57 7.22
N PRO B 45 -34.63 15.60 5.89
CA PRO B 45 -34.94 14.39 5.13
C PRO B 45 -33.75 13.46 4.96
N LYS B 46 -32.54 13.94 5.22
CA LYS B 46 -31.40 13.04 5.14
C LYS B 46 -30.96 12.51 6.50
N LEU B 47 -31.50 13.13 7.56
CA LEU B 47 -31.36 12.61 8.90
C LEU B 47 -32.60 11.81 9.24
N LYS B 48 -33.40 11.45 8.23
CA LYS B 48 -34.59 10.69 8.56
C LYS B 48 -34.35 9.20 8.69
N LYS B 49 -33.64 8.65 7.71
CA LYS B 49 -33.31 7.23 7.73
C LYS B 49 -32.50 6.87 8.98
N VAL B 50 -31.79 7.84 9.54
CA VAL B 50 -30.97 7.58 10.71
C VAL B 50 -31.79 7.57 12.00
N TRP B 51 -32.75 8.48 12.10
CA TRP B 51 -33.62 8.51 13.27
C TRP B 51 -34.58 7.31 13.27
N ALA B 52 -34.95 6.85 12.09
CA ALA B 52 -35.72 5.62 11.93
C ALA B 52 -34.89 4.40 12.32
N ASP B 53 -33.58 4.46 12.08
CA ASP B 53 -32.66 3.39 12.46
C ASP B 53 -32.62 3.23 13.97
N MET B 54 -32.54 4.34 14.70
CA MET B 54 -32.50 4.31 16.15
C MET B 54 -33.83 3.89 16.73
N ILE B 55 -34.90 3.99 15.93
CA ILE B 55 -36.23 3.63 16.40
C ILE B 55 -36.29 2.10 16.52
N LYS B 56 -35.76 1.43 15.51
CA LYS B 56 -35.64 -0.02 15.56
C LYS B 56 -34.66 -0.44 16.65
N MET B 57 -33.54 0.27 16.74
CA MET B 57 -32.55 -0.08 17.75
C MET B 57 -33.17 -0.33 19.12
N GLN B 58 -34.34 0.25 19.35
CA GLN B 58 -35.00 0.13 20.64
C GLN B 58 -35.42 -1.30 20.98
N GLU B 59 -35.64 -2.12 19.96
CA GLU B 59 -36.05 -3.51 20.18
C GLU B 59 -34.96 -4.28 20.90
N ASP B 60 -35.37 -5.00 21.94
CA ASP B 60 -34.46 -5.88 22.67
C ASP B 60 -33.86 -6.88 21.69
N TRP B 61 -32.69 -7.40 22.04
CA TRP B 61 -32.19 -8.53 21.29
C TRP B 61 -33.28 -9.61 21.32
N LYS B 62 -33.51 -10.22 20.16
CA LYS B 62 -34.29 -11.45 20.06
C LYS B 62 -33.50 -12.44 20.91
N PRO B 63 -34.15 -13.05 21.92
CA PRO B 63 -33.45 -13.96 22.82
C PRO B 63 -32.60 -15.00 22.07
N ALA B 64 -33.24 -15.67 21.11
CA ALA B 64 -32.61 -16.72 20.32
C ALA B 64 -31.35 -16.26 19.60
N ASP B 65 -31.21 -14.96 19.42
CA ASP B 65 -30.12 -14.43 18.58
C ASP B 65 -29.01 -13.78 19.40
N ILE B 66 -29.22 -13.70 20.71
CA ILE B 66 -28.15 -13.25 21.55
C ILE B 66 -27.07 -14.33 21.46
N PRO B 67 -25.82 -13.92 21.22
CA PRO B 67 -24.67 -14.81 21.14
C PRO B 67 -24.12 -15.12 22.52
N GLU B 68 -23.44 -16.26 22.65
CA GLU B 68 -22.97 -16.67 23.97
C GLU B 68 -21.79 -15.78 24.38
N VAL B 69 -21.03 -15.33 23.38
CA VAL B 69 -19.90 -14.48 23.71
C VAL B 69 -20.16 -13.03 23.33
N LYS B 70 -20.24 -12.20 24.37
CA LYS B 70 -20.56 -10.79 24.18
C LYS B 70 -19.29 -9.96 23.94
N ASP B 71 -18.91 -9.98 22.68
CA ASP B 71 -17.88 -9.13 22.12
C ASP B 71 -18.11 -7.66 22.34
N PHE B 72 -17.12 -6.87 21.92
CA PHE B 72 -17.30 -5.43 21.78
C PHE B 72 -18.26 -5.23 20.61
N ARG B 73 -18.16 -6.12 19.62
CA ARG B 73 -19.05 -6.07 18.48
C ARG B 73 -20.50 -6.32 18.93
N PHE B 74 -20.71 -7.13 19.96
CA PHE B 74 -22.05 -7.31 20.53
C PHE B 74 -22.55 -5.98 21.06
N TYR B 75 -21.74 -5.31 21.87
CA TYR B 75 -22.18 -4.07 22.49
C TYR B 75 -22.30 -2.91 21.49
N PHE B 76 -21.45 -2.89 20.47
CA PHE B 76 -21.48 -1.84 19.48
C PHE B 76 -22.75 -1.97 18.57
N ASN B 77 -23.26 -3.18 18.44
CA ASN B 77 -24.54 -3.38 17.77
C ASN B 77 -25.65 -3.13 18.78
N GLN B 78 -25.59 -1.95 19.39
CA GLN B 78 -26.42 -1.60 20.54
C GLN B 78 -27.91 -1.84 20.32
N LYS B 79 -28.58 -2.37 21.35
CA LYS B 79 -30.02 -2.65 21.29
C LYS B 79 -30.68 -2.53 22.67
N GLY B 80 -31.97 -2.20 22.69
CA GLY B 80 -32.75 -2.26 23.91
C GLY B 80 -32.78 -1.08 24.87
N LEU B 81 -32.91 -1.39 26.16
CA LEU B 81 -33.09 -0.37 27.20
C LEU B 81 -32.15 0.84 27.09
N THR B 82 -30.88 0.61 26.81
CA THR B 82 -29.94 1.73 26.73
C THR B 82 -30.21 2.64 25.53
N VAL B 83 -30.60 2.08 24.39
CA VAL B 83 -31.08 2.92 23.29
C VAL B 83 -32.34 3.67 23.73
N ARG B 84 -33.30 2.95 24.30
CA ARG B 84 -34.54 3.58 24.76
C ARG B 84 -34.32 4.79 25.66
N VAL B 85 -33.36 4.70 26.58
CA VAL B 85 -33.20 5.78 27.55
C VAL B 85 -32.48 6.99 26.93
N GLU B 86 -31.63 6.73 25.95
CA GLU B 86 -30.97 7.81 25.23
C GLU B 86 -32.01 8.66 24.49
N LEU B 87 -32.93 8.00 23.80
CA LEU B 87 -34.02 8.68 23.09
C LEU B 87 -35.00 9.35 24.06
N MET B 88 -35.23 8.72 25.21
CA MET B 88 -36.08 9.32 26.23
C MET B 88 -35.47 10.65 26.66
N ALA B 89 -34.17 10.64 26.93
CA ALA B 89 -33.43 11.83 27.30
C ALA B 89 -33.47 12.89 26.20
N LEU B 90 -33.44 12.45 24.95
CA LEU B 90 -33.47 13.35 23.79
C LEU B 90 -34.80 14.10 23.72
N ASN B 91 -35.87 13.37 24.04
CA ASN B 91 -37.22 13.92 24.16
C ASN B 91 -37.37 14.86 25.33
N TYR B 92 -36.60 14.64 26.39
CA TYR B 92 -36.68 15.54 27.53
C TYR B 92 -35.98 16.85 27.21
N LEU B 93 -34.94 16.77 26.39
CA LEU B 93 -34.29 17.96 25.86
C LEU B 93 -35.30 18.71 24.98
N MET B 94 -35.94 17.96 24.08
CA MET B 94 -36.86 18.52 23.09
C MET B 94 -38.20 19.07 23.63
N THR B 95 -38.77 18.45 24.66
CA THR B 95 -40.10 18.85 25.13
C THR B 95 -40.14 19.39 26.55
N LYS B 96 -39.07 19.17 27.31
CA LYS B 96 -39.00 19.62 28.72
C LYS B 96 -40.07 18.95 29.58
N ASP B 97 -40.68 17.92 29.02
CA ASP B 97 -41.73 17.14 29.68
C ASP B 97 -41.09 16.35 30.83
N PRO B 98 -41.49 16.65 32.07
CA PRO B 98 -40.82 16.06 33.23
C PRO B 98 -41.00 14.54 33.34
N LYS B 99 -42.14 14.02 32.89
CA LYS B 99 -42.40 12.57 32.93
C LYS B 99 -41.33 11.79 32.17
N VAL B 100 -40.98 12.31 30.99
CA VAL B 100 -39.99 11.69 30.11
C VAL B 100 -38.57 11.79 30.67
N GLY B 101 -38.30 12.82 31.46
CA GLY B 101 -37.00 12.95 32.09
C GLY B 101 -36.91 12.00 33.26
N ARG B 102 -38.00 11.92 34.02
CA ARG B 102 -38.05 11.04 35.15
C ARG B 102 -37.95 9.60 34.69
N GLU B 103 -38.58 9.28 33.55
CA GLU B 103 -38.60 7.90 33.10
C GLU B 103 -37.20 7.45 32.67
N ALA B 104 -36.49 8.31 31.96
CA ALA B 104 -35.13 7.98 31.53
C ALA B 104 -34.27 7.63 32.73
N ILE B 105 -34.31 8.44 33.78
CA ILE B 105 -33.54 8.20 35.00
C ILE B 105 -33.88 6.89 35.69
N THR B 106 -35.16 6.66 35.98
CA THR B 106 -35.57 5.46 36.70
C THR B 106 -35.42 4.19 35.85
N SER B 107 -35.40 4.34 34.55
CA SER B 107 -35.27 3.21 33.64
C SER B 107 -33.84 2.72 33.56
N ILE B 108 -32.89 3.57 33.95
CA ILE B 108 -31.49 3.21 33.84
C ILE B 108 -30.75 2.99 35.16
N ILE B 109 -31.02 3.79 36.18
CA ILE B 109 -30.17 3.79 37.37
C ILE B 109 -29.90 2.42 38.02
N ASP B 110 -30.96 1.62 38.14
CA ASP B 110 -30.85 0.28 38.73
C ASP B 110 -29.79 -0.59 38.01
N THR B 111 -29.91 -0.69 36.69
CA THR B 111 -29.01 -1.51 35.90
C THR B 111 -27.61 -0.89 35.75
N LEU B 112 -27.54 0.43 35.72
CA LEU B 112 -26.25 1.10 35.70
C LEU B 112 -25.47 0.68 36.95
N GLU B 113 -26.20 0.51 38.05
CA GLU B 113 -25.59 0.17 39.32
C GLU B 113 -25.21 -1.30 39.42
N THR B 114 -25.94 -2.16 38.69
CA THR B 114 -25.83 -3.63 38.78
C THR B 114 -25.01 -4.31 37.67
N ALA B 115 -24.89 -3.62 36.54
CA ALA B 115 -24.26 -4.22 35.35
C ALA B 115 -22.98 -5.02 35.61
N THR B 116 -23.02 -6.26 35.12
CA THR B 116 -21.94 -7.21 35.19
C THR B 116 -21.40 -7.34 33.78
N PHE B 117 -20.09 -7.57 33.61
CA PHE B 117 -19.56 -7.76 32.28
C PHE B 117 -18.64 -8.96 32.23
N LYS B 118 -18.99 -9.94 31.38
CA LYS B 118 -18.22 -11.19 31.33
C LYS B 118 -17.01 -11.00 30.40
N PRO B 119 -15.82 -11.40 30.86
CA PRO B 119 -14.61 -11.14 30.08
C PRO B 119 -14.68 -11.67 28.66
N ALA B 120 -14.57 -10.74 27.72
CA ALA B 120 -14.45 -11.10 26.31
C ALA B 120 -13.56 -10.07 25.60
N GLY B 121 -13.46 -10.20 24.28
CA GLY B 121 -12.67 -9.30 23.45
C GLY B 121 -13.01 -7.83 23.59
N ASP B 122 -11.97 -7.04 23.86
CA ASP B 122 -12.08 -5.61 24.05
C ASP B 122 -13.31 -5.20 24.88
N ILE B 123 -13.55 -5.92 25.97
CA ILE B 123 -14.75 -5.72 26.78
C ILE B 123 -14.84 -4.27 27.28
N SER B 124 -13.70 -3.63 27.51
CA SER B 124 -13.72 -2.21 27.90
C SER B 124 -14.61 -1.34 27.01
N ARG B 125 -14.66 -1.65 25.72
CA ARG B 125 -15.46 -0.86 24.77
C ARG B 125 -16.95 -0.94 25.13
N GLY B 126 -17.38 -2.12 25.54
CA GLY B 126 -18.76 -2.34 25.99
C GLY B 126 -19.06 -1.60 27.27
N ILE B 127 -18.17 -1.76 28.24
CA ILE B 127 -18.28 -1.09 29.53
C ILE B 127 -18.19 0.42 29.35
N GLY B 128 -17.44 0.84 28.35
CA GLY B 128 -17.35 2.26 28.02
C GLY B 128 -18.65 2.82 27.48
N LEU B 129 -19.29 2.11 26.57
CA LEU B 129 -20.53 2.57 25.95
C LEU B 129 -21.68 2.56 26.95
N PHE B 130 -21.65 1.63 27.89
CA PHE B 130 -22.65 1.60 28.96
C PHE B 130 -22.55 2.89 29.78
N MET B 131 -21.32 3.30 30.07
CA MET B 131 -21.09 4.54 30.80
C MET B 131 -21.64 5.73 30.04
N VAL B 132 -21.45 5.73 28.73
CA VAL B 132 -21.97 6.82 27.89
C VAL B 132 -23.50 6.89 27.94
N THR B 133 -24.14 5.74 28.04
CA THR B 133 -25.58 5.68 28.23
C THR B 133 -25.89 6.42 29.53
N GLY B 134 -25.25 6.00 30.62
CA GLY B 134 -25.47 6.62 31.91
C GLY B 134 -25.33 8.11 31.82
N ALA B 135 -24.25 8.55 31.20
CA ALA B 135 -23.91 9.96 31.18
C ALA B 135 -24.93 10.78 30.39
N ILE B 136 -25.39 10.26 29.26
CA ILE B 136 -26.37 10.98 28.45
C ILE B 136 -27.60 11.31 29.27
N VAL B 137 -28.15 10.32 29.96
CA VAL B 137 -29.30 10.56 30.84
C VAL B 137 -28.93 11.49 32.00
N TYR B 138 -27.79 11.23 32.63
CA TYR B 138 -27.37 12.05 33.77
C TYR B 138 -27.30 13.52 33.35
N ASP B 139 -26.61 13.80 32.24
CA ASP B 139 -26.52 15.17 31.75
C ASP B 139 -27.86 15.71 31.26
N TRP B 140 -28.39 15.13 30.19
CA TRP B 140 -29.58 15.69 29.54
C TRP B 140 -30.82 15.78 30.44
N CYS B 141 -30.95 14.90 31.43
CA CYS B 141 -32.09 14.97 32.36
C CYS B 141 -31.70 15.49 33.74
N TYR B 142 -30.68 16.33 33.80
CA TYR B 142 -30.07 16.73 35.07
C TYR B 142 -31.03 17.26 36.14
N ASP B 143 -31.79 18.29 35.79
CA ASP B 143 -32.67 18.94 36.76
C ASP B 143 -33.91 18.12 37.13
N GLN B 144 -33.90 16.83 36.79
CA GLN B 144 -34.95 15.93 37.26
C GLN B 144 -34.39 14.92 38.24
N LEU B 145 -33.08 14.96 38.45
CA LEU B 145 -32.43 14.01 39.32
C LEU B 145 -32.62 14.37 40.77
N LYS B 146 -33.11 13.42 41.56
CA LYS B 146 -33.19 13.63 43.00
C LYS B 146 -31.77 13.64 43.58
N PRO B 147 -31.56 14.34 44.70
CA PRO B 147 -30.23 14.47 45.31
C PRO B 147 -29.52 13.12 45.54
N GLU B 148 -30.19 12.15 46.18
CA GLU B 148 -29.61 10.81 46.43
C GLU B 148 -29.47 9.97 45.17
N GLU B 149 -30.08 10.40 44.07
CA GLU B 149 -29.91 9.75 42.78
C GLU B 149 -28.56 10.11 42.13
N LYS B 150 -28.06 11.31 42.40
CA LYS B 150 -26.78 11.73 41.85
C LYS B 150 -25.66 10.95 42.54
N THR B 151 -25.78 10.80 43.86
CA THR B 151 -24.81 10.03 44.65
C THR B 151 -24.68 8.64 44.02
N ARG B 152 -25.82 8.00 43.80
CA ARG B 152 -25.87 6.67 43.20
C ARG B 152 -25.26 6.64 41.81
N PHE B 153 -25.66 7.55 40.95
CA PHE B 153 -25.10 7.66 39.61
C PHE B 153 -23.60 7.73 39.61
N VAL B 154 -23.08 8.69 40.34
CA VAL B 154 -21.66 8.77 40.51
C VAL B 154 -21.06 7.47 40.94
N LYS B 155 -21.65 6.78 41.89
CA LYS B 155 -20.99 5.65 42.50
C LYS B 155 -20.90 4.55 41.51
N ALA B 156 -21.97 4.43 40.76
CA ALA B 156 -22.03 3.52 39.63
C ALA B 156 -20.96 3.82 38.58
N PHE B 157 -20.73 5.12 38.33
CA PHE B 157 -19.73 5.54 37.36
C PHE B 157 -18.31 5.17 37.79
N VAL B 158 -17.98 5.45 39.04
CA VAL B 158 -16.71 5.00 39.61
C VAL B 158 -16.59 3.48 39.42
N ARG B 159 -17.58 2.73 39.88
CA ARG B 159 -17.60 1.27 39.79
C ARG B 159 -17.30 0.79 38.38
N LEU B 160 -17.95 1.41 37.40
CA LEU B 160 -17.75 1.01 36.02
C LEU B 160 -16.40 1.44 35.49
N ALA B 161 -16.00 2.66 35.82
CA ALA B 161 -14.74 3.19 35.30
C ALA B 161 -13.58 2.32 35.78
N LYS B 162 -13.72 1.81 37.00
CA LYS B 162 -12.73 0.95 37.63
C LYS B 162 -12.56 -0.37 36.90
N MET B 163 -13.27 -0.53 35.77
CA MET B 163 -13.29 -1.78 35.05
C MET B 163 -12.49 -1.68 33.75
N LEU B 164 -12.53 -0.50 33.14
CA LEU B 164 -11.86 -0.25 31.87
C LEU B 164 -10.37 -0.50 32.00
N GLU B 165 -9.73 -0.76 30.85
CA GLU B 165 -8.36 -1.22 30.86
C GLU B 165 -7.39 -0.14 31.34
N CYS B 166 -7.64 1.11 30.97
CA CYS B 166 -6.78 2.22 31.39
C CYS B 166 -6.81 2.41 32.89
N GLY B 167 -7.71 1.71 33.57
CA GLY B 167 -7.82 1.78 35.03
C GLY B 167 -8.53 3.03 35.48
N TYR B 168 -8.87 3.08 36.76
CA TYR B 168 -9.37 4.30 37.40
C TYR B 168 -8.78 4.40 38.80
N PRO B 169 -7.88 5.39 39.00
CA PRO B 169 -7.50 6.43 38.04
C PRO B 169 -6.91 5.88 36.74
N PRO B 170 -7.05 6.62 35.64
CA PRO B 170 -6.73 6.12 34.30
C PRO B 170 -5.25 6.23 34.01
N VAL B 171 -4.43 5.34 34.57
CA VAL B 171 -2.98 5.52 34.52
C VAL B 171 -2.23 4.43 33.75
N LYS B 172 -2.95 3.45 33.21
CA LYS B 172 -2.33 2.35 32.51
C LYS B 172 -2.35 2.62 31.00
N ASP B 173 -1.64 1.78 30.25
CA ASP B 173 -1.60 1.86 28.80
C ASP B 173 -0.96 3.15 28.23
N LYS B 174 -1.16 3.41 26.95
CA LYS B 174 -0.41 4.48 26.27
C LYS B 174 -1.29 5.62 25.69
N SER B 175 -0.67 6.78 25.47
CA SER B 175 -1.40 8.00 25.18
C SER B 175 -1.32 8.37 23.73
N ILE B 176 -0.29 7.87 23.04
CA ILE B 176 -0.24 8.13 21.60
C ILE B 176 -0.84 6.95 20.85
N VAL B 177 -0.60 5.74 21.35
CA VAL B 177 -1.13 4.55 20.70
C VAL B 177 -1.85 3.69 21.72
N GLY B 178 -2.30 2.51 21.27
CA GLY B 178 -2.77 1.48 22.19
C GLY B 178 -4.22 1.68 22.56
N HIS B 179 -4.72 0.86 23.48
CA HIS B 179 -6.16 0.88 23.78
C HIS B 179 -6.59 2.21 24.41
N ALA B 180 -5.80 2.73 25.35
CA ALA B 180 -6.11 4.03 25.97
C ALA B 180 -6.20 5.17 24.95
N SER B 181 -5.73 4.95 23.72
CA SER B 181 -5.86 5.95 22.68
C SER B 181 -7.12 5.68 21.87
N GLU B 182 -8.04 4.94 22.47
CA GLU B 182 -9.30 4.64 21.78
C GLU B 182 -10.49 5.28 22.48
N TRP B 183 -11.58 4.53 22.63
CA TRP B 183 -12.84 5.07 23.15
C TRP B 183 -12.77 5.44 24.63
N MET B 184 -12.08 4.63 25.41
CA MET B 184 -12.22 4.65 26.87
C MET B 184 -11.93 5.97 27.54
N ILE B 185 -10.97 6.73 27.05
CA ILE B 185 -10.71 8.04 27.67
C ILE B 185 -11.31 9.18 26.84
N MET B 186 -11.03 9.16 25.53
CA MET B 186 -11.43 10.25 24.64
C MET B 186 -12.92 10.41 24.41
N ARG B 187 -13.66 9.32 24.51
CA ARG B 187 -15.12 9.42 24.44
C ARG B 187 -15.77 9.07 25.76
N ASP B 188 -15.58 7.81 26.18
CA ASP B 188 -16.30 7.26 27.31
C ASP B 188 -16.03 7.97 28.63
N LEU B 189 -14.80 7.88 29.13
CA LEU B 189 -14.45 8.46 30.42
C LEU B 189 -14.67 9.97 30.47
N LEU B 190 -14.24 10.67 29.42
CA LEU B 190 -14.40 12.12 29.35
C LEU B 190 -15.87 12.52 29.38
N SER B 191 -16.71 11.76 28.68
CA SER B 191 -18.15 12.05 28.68
C SER B 191 -18.72 11.98 30.08
N VAL B 192 -18.36 10.96 30.86
CA VAL B 192 -18.93 10.82 32.20
C VAL B 192 -18.42 11.95 33.11
N GLY B 193 -17.11 12.18 33.13
CA GLY B 193 -16.55 13.24 33.98
C GLY B 193 -17.12 14.62 33.73
N ILE B 194 -17.50 14.86 32.46
CA ILE B 194 -18.16 16.09 32.06
C ILE B 194 -19.55 16.14 32.67
N ALA B 195 -20.35 15.10 32.42
CA ALA B 195 -21.71 15.04 32.93
C ALA B 195 -21.77 15.20 34.44
N ILE B 196 -20.89 14.53 35.16
CA ILE B 196 -20.98 14.50 36.62
C ILE B 196 -20.02 15.45 37.34
N TYR B 197 -19.51 16.45 36.63
CA TYR B 197 -18.53 17.39 37.19
C TYR B 197 -18.99 18.08 38.48
N ASP B 198 -20.25 18.50 38.51
CA ASP B 198 -20.83 19.25 39.62
C ASP B 198 -20.73 18.53 40.95
N GLU B 199 -20.84 17.20 40.91
CA GLU B 199 -20.88 16.38 42.12
C GLU B 199 -19.53 15.70 42.36
N PHE B 200 -18.93 15.22 41.27
CA PHE B 200 -17.67 14.50 41.35
C PHE B 200 -16.68 15.07 40.29
N PRO B 201 -15.98 16.17 40.65
CA PRO B 201 -15.02 16.82 39.74
C PRO B 201 -13.83 15.90 39.39
N GLU B 202 -13.43 15.07 40.35
CA GLU B 202 -12.32 14.15 40.21
C GLU B 202 -12.26 13.49 38.83
N MET B 203 -13.37 12.87 38.40
CA MET B 203 -13.38 12.11 37.15
C MET B 203 -12.93 12.94 35.94
N TYR B 204 -13.51 14.12 35.77
CA TYR B 204 -13.08 14.98 34.67
C TYR B 204 -11.60 15.32 34.86
N ASN B 205 -11.26 15.81 36.05
CA ASN B 205 -9.90 16.25 36.32
C ASN B 205 -8.89 15.17 36.02
N LEU B 206 -9.29 13.91 36.24
CA LEU B 206 -8.43 12.79 35.93
C LEU B 206 -8.44 12.44 34.42
N ALA B 207 -9.61 12.37 33.81
CA ALA B 207 -9.69 12.07 32.38
C ALA B 207 -9.14 13.22 31.52
N ALA B 208 -9.73 14.40 31.63
CA ALA B 208 -9.28 15.55 30.87
C ALA B 208 -7.80 15.82 31.15
N GLY B 209 -7.40 15.71 32.41
CA GLY B 209 -6.02 15.89 32.84
C GLY B 209 -5.06 15.09 31.99
N ARG B 210 -5.26 13.78 31.93
CA ARG B 210 -4.43 12.95 31.05
C ARG B 210 -4.56 13.38 29.57
N PHE B 211 -5.77 13.67 29.10
CA PHE B 211 -5.91 14.06 27.68
C PHE B 211 -5.08 15.31 27.34
N PHE B 212 -5.31 16.39 28.07
CA PHE B 212 -4.55 17.62 27.83
C PHE B 212 -3.06 17.53 28.14
N LYS B 213 -2.71 16.84 29.21
CA LYS B 213 -1.31 16.62 29.58
C LYS B 213 -0.59 15.72 28.57
N GLU B 214 -1.27 14.72 28.04
CA GLU B 214 -0.61 13.70 27.23
C GLU B 214 -1.13 13.51 25.80
N HIS B 215 -2.39 13.09 25.64
CA HIS B 215 -2.96 12.78 24.31
C HIS B 215 -2.95 13.95 23.32
N LEU B 216 -3.20 15.16 23.84
CA LEU B 216 -3.33 16.35 23.00
C LEU B 216 -1.95 16.77 22.47
N VAL B 217 -1.00 16.86 23.40
CA VAL B 217 0.35 17.27 23.10
C VAL B 217 0.96 16.39 22.01
N ALA B 218 0.87 15.08 22.17
CA ALA B 218 1.43 14.16 21.20
C ALA B 218 0.78 14.36 19.82
N ARG B 219 -0.54 14.55 19.77
CA ARG B 219 -1.24 14.66 18.49
C ARG B 219 -0.95 15.97 17.79
N ASN B 220 -0.93 17.06 18.56
CA ASN B 220 -0.59 18.36 18.01
C ASN B 220 0.84 18.41 17.48
N TRP B 221 1.69 17.55 18.02
CA TRP B 221 3.05 17.47 17.58
C TRP B 221 3.07 16.96 16.13
N PHE B 222 2.28 15.94 15.79
CA PHE B 222 2.33 15.42 14.42
C PHE B 222 1.19 15.90 13.49
N TYR B 223 0.14 16.46 14.09
CA TYR B 223 -1.01 16.94 13.33
C TYR B 223 -0.71 17.83 12.09
N PRO B 224 0.28 18.72 12.20
CA PRO B 224 0.55 19.67 11.11
C PRO B 224 1.12 19.07 9.82
N SER B 225 1.36 17.77 9.82
CA SER B 225 1.90 17.12 8.65
C SER B 225 0.88 16.20 8.05
N HIS B 226 -0.35 16.32 8.55
CA HIS B 226 -1.56 15.81 7.89
C HIS B 226 -1.59 14.32 7.62
N ASN B 227 -1.22 13.54 8.62
CA ASN B 227 -1.20 12.09 8.45
C ASN B 227 -1.29 11.38 9.78
N TYR B 228 -1.47 10.06 9.73
CA TYR B 228 -1.56 9.31 10.96
C TYR B 228 -0.51 8.21 10.88
N HIS B 229 -0.19 7.62 12.01
CA HIS B 229 0.90 6.66 12.10
C HIS B 229 0.55 5.19 12.36
N GLN B 230 -0.72 4.89 12.56
CA GLN B 230 -1.13 3.54 12.97
C GLN B 230 -1.63 2.67 11.84
N GLY B 231 -1.31 3.03 10.61
CA GLY B 231 -1.56 2.15 9.47
C GLY B 231 -2.92 2.41 8.90
N MET B 232 -3.23 1.78 7.76
CA MET B 232 -4.48 2.10 7.09
C MET B 232 -5.74 1.46 7.64
N SER B 233 -5.64 0.52 8.58
CA SER B 233 -6.87 -0.01 9.20
C SER B 233 -7.23 0.68 10.53
N TYR B 234 -6.29 0.66 11.48
CA TYR B 234 -6.51 1.29 12.79
C TYR B 234 -6.58 2.83 12.71
N LEU B 235 -6.36 3.37 11.52
CA LEU B 235 -6.64 4.78 11.27
C LEU B 235 -8.09 5.01 11.68
N ASN B 236 -8.98 4.14 11.20
CA ASN B 236 -10.39 4.29 11.47
C ASN B 236 -10.73 4.49 12.98
N VAL B 237 -10.36 3.54 13.84
CA VAL B 237 -10.74 3.68 15.24
C VAL B 237 -9.95 4.77 15.93
N ARG B 238 -8.65 4.91 15.62
CA ARG B 238 -7.81 5.86 16.36
C ARG B 238 -8.21 7.29 16.01
N PHE B 239 -8.44 7.55 14.73
CA PHE B 239 -8.73 8.93 14.34
C PHE B 239 -10.17 9.27 14.73
N THR B 240 -11.04 8.28 14.70
CA THR B 240 -12.41 8.48 15.15
C THR B 240 -12.41 9.04 16.55
N ASN B 241 -11.62 8.46 17.44
CA ASN B 241 -11.63 8.87 18.83
C ASN B 241 -10.96 10.21 19.06
N ASP B 242 -9.96 10.53 18.25
CA ASP B 242 -9.41 11.88 18.25
C ASP B 242 -10.56 12.82 17.97
N LEU B 243 -11.40 12.48 16.99
CA LEU B 243 -12.50 13.35 16.61
C LEU B 243 -13.62 13.37 17.67
N PHE B 244 -13.89 12.26 18.34
CA PHE B 244 -14.92 12.36 19.40
C PHE B 244 -14.51 13.42 20.44
N ALA B 245 -13.27 13.32 20.91
CA ALA B 245 -12.67 14.34 21.78
C ALA B 245 -12.78 15.77 21.22
N LEU B 246 -12.70 15.91 19.91
CA LEU B 246 -12.83 17.21 19.30
C LEU B 246 -14.26 17.76 19.44
N TRP B 247 -15.23 16.97 19.01
CA TRP B 247 -16.63 17.36 19.11
C TRP B 247 -17.08 17.49 20.57
N ILE B 248 -16.69 16.53 21.42
CA ILE B 248 -17.08 16.56 22.82
C ILE B 248 -16.61 17.84 23.49
N LEU B 249 -15.37 18.25 23.28
CA LEU B 249 -14.82 19.42 23.93
C LEU B 249 -15.30 20.71 23.28
N ASP B 250 -15.56 20.67 21.99
CA ASP B 250 -16.13 21.85 21.36
C ASP B 250 -17.50 22.06 21.96
N ARG B 251 -18.37 21.06 21.82
CA ARG B 251 -19.75 21.22 22.22
C ARG B 251 -19.85 21.57 23.69
N MET B 252 -18.82 21.24 24.47
CA MET B 252 -18.80 21.62 25.88
C MET B 252 -18.59 23.13 26.05
N GLY B 253 -17.86 23.73 25.12
CA GLY B 253 -17.57 25.16 25.16
C GLY B 253 -16.09 25.53 25.05
N ALA B 254 -15.24 24.57 24.75
CA ALA B 254 -13.80 24.81 24.76
C ALA B 254 -13.22 25.02 23.36
N GLY B 255 -14.10 25.16 22.37
CA GLY B 255 -13.69 25.41 21.00
C GLY B 255 -12.96 24.23 20.40
N ASN B 256 -12.05 24.49 19.47
CA ASN B 256 -11.25 23.42 18.92
C ASN B 256 -9.96 23.40 19.71
N VAL B 257 -9.69 22.31 20.41
CA VAL B 257 -8.50 22.22 21.26
C VAL B 257 -7.31 21.60 20.50
N PHE B 258 -7.57 21.16 19.27
CA PHE B 258 -6.55 20.52 18.44
C PHE B 258 -5.90 21.50 17.48
N ASN B 259 -4.70 21.18 17.02
CA ASN B 259 -4.13 21.95 15.92
C ASN B 259 -5.04 21.75 14.72
N PRO B 260 -5.52 22.83 14.12
CA PRO B 260 -6.51 22.73 13.03
C PRO B 260 -6.03 21.89 11.85
N GLY B 261 -4.76 21.52 11.81
CA GLY B 261 -4.26 20.62 10.77
C GLY B 261 -4.97 19.28 10.80
N GLN B 262 -5.66 19.01 11.91
CA GLN B 262 -6.42 17.79 12.08
C GLN B 262 -7.35 17.54 10.88
N GLN B 263 -7.77 18.64 10.26
CA GLN B 263 -8.68 18.58 9.14
C GLN B 263 -8.09 17.84 7.97
N PHE B 264 -6.79 17.87 7.84
CA PHE B 264 -6.22 17.44 6.58
C PHE B 264 -5.75 16.02 6.57
N ILE B 265 -5.82 15.39 7.75
CA ILE B 265 -5.37 14.04 7.94
C ILE B 265 -6.04 13.00 7.04
N LEU B 266 -7.37 13.03 6.94
CA LEU B 266 -8.03 11.96 6.20
C LEU B 266 -7.74 12.04 4.68
N TYR B 267 -7.09 13.11 4.24
CA TYR B 267 -6.81 13.26 2.82
C TYR B 267 -5.93 12.10 2.39
N ASP B 268 -5.14 11.64 3.35
CA ASP B 268 -4.23 10.56 3.05
C ASP B 268 -5.00 9.33 2.59
N ALA B 269 -6.02 8.97 3.36
CA ALA B 269 -6.94 7.90 2.98
C ALA B 269 -7.38 8.13 1.52
N ILE B 270 -7.94 9.29 1.21
CA ILE B 270 -8.40 9.55 -0.13
C ILE B 270 -7.33 9.27 -1.19
N TYR B 271 -6.09 9.69 -0.93
CA TYR B 271 -5.03 9.58 -1.94
C TYR B 271 -4.68 8.11 -2.23
N LYS B 272 -4.97 7.24 -1.27
CA LYS B 272 -4.63 5.82 -1.36
C LYS B 272 -5.75 4.87 -1.85
N ARG B 273 -6.89 5.42 -2.24
CA ARG B 273 -7.97 4.57 -2.76
C ARG B 273 -7.66 4.04 -4.14
N ARG B 274 -7.75 2.73 -4.35
CA ARG B 274 -7.51 2.14 -5.65
C ARG B 274 -8.81 2.01 -6.39
N PRO B 275 -8.73 1.87 -7.73
CA PRO B 275 -9.94 1.72 -8.57
C PRO B 275 -10.75 0.46 -8.26
N ASP B 276 -10.25 -0.38 -7.35
CA ASP B 276 -11.01 -1.57 -6.99
C ASP B 276 -11.64 -1.37 -5.61
N GLY B 277 -11.66 -0.11 -5.15
CA GLY B 277 -12.37 0.23 -3.94
C GLY B 277 -11.59 -0.09 -2.69
N GLN B 278 -10.41 -0.65 -2.87
CA GLN B 278 -9.56 -0.96 -1.73
C GLN B 278 -8.57 0.17 -1.48
N ILE B 279 -7.96 0.16 -0.30
CA ILE B 279 -7.02 1.20 0.05
C ILE B 279 -5.62 0.65 -0.03
N LEU B 280 -4.65 1.50 -0.31
CA LEU B 280 -3.26 1.08 -0.31
C LEU B 280 -2.84 0.61 1.08
N ALA B 281 -2.00 -0.42 1.15
CA ALA B 281 -1.62 -0.98 2.44
C ALA B 281 -0.73 -0.05 3.31
N GLY B 282 -0.55 -0.43 4.56
CA GLY B 282 0.26 0.37 5.48
C GLY B 282 0.05 -0.09 6.91
N GLY B 283 1.09 -0.67 7.50
CA GLY B 283 1.02 -1.22 8.86
C GLY B 283 0.02 -2.33 8.98
N ASP B 284 -0.33 -2.65 10.22
CA ASP B 284 -1.22 -3.77 10.48
C ASP B 284 -2.49 -3.62 9.65
N VAL B 285 -2.63 -4.44 8.61
CA VAL B 285 -3.84 -4.43 7.80
C VAL B 285 -4.12 -5.81 7.20
N ASP B 286 -5.38 -6.09 6.89
CA ASP B 286 -5.76 -7.30 6.17
C ASP B 286 -6.29 -6.92 4.80
N TYR B 287 -6.61 -7.91 3.95
CA TYR B 287 -6.98 -7.64 2.56
C TYR B 287 -8.26 -8.33 2.15
N SER B 288 -8.99 -7.72 1.23
CA SER B 288 -10.24 -8.30 0.77
C SER B 288 -10.55 -7.75 -0.62
N ARG B 289 -11.21 -8.53 -1.45
CA ARG B 289 -11.69 -8.00 -2.72
C ARG B 289 -13.22 -8.13 -2.75
N LYS B 290 -13.83 -7.90 -1.59
CA LYS B 290 -15.24 -8.18 -1.38
C LYS B 290 -16.11 -6.95 -1.50
N LYS B 291 -15.67 -5.86 -0.89
CA LYS B 291 -16.42 -4.61 -0.92
C LYS B 291 -15.48 -3.46 -0.58
N PRO B 292 -15.78 -2.25 -1.08
CA PRO B 292 -14.89 -1.11 -0.84
C PRO B 292 -14.67 -0.86 0.66
N LYS B 293 -13.49 -0.39 1.06
CA LYS B 293 -13.31 -0.01 2.45
C LYS B 293 -13.70 1.46 2.56
N TYR B 294 -14.43 1.85 3.61
CA TYR B 294 -14.77 3.27 3.78
C TYR B 294 -14.29 3.82 5.12
N TYR B 295 -14.03 5.14 5.20
CA TYR B 295 -13.61 5.76 6.48
C TYR B 295 -14.76 6.58 7.06
N THR B 296 -15.89 5.90 7.21
CA THR B 296 -17.18 6.49 7.49
C THR B 296 -17.16 7.36 8.73
N MET B 297 -16.81 6.82 9.89
CA MET B 297 -16.91 7.64 11.11
C MET B 297 -15.99 8.86 11.07
N PRO B 298 -14.70 8.66 10.74
CA PRO B 298 -13.78 9.80 10.63
C PRO B 298 -14.23 10.79 9.59
N ALA B 299 -14.81 10.33 8.49
CA ALA B 299 -15.26 11.27 7.46
C ALA B 299 -16.41 12.10 8.00
N LEU B 300 -17.34 11.44 8.68
CA LEU B 300 -18.49 12.12 9.27
C LEU B 300 -18.00 13.25 10.15
N LEU B 301 -17.24 12.88 11.18
CA LEU B 301 -16.91 13.82 12.25
C LEU B 301 -15.99 14.93 11.75
N ALA B 302 -14.89 14.60 11.06
CA ALA B 302 -14.00 15.65 10.58
C ALA B 302 -14.64 16.40 9.42
N GLY B 303 -15.35 15.67 8.58
CA GLY B 303 -16.04 16.31 7.47
C GLY B 303 -16.99 17.34 8.01
N SER B 304 -17.77 16.96 9.01
CA SER B 304 -18.79 17.88 9.51
C SER B 304 -18.25 18.96 10.43
N TYR B 305 -17.23 18.62 11.21
CA TYR B 305 -16.66 19.64 12.06
C TYR B 305 -16.03 20.76 11.21
N TYR B 306 -15.22 20.36 10.25
CA TYR B 306 -14.42 21.30 9.46
C TYR B 306 -15.11 21.84 8.22
N LYS B 307 -16.35 21.45 7.99
CA LYS B 307 -17.11 21.76 6.76
C LYS B 307 -16.26 21.51 5.51
N ASP B 308 -15.90 20.26 5.27
CA ASP B 308 -14.95 19.90 4.24
C ASP B 308 -15.62 19.04 3.17
N GLU B 309 -15.69 19.57 1.97
CA GLU B 309 -16.42 18.92 0.88
C GLU B 309 -15.74 17.67 0.30
N TYR B 310 -14.45 17.51 0.60
CA TYR B 310 -13.73 16.32 0.16
C TYR B 310 -14.06 15.16 1.10
N LEU B 311 -13.95 15.43 2.40
CA LEU B 311 -14.18 14.43 3.41
C LEU B 311 -15.65 14.09 3.44
N ASN B 312 -16.51 15.06 3.12
CA ASN B 312 -17.93 14.74 3.10
C ASN B 312 -18.24 13.76 1.97
N TYR B 313 -17.53 13.87 0.85
CA TYR B 313 -17.71 12.95 -0.27
C TYR B 313 -17.34 11.53 0.20
N GLU B 314 -16.22 11.45 0.90
CA GLU B 314 -15.81 10.19 1.49
C GLU B 314 -16.98 9.58 2.28
N PHE B 315 -17.64 10.38 3.11
CA PHE B 315 -18.75 9.89 3.91
C PHE B 315 -19.90 9.35 3.09
N LEU B 316 -20.34 10.14 2.12
CA LEU B 316 -21.52 9.80 1.33
C LEU B 316 -21.37 8.55 0.48
N LYS B 317 -20.13 8.06 0.34
CA LYS B 317 -19.90 6.81 -0.36
C LYS B 317 -20.61 5.68 0.38
N ASP B 318 -20.61 5.73 1.71
CA ASP B 318 -21.31 4.76 2.54
C ASP B 318 -21.74 5.46 3.82
N PRO B 319 -22.92 6.11 3.81
CA PRO B 319 -23.38 6.91 4.93
C PRO B 319 -23.99 6.07 6.05
N ASN B 320 -23.54 4.83 6.19
CA ASN B 320 -24.12 3.94 7.21
C ASN B 320 -23.19 3.80 8.44
N VAL B 321 -23.53 4.53 9.49
CA VAL B 321 -22.77 4.59 10.72
C VAL B 321 -23.05 3.39 11.61
N GLU B 322 -22.06 2.90 12.35
CA GLU B 322 -22.29 1.85 13.34
C GLU B 322 -23.40 2.24 14.32
N PRO B 323 -24.28 1.29 14.68
CA PRO B 323 -25.42 1.58 15.54
C PRO B 323 -25.13 2.48 16.74
N HIS B 324 -24.10 2.18 17.52
CA HIS B 324 -23.86 2.98 18.72
C HIS B 324 -23.48 4.43 18.38
N CYS B 325 -23.05 4.67 17.15
CA CYS B 325 -22.74 6.02 16.72
C CYS B 325 -23.87 6.72 15.97
N LYS B 326 -25.00 6.05 15.74
CA LYS B 326 -26.12 6.70 15.03
C LYS B 326 -26.51 8.04 15.65
N LEU B 327 -26.57 8.07 16.97
CA LEU B 327 -26.99 9.25 17.71
C LEU B 327 -26.09 10.42 17.40
N PHE B 328 -24.80 10.11 17.29
CA PHE B 328 -23.80 11.12 17.07
C PHE B 328 -23.91 11.63 15.64
N GLU B 329 -24.29 10.77 14.70
CA GLU B 329 -24.56 11.24 13.35
C GLU B 329 -25.68 12.24 13.43
N PHE B 330 -26.74 11.88 14.16
CA PHE B 330 -27.89 12.74 14.36
C PHE B 330 -27.58 14.09 15.03
N LEU B 331 -26.97 14.08 16.21
CA LEU B 331 -26.61 15.36 16.84
C LEU B 331 -25.62 16.20 16.01
N TRP B 332 -24.61 15.57 15.41
CA TRP B 332 -23.49 16.35 14.84
C TRP B 332 -23.38 16.53 13.31
N ARG B 333 -23.98 15.63 12.53
CA ARG B 333 -23.78 15.67 11.08
C ARG B 333 -24.17 17.01 10.46
N ASP B 334 -23.44 17.45 9.43
CA ASP B 334 -23.78 18.68 8.71
C ASP B 334 -24.50 18.32 7.40
N THR B 335 -25.80 18.59 7.32
CA THR B 335 -26.56 18.06 6.18
C THR B 335 -26.71 18.99 4.99
N GLN B 336 -26.13 20.18 5.10
CA GLN B 336 -26.22 21.12 3.97
C GLN B 336 -24.83 21.25 3.33
N LEU B 337 -23.88 20.45 3.83
CA LEU B 337 -22.53 20.39 3.29
C LEU B 337 -22.52 19.80 1.88
N GLY B 338 -21.69 20.39 1.01
CA GLY B 338 -21.53 19.89 -0.35
C GLY B 338 -20.58 18.72 -0.36
N SER B 339 -20.35 18.15 -1.53
CA SER B 339 -19.38 17.07 -1.64
C SER B 339 -18.60 17.20 -2.95
N ARG B 340 -17.28 17.02 -2.87
CA ARG B 340 -16.36 17.07 -4.02
C ARG B 340 -15.72 15.72 -4.24
N LYS B 341 -15.72 15.26 -5.48
CA LYS B 341 -14.92 14.10 -5.83
C LYS B 341 -13.45 14.53 -5.84
N PRO B 342 -12.54 13.58 -5.60
CA PRO B 342 -11.12 13.88 -5.47
C PRO B 342 -10.45 14.24 -6.79
N ASP B 343 -11.21 14.32 -7.87
CA ASP B 343 -10.64 14.37 -9.22
C ASP B 343 -9.76 15.56 -9.54
N ASP B 344 -10.08 16.70 -8.92
CA ASP B 344 -9.32 17.93 -9.15
C ASP B 344 -8.25 18.22 -8.09
N LEU B 345 -7.93 17.23 -7.26
CA LEU B 345 -6.88 17.40 -6.30
C LEU B 345 -5.54 17.18 -6.98
N PRO B 346 -4.52 17.93 -6.56
CA PRO B 346 -3.13 17.70 -6.96
C PRO B 346 -2.76 16.23 -6.92
N LEU B 347 -1.85 15.79 -7.80
CA LEU B 347 -1.59 14.37 -7.95
C LEU B 347 -0.51 13.86 -7.03
N SER B 348 0.05 14.75 -6.22
CA SER B 348 1.08 14.35 -5.25
C SER B 348 0.90 15.12 -3.97
N ARG B 349 0.93 14.46 -2.82
CA ARG B 349 0.79 15.10 -1.52
C ARG B 349 1.91 14.69 -0.53
N TYR B 350 2.51 15.68 0.12
CA TYR B 350 3.67 15.44 0.97
C TYR B 350 3.33 15.65 2.43
N SER B 351 3.78 14.74 3.29
CA SER B 351 3.57 14.85 4.72
C SER B 351 4.91 14.89 5.41
N GLY B 352 5.22 16.03 6.02
CA GLY B 352 6.53 16.28 6.59
C GLY B 352 6.72 15.74 8.00
N SER B 353 7.59 16.36 8.78
CA SER B 353 7.94 15.81 10.08
C SER B 353 6.71 15.61 10.93
N PRO B 354 6.67 14.50 11.69
CA PRO B 354 7.71 13.49 11.84
C PRO B 354 7.62 12.30 10.87
N PHE B 355 6.95 12.51 9.74
CA PHE B 355 6.78 11.42 8.78
C PHE B 355 7.77 11.44 7.64
N GLY B 356 7.59 12.39 6.73
CA GLY B 356 8.36 12.42 5.51
C GLY B 356 7.80 11.37 4.57
N TRP B 357 6.51 11.46 4.26
CA TRP B 357 5.90 10.49 3.37
C TRP B 357 5.42 11.20 2.14
N MET B 358 5.65 10.58 1.00
CA MET B 358 5.14 11.08 -0.25
C MET B 358 4.20 10.07 -0.88
N ILE B 359 3.03 10.55 -1.29
CA ILE B 359 2.12 9.73 -2.06
C ILE B 359 1.96 10.41 -3.42
N ALA B 360 2.20 9.67 -4.51
CA ALA B 360 2.06 10.27 -5.84
C ALA B 360 1.24 9.41 -6.81
N ARG B 361 0.45 10.07 -7.66
CA ARG B 361 -0.43 9.40 -8.60
C ARG B 361 -0.25 9.91 -10.06
N THR B 362 -0.80 9.19 -11.03
CA THR B 362 -0.85 9.69 -12.41
C THR B 362 -2.28 10.08 -12.78
N GLY B 363 -3.24 9.81 -11.90
CA GLY B 363 -4.62 10.20 -12.11
C GLY B 363 -5.53 9.80 -10.96
N TRP B 364 -6.84 9.84 -11.22
CA TRP B 364 -7.81 9.43 -10.22
C TRP B 364 -8.76 8.37 -10.77
N GLY B 365 -8.51 7.89 -11.98
CA GLY B 365 -9.40 6.91 -12.59
C GLY B 365 -8.81 5.51 -12.52
N PRO B 366 -9.51 4.55 -13.14
CA PRO B 366 -9.04 3.16 -13.24
C PRO B 366 -7.61 3.02 -13.78
N GLU B 367 -7.18 3.95 -14.66
CA GLU B 367 -5.86 3.93 -15.27
C GLU B 367 -4.75 4.56 -14.41
N SER B 368 -4.90 4.60 -13.10
CA SER B 368 -3.92 5.37 -12.37
C SER B 368 -2.87 4.60 -11.59
N VAL B 369 -1.63 5.07 -11.67
CA VAL B 369 -0.51 4.55 -10.88
C VAL B 369 -0.54 5.21 -9.52
N ILE B 370 -0.37 4.46 -8.43
CA ILE B 370 -0.34 5.04 -7.08
C ILE B 370 0.93 4.62 -6.34
N ALA B 371 1.79 5.59 -5.99
CA ALA B 371 3.13 5.33 -5.49
C ALA B 371 3.39 5.92 -4.10
N GLU B 372 4.06 5.15 -3.25
CA GLU B 372 4.25 5.58 -1.88
C GLU B 372 5.73 5.46 -1.51
N MET B 373 6.23 6.54 -0.92
CA MET B 373 7.65 6.63 -0.59
C MET B 373 7.76 7.14 0.83
N LYS B 374 8.43 6.36 1.67
CA LYS B 374 8.45 6.68 3.09
C LYS B 374 9.85 6.86 3.68
N VAL B 375 9.98 7.80 4.61
CA VAL B 375 11.24 7.97 5.33
C VAL B 375 11.05 7.43 6.74
N ASN B 376 10.21 8.11 7.52
CA ASN B 376 9.93 7.80 8.93
C ASN B 376 10.98 8.43 9.84
N GLU B 377 10.70 9.63 10.34
CA GLU B 377 11.68 10.24 11.25
C GLU B 377 11.54 9.67 12.66
N TYR B 378 10.30 9.35 13.02
CA TYR B 378 10.05 8.68 14.28
C TYR B 378 9.21 7.42 14.11
N SER B 379 9.32 6.52 15.09
CA SER B 379 8.47 5.36 15.07
C SER B 379 7.46 5.38 16.21
N PHE B 380 6.24 4.96 15.90
CA PHE B 380 5.19 5.02 16.88
C PHE B 380 4.86 3.66 17.53
N LEU B 381 5.46 2.60 17.00
CA LEU B 381 5.19 1.23 17.44
C LEU B 381 3.72 0.86 17.32
N ASN B 382 3.26 -0.02 18.20
CA ASN B 382 1.90 -0.55 18.11
C ASN B 382 1.64 -1.02 16.68
N HIS B 383 0.66 -0.42 16.01
CA HIS B 383 0.24 -0.86 14.67
C HIS B 383 1.09 -0.40 13.47
N GLN B 384 2.11 0.41 13.77
CA GLN B 384 3.10 0.81 12.77
C GLN B 384 4.23 -0.23 12.60
N HIS B 385 4.77 -0.30 11.37
CA HIS B 385 5.77 -1.28 10.98
C HIS B 385 7.14 -0.64 10.93
N GLN B 386 8.20 -1.40 11.24
CA GLN B 386 9.59 -0.88 11.22
C GLN B 386 10.04 -0.84 9.77
N ASP B 387 9.46 0.12 9.05
CA ASP B 387 9.47 0.07 7.61
C ASP B 387 10.02 1.35 7.02
N ALA B 388 11.06 1.89 7.65
CA ALA B 388 11.68 3.09 7.09
C ALA B 388 12.19 2.86 5.65
N GLY B 389 11.96 3.86 4.81
CA GLY B 389 12.52 3.89 3.46
C GLY B 389 11.74 3.06 2.45
N ALA B 390 10.63 2.48 2.91
CA ALA B 390 9.86 1.59 2.06
C ALA B 390 9.16 2.29 0.89
N PHE B 391 9.11 1.63 -0.26
CA PHE B 391 8.26 2.12 -1.33
C PHE B 391 7.15 1.12 -1.63
N GLN B 392 6.05 1.64 -2.17
CA GLN B 392 4.95 0.80 -2.57
C GLN B 392 4.38 1.35 -3.88
N ILE B 393 4.04 0.49 -4.85
CA ILE B 393 3.47 0.92 -6.13
C ILE B 393 2.30 0.03 -6.53
N TYR B 394 1.16 0.66 -6.79
CA TYR B 394 -0.03 0.01 -7.29
C TYR B 394 -0.29 0.53 -8.69
N TYR B 395 -0.70 -0.34 -9.61
CA TYR B 395 -1.22 0.07 -10.92
C TYR B 395 -1.91 -1.11 -11.58
N LYS B 396 -3.23 -1.00 -11.77
CA LYS B 396 -4.06 -2.12 -12.20
C LYS B 396 -3.61 -3.37 -11.43
N GLY B 397 -3.56 -3.26 -10.10
CA GLY B 397 -3.11 -4.35 -9.25
C GLY B 397 -1.94 -3.89 -8.42
N PRO B 398 -1.69 -4.52 -7.26
CA PRO B 398 -0.53 -4.20 -6.45
C PRO B 398 0.71 -4.82 -7.08
N LEU B 399 1.73 -3.99 -7.28
CA LEU B 399 2.91 -4.43 -8.02
C LEU B 399 4.11 -4.52 -7.05
N ALA B 400 4.60 -3.38 -6.59
CA ALA B 400 5.64 -3.41 -5.56
C ALA B 400 4.86 -3.44 -4.27
N ILE B 401 4.87 -4.58 -3.57
CA ILE B 401 3.93 -4.67 -2.45
C ILE B 401 4.52 -4.44 -1.05
N ASP B 402 3.61 -4.43 -0.09
CA ASP B 402 3.91 -4.32 1.32
C ASP B 402 3.42 -5.66 1.88
N ALA B 403 4.35 -6.60 2.01
CA ALA B 403 4.00 -7.99 2.24
C ALA B 403 3.56 -8.33 3.66
N GLY B 404 3.06 -9.56 3.80
CA GLY B 404 2.54 -10.07 5.06
C GLY B 404 1.09 -9.69 5.26
N SER B 405 0.52 -10.16 6.38
CA SER B 405 -0.84 -9.83 6.74
C SER B 405 -1.08 -9.89 8.25
N TYR B 406 -1.89 -8.96 8.74
CA TYR B 406 -2.22 -8.86 10.15
C TYR B 406 -2.69 -10.19 10.73
N THR B 407 -3.77 -10.74 10.16
CA THR B 407 -4.34 -12.00 10.64
C THR B 407 -4.15 -13.15 9.63
N GLY B 408 -4.53 -14.35 10.04
CA GLY B 408 -4.28 -15.54 9.23
C GLY B 408 -4.03 -16.76 10.08
N SER B 409 -3.48 -17.81 9.48
CA SER B 409 -3.24 -19.07 10.20
C SER B 409 -2.27 -18.90 11.36
N SER B 410 -1.41 -17.89 11.32
CA SER B 410 -0.46 -17.66 12.40
C SER B 410 -1.20 -17.12 13.62
N GLY B 411 -2.31 -16.45 13.36
CA GLY B 411 -3.07 -15.82 14.43
C GLY B 411 -3.26 -14.33 14.18
N GLY B 412 -3.34 -13.57 15.28
CA GLY B 412 -3.59 -12.15 15.23
C GLY B 412 -2.40 -11.31 15.58
N TYR B 413 -2.62 -10.31 16.42
CA TYR B 413 -1.59 -9.31 16.71
C TYR B 413 -0.37 -9.99 17.31
N ASN B 414 -0.58 -11.01 18.12
CA ASN B 414 0.54 -11.59 18.87
C ASN B 414 1.16 -12.77 18.15
N SER B 415 0.81 -12.95 16.88
CA SER B 415 1.34 -14.07 16.10
C SER B 415 2.85 -13.99 15.91
N PRO B 416 3.50 -15.14 15.73
CA PRO B 416 4.88 -15.12 15.27
C PRO B 416 5.04 -14.34 13.95
N HIS B 417 4.08 -14.49 13.03
CA HIS B 417 4.13 -13.76 11.78
C HIS B 417 4.22 -12.25 11.96
N ASN B 418 3.47 -11.73 12.90
CA ASN B 418 3.56 -10.31 13.22
C ASN B 418 4.93 -9.94 13.75
N LYS B 419 5.42 -10.66 14.76
CA LYS B 419 6.65 -10.29 15.45
C LYS B 419 7.89 -10.51 14.60
N ASN B 420 7.81 -11.45 13.67
CA ASN B 420 8.98 -11.93 12.93
C ASN B 420 8.97 -11.57 11.46
N PHE B 421 7.81 -11.23 10.90
CA PHE B 421 7.81 -10.86 9.49
C PHE B 421 7.07 -9.58 9.26
N PHE B 422 5.77 -9.57 9.51
CA PHE B 422 4.89 -8.44 9.20
C PHE B 422 5.36 -7.04 9.62
N LYS B 423 5.64 -6.84 10.91
CA LYS B 423 6.06 -5.53 11.41
C LYS B 423 7.55 -5.28 11.18
N ARG B 424 8.24 -6.22 10.54
CA ARG B 424 9.68 -6.10 10.37
C ARG B 424 10.05 -5.57 8.97
N THR B 425 11.28 -5.09 8.87
CA THR B 425 11.76 -4.50 7.63
C THR B 425 11.75 -5.47 6.45
N ILE B 426 12.01 -6.75 6.70
CA ILE B 426 12.07 -7.75 5.64
C ILE B 426 10.75 -7.91 4.88
N ALA B 427 9.64 -7.48 5.50
CA ALA B 427 8.34 -7.55 4.84
C ALA B 427 8.14 -6.44 3.83
N HIS B 428 9.04 -5.47 3.79
CA HIS B 428 8.87 -4.27 2.95
C HIS B 428 9.91 -4.08 1.86
N ASN B 429 9.59 -3.26 0.88
CA ASN B 429 10.62 -2.84 -0.06
C ASN B 429 11.63 -1.85 0.51
N SER B 430 12.55 -2.35 1.34
CA SER B 430 13.55 -1.50 1.99
C SER B 430 14.95 -2.13 1.97
N LEU B 431 15.76 -1.87 3.00
CA LEU B 431 17.12 -2.34 2.99
C LEU B 431 17.46 -3.17 4.22
N LEU B 432 18.15 -4.29 4.00
CA LEU B 432 18.66 -5.13 5.09
C LEU B 432 20.18 -5.03 5.19
N ILE B 433 20.68 -4.99 6.43
CA ILE B 433 22.10 -5.20 6.70
C ILE B 433 22.25 -6.28 7.79
N TYR B 434 22.85 -7.41 7.46
CA TYR B 434 22.84 -8.56 8.38
C TYR B 434 24.02 -8.65 9.36
N ASP B 435 23.74 -8.35 10.62
CA ASP B 435 24.72 -8.62 11.66
C ASP B 435 24.30 -9.92 12.34
N PRO B 436 25.15 -10.96 12.28
CA PRO B 436 24.80 -12.24 12.90
C PRO B 436 24.69 -12.24 14.44
N LYS B 437 25.23 -11.21 15.10
CA LYS B 437 25.23 -11.16 16.55
C LYS B 437 24.15 -10.25 17.10
N GLU B 438 23.46 -9.51 16.26
CA GLU B 438 22.46 -8.54 16.70
C GLU B 438 21.23 -9.20 17.29
N THR B 439 20.70 -8.64 18.38
CA THR B 439 19.49 -9.19 18.98
C THR B 439 18.39 -8.14 19.01
N PHE B 440 17.15 -8.57 18.80
CA PHE B 440 15.98 -7.67 18.75
C PHE B 440 15.05 -7.98 19.93
N SER B 441 15.08 -7.13 20.95
CA SER B 441 14.42 -7.40 22.24
C SER B 441 12.93 -7.08 22.16
N SER B 442 12.07 -8.06 22.48
CA SER B 442 10.64 -7.96 22.23
C SER B 442 9.73 -8.25 23.41
N SER B 443 10.29 -8.33 24.61
CA SER B 443 9.55 -8.79 25.79
C SER B 443 8.24 -8.04 26.11
N GLY B 444 8.14 -6.78 25.70
CA GLY B 444 6.94 -5.97 25.96
C GLY B 444 5.95 -5.93 24.82
N TYR B 445 6.15 -6.69 23.76
CA TYR B 445 5.21 -6.67 22.63
C TYR B 445 3.97 -7.51 22.88
N GLY B 446 2.79 -6.96 22.57
CA GLY B 446 1.51 -7.64 22.69
C GLY B 446 1.06 -7.90 24.12
N GLY B 447 -0.13 -8.47 24.29
CA GLY B 447 -0.63 -8.78 25.62
C GLY B 447 -0.92 -10.26 25.83
N SER B 448 -0.20 -11.09 25.08
CA SER B 448 -0.37 -12.53 25.07
C SER B 448 0.75 -13.20 24.24
N ASP B 449 1.16 -14.41 24.63
CA ASP B 449 2.26 -15.14 23.99
C ASP B 449 3.56 -14.34 24.01
N HIS B 450 3.91 -13.81 25.18
CA HIS B 450 5.13 -13.02 25.31
C HIS B 450 6.42 -13.77 24.98
N THR B 451 7.32 -13.05 24.30
CA THR B 451 8.57 -13.55 23.74
C THR B 451 9.70 -12.54 23.97
N ASP B 452 10.83 -12.99 24.51
CA ASP B 452 11.95 -12.11 24.88
C ASP B 452 12.72 -11.54 23.68
N PHE B 453 12.76 -12.32 22.61
CA PHE B 453 13.47 -11.94 21.39
C PHE B 453 12.66 -12.35 20.16
N ALA B 454 12.69 -11.49 19.14
CA ALA B 454 12.12 -11.84 17.85
C ALA B 454 13.31 -12.18 16.94
N ALA B 455 13.03 -12.65 15.71
CA ALA B 455 14.08 -13.17 14.86
C ALA B 455 14.95 -12.04 14.34
N ASN B 456 16.14 -12.39 13.87
CA ASN B 456 17.03 -11.44 13.22
C ASN B 456 16.65 -11.37 11.73
N ASP B 457 16.04 -10.28 11.29
CA ASP B 457 15.71 -10.19 9.86
C ASP B 457 16.72 -9.32 9.11
N GLY B 458 17.78 -8.92 9.82
CA GLY B 458 18.73 -7.98 9.25
C GLY B 458 18.10 -6.61 9.03
N GLY B 459 17.04 -6.32 9.77
CA GLY B 459 16.26 -5.13 9.55
C GLY B 459 16.49 -3.99 10.53
N GLN B 460 15.45 -3.19 10.73
CA GLN B 460 15.52 -2.03 11.61
C GLN B 460 15.37 -2.44 13.08
N ARG B 461 15.88 -1.64 14.00
CA ARG B 461 15.82 -1.93 15.43
C ARG B 461 14.39 -2.06 15.90
N LEU B 462 14.20 -2.75 17.03
CA LEU B 462 12.92 -2.68 17.74
C LEU B 462 13.07 -1.71 18.90
N PRO B 463 12.58 -0.48 18.73
CA PRO B 463 12.75 0.58 19.72
C PRO B 463 11.96 0.32 21.00
N GLY B 464 12.23 1.09 22.04
CA GLY B 464 11.48 0.99 23.29
C GLY B 464 11.99 -0.08 24.26
N LYS B 465 11.30 -0.20 25.38
CA LYS B 465 11.69 -1.18 26.40
C LYS B 465 11.08 -2.53 26.01
N GLY B 466 11.88 -3.34 25.32
CA GLY B 466 11.40 -4.59 24.73
C GLY B 466 10.26 -4.43 23.73
N TRP B 467 10.37 -3.47 22.81
CA TRP B 467 9.41 -3.30 21.72
C TRP B 467 8.02 -2.89 22.15
N ILE B 468 7.93 -1.94 23.09
CA ILE B 468 6.63 -1.34 23.41
C ILE B 468 6.64 0.17 23.34
N ALA B 469 5.51 0.74 22.92
CA ALA B 469 5.38 2.18 22.76
C ALA B 469 5.66 2.91 24.07
N PRO B 470 6.04 4.19 23.96
CA PRO B 470 6.25 4.97 25.16
C PRO B 470 4.90 5.46 25.69
N ARG B 471 4.92 5.88 26.95
CA ARG B 471 3.72 6.45 27.56
C ARG B 471 3.20 7.67 26.80
N ASP B 472 4.08 8.63 26.50
CA ASP B 472 3.68 9.93 25.96
C ASP B 472 4.76 10.58 25.06
N LEU B 473 4.56 11.83 24.63
CA LEU B 473 5.55 12.54 23.80
C LEU B 473 6.83 12.87 24.53
N LYS B 474 6.74 13.26 25.81
CA LYS B 474 7.93 13.55 26.59
C LYS B 474 8.86 12.32 26.67
N GLU B 475 8.27 11.15 26.89
CA GLU B 475 9.00 9.90 27.01
C GLU B 475 9.46 9.41 25.64
N MET B 476 8.64 9.65 24.62
CA MET B 476 9.02 9.30 23.24
C MET B 476 10.26 10.05 22.77
N LEU B 477 10.25 11.36 22.97
CA LEU B 477 11.36 12.20 22.52
C LEU B 477 12.65 11.89 23.28
N ALA B 478 12.53 11.46 24.53
CA ALA B 478 13.70 11.15 25.33
C ALA B 478 14.22 9.75 25.03
N GLY B 479 13.42 8.94 24.35
CA GLY B 479 13.79 7.55 24.16
C GLY B 479 14.69 7.28 22.97
N ASP B 480 14.51 6.12 22.33
CA ASP B 480 15.29 5.70 21.17
C ASP B 480 14.37 5.50 19.99
N PHE B 481 13.36 6.36 19.92
CA PHE B 481 12.30 6.21 18.92
C PHE B 481 12.55 6.94 17.61
N ARG B 482 13.72 7.54 17.48
CA ARG B 482 14.03 8.25 16.24
C ARG B 482 14.59 7.30 15.19
N THR B 483 14.01 7.34 14.01
CA THR B 483 14.42 6.42 12.95
C THR B 483 14.96 7.09 11.66
N GLY B 484 14.97 8.42 11.60
CA GLY B 484 15.42 9.07 10.37
C GLY B 484 15.42 10.59 10.30
N LYS B 485 15.85 11.12 9.16
CA LYS B 485 15.87 12.56 8.94
C LYS B 485 15.56 12.86 7.49
N ILE B 486 14.56 13.70 7.26
CA ILE B 486 14.21 14.14 5.92
C ILE B 486 15.31 15.12 5.51
N LEU B 487 15.87 14.92 4.31
CA LEU B 487 17.01 15.72 3.85
C LEU B 487 16.60 16.62 2.69
N ALA B 488 15.70 16.14 1.84
CA ALA B 488 15.20 16.93 0.72
C ALA B 488 13.87 16.36 0.25
N GLN B 489 13.04 17.23 -0.31
CA GLN B 489 11.77 16.80 -0.92
C GLN B 489 11.19 17.85 -1.87
N GLY B 490 10.31 17.42 -2.79
CA GLY B 490 9.52 18.33 -3.60
C GLY B 490 8.91 17.63 -4.80
N PHE B 491 8.09 18.37 -5.55
CA PHE B 491 7.47 17.88 -6.78
C PHE B 491 7.16 19.06 -7.70
N GLY B 492 7.34 18.86 -9.00
CA GLY B 492 7.05 19.93 -9.96
C GLY B 492 7.22 19.46 -11.40
N PRO B 493 7.38 20.40 -12.33
CA PRO B 493 7.34 21.84 -12.13
C PRO B 493 5.93 22.37 -11.82
N ASP B 494 4.89 21.66 -12.27
CA ASP B 494 3.52 22.03 -11.92
C ASP B 494 3.08 21.47 -10.59
N ASN B 495 2.41 22.29 -9.79
CA ASN B 495 1.89 21.80 -8.55
C ASN B 495 0.75 20.79 -8.78
N GLN B 496 0.00 20.98 -9.86
CA GLN B 496 -1.21 20.18 -10.13
C GLN B 496 -0.94 18.85 -10.84
N THR B 497 0.00 18.86 -11.78
CA THR B 497 0.41 17.62 -12.41
C THR B 497 1.95 17.56 -12.51
N PRO B 498 2.65 17.27 -11.38
CA PRO B 498 4.12 17.31 -11.41
C PRO B 498 4.76 16.21 -12.26
N ASP B 499 5.63 16.61 -13.19
CA ASP B 499 6.43 15.67 -13.96
C ASP B 499 7.32 14.76 -13.08
N TYR B 500 7.71 15.23 -11.88
CA TYR B 500 8.48 14.38 -10.95
C TYR B 500 7.99 14.55 -9.51
N THR B 501 8.26 13.54 -8.66
CA THR B 501 7.99 13.63 -7.23
C THR B 501 9.18 13.07 -6.47
N TYR B 502 9.74 13.89 -5.59
CA TYR B 502 11.06 13.59 -5.04
C TYR B 502 11.06 13.63 -3.52
N LEU B 503 11.80 12.70 -2.93
CA LEU B 503 11.96 12.62 -1.48
C LEU B 503 13.31 11.97 -1.14
N LYS B 504 13.98 12.43 -0.07
CA LYS B 504 15.24 11.83 0.34
C LYS B 504 15.32 11.79 1.86
N GLY B 505 15.84 10.70 2.40
CA GLY B 505 15.96 10.61 3.84
C GLY B 505 17.20 9.85 4.26
N ASP B 506 17.76 10.26 5.39
CA ASP B 506 18.84 9.52 6.04
C ASP B 506 18.12 8.72 7.12
N ILE B 507 18.10 7.41 7.00
CA ILE B 507 17.41 6.54 7.97
C ILE B 507 18.40 5.71 8.82
N THR B 508 19.57 6.27 9.09
CA THR B 508 20.60 5.56 9.83
C THR B 508 20.11 5.19 11.24
N ALA B 509 19.40 6.10 11.87
CA ALA B 509 18.95 5.90 13.24
C ALA B 509 17.94 4.75 13.36
N ALA B 510 17.31 4.37 12.23
CA ALA B 510 16.41 3.21 12.19
C ALA B 510 17.12 1.88 12.49
N TYR B 511 18.42 1.81 12.18
CA TYR B 511 19.19 0.61 12.36
C TYR B 511 20.10 0.72 13.59
N SER B 512 20.78 -0.37 13.91
CA SER B 512 21.69 -0.38 15.06
C SER B 512 23.03 0.15 14.62
N ALA B 513 24.05 -0.06 15.46
CA ALA B 513 25.40 0.45 15.18
C ALA B 513 26.06 -0.32 14.02
N LYS B 514 25.44 -1.42 13.59
CA LYS B 514 25.92 -2.17 12.43
C LYS B 514 26.04 -1.35 11.12
N VAL B 515 25.48 -0.13 11.05
CA VAL B 515 25.70 0.73 9.90
C VAL B 515 26.20 2.08 10.36
N LYS B 516 27.09 2.72 9.59
CA LYS B 516 27.52 4.08 9.87
C LYS B 516 26.61 5.11 9.20
N GLU B 517 25.90 4.68 8.16
CA GLU B 517 25.12 5.58 7.33
C GLU B 517 24.18 4.85 6.36
N VAL B 518 22.89 5.19 6.39
CA VAL B 518 21.96 4.67 5.38
C VAL B 518 21.10 5.80 4.83
N LYS B 519 21.12 5.96 3.51
CA LYS B 519 20.37 7.02 2.84
C LYS B 519 19.61 6.44 1.68
N ARG B 520 18.36 6.88 1.50
CA ARG B 520 17.56 6.39 0.41
C ARG B 520 16.92 7.58 -0.25
N SER B 521 17.04 7.65 -1.56
CA SER B 521 16.46 8.72 -2.34
C SER B 521 15.46 8.13 -3.28
N PHE B 522 14.22 8.61 -3.24
CA PHE B 522 13.26 8.18 -4.25
C PHE B 522 12.99 9.30 -5.21
N LEU B 523 12.98 8.98 -6.48
CA LEU B 523 12.48 9.93 -7.43
C LEU B 523 11.41 9.27 -8.30
N PHE B 524 10.17 9.71 -8.13
CA PHE B 524 9.05 9.21 -8.93
C PHE B 524 8.84 10.13 -10.13
N LEU B 525 8.60 9.50 -11.28
CA LEU B 525 8.36 10.19 -12.53
C LEU B 525 6.97 9.90 -13.07
N ASN B 526 6.22 10.96 -13.37
CA ASN B 526 4.95 10.81 -14.08
C ASN B 526 5.18 11.10 -15.57
N LEU B 527 5.30 10.04 -16.37
CA LEU B 527 5.70 10.14 -17.76
C LEU B 527 4.66 10.73 -18.70
N LYS B 528 3.46 11.03 -18.21
CA LYS B 528 2.40 11.61 -19.05
C LYS B 528 2.19 10.84 -20.36
N ASP B 529 2.06 9.52 -20.25
CA ASP B 529 1.98 8.62 -21.40
C ASP B 529 1.05 7.46 -21.08
N ALA B 530 0.21 7.11 -22.05
CA ALA B 530 -0.67 5.95 -21.93
C ALA B 530 0.15 4.65 -21.76
N LYS B 531 1.01 4.37 -22.74
CA LYS B 531 1.78 3.13 -22.80
C LYS B 531 2.54 2.87 -21.50
N VAL B 532 3.39 3.81 -21.12
CA VAL B 532 4.18 3.67 -19.91
C VAL B 532 3.96 4.91 -19.07
N PRO B 533 3.01 4.85 -18.15
CA PRO B 533 2.59 6.02 -17.39
C PRO B 533 3.58 6.47 -16.32
N ALA B 534 4.39 5.58 -15.76
CA ALA B 534 5.22 6.02 -14.65
C ALA B 534 6.48 5.21 -14.51
N ALA B 535 7.47 5.84 -13.88
CA ALA B 535 8.68 5.14 -13.51
C ALA B 535 9.05 5.58 -12.11
N MET B 536 9.88 4.83 -11.40
CA MET B 536 10.40 5.30 -10.12
C MET B 536 11.88 4.94 -10.00
N ILE B 537 12.70 5.90 -9.61
CA ILE B 537 14.12 5.69 -9.46
C ILE B 537 14.39 5.70 -7.95
N VAL B 538 15.21 4.76 -7.50
CA VAL B 538 15.53 4.68 -6.07
C VAL B 538 17.05 4.54 -6.02
N PHE B 539 17.70 5.51 -5.37
CA PHE B 539 19.15 5.49 -5.20
C PHE B 539 19.50 5.40 -3.71
N ASP B 540 20.26 4.39 -3.32
CA ASP B 540 20.60 4.19 -1.90
C ASP B 540 22.10 4.21 -1.61
N LYS B 541 22.47 4.64 -0.42
CA LYS B 541 23.81 4.43 0.07
C LYS B 541 23.68 3.68 1.41
N VAL B 542 24.52 2.66 1.59
CA VAL B 542 24.58 1.94 2.87
C VAL B 542 26.05 1.72 3.22
N VAL B 543 26.44 2.21 4.40
CA VAL B 543 27.80 1.98 4.86
C VAL B 543 27.70 1.17 6.14
N ALA B 544 28.26 -0.03 6.12
CA ALA B 544 28.23 -0.92 7.27
C ALA B 544 29.48 -0.76 8.12
N SER B 545 29.39 -1.12 9.40
CA SER B 545 30.55 -1.09 10.30
C SER B 545 31.53 -2.22 10.01
N ASN B 546 31.00 -3.27 9.39
CA ASN B 546 31.77 -4.46 9.05
C ASN B 546 31.46 -4.80 7.60
N PRO B 547 32.48 -4.86 6.74
CA PRO B 547 32.23 -5.11 5.33
C PRO B 547 31.55 -6.45 5.11
N ASP B 548 31.68 -7.34 6.09
CA ASP B 548 31.13 -8.68 5.97
C ASP B 548 29.62 -8.72 6.10
N PHE B 549 29.04 -7.75 6.79
CA PHE B 549 27.59 -7.71 7.00
C PHE B 549 26.84 -7.71 5.65
N LYS B 550 26.10 -8.77 5.34
CA LYS B 550 25.46 -8.88 4.00
C LYS B 550 24.36 -7.85 3.79
N LYS B 551 24.44 -7.14 2.67
CA LYS B 551 23.47 -6.11 2.36
C LYS B 551 22.42 -6.64 1.39
N PHE B 552 21.18 -6.24 1.59
CA PHE B 552 20.07 -6.70 0.75
C PHE B 552 19.25 -5.50 0.32
N TRP B 553 18.87 -5.46 -0.95
CA TRP B 553 17.82 -4.56 -1.45
C TRP B 553 16.62 -5.46 -1.79
N LEU B 554 15.41 -5.14 -1.31
CA LEU B 554 14.27 -6.05 -1.48
C LEU B 554 13.13 -5.54 -2.37
N LEU B 555 12.51 -6.42 -3.15
CA LEU B 555 11.30 -6.04 -3.90
C LEU B 555 10.25 -7.14 -3.85
N HIS B 556 9.16 -6.88 -3.12
CA HIS B 556 8.11 -7.89 -2.92
C HIS B 556 7.02 -7.91 -4.00
N SER B 557 6.53 -9.10 -4.36
CA SER B 557 5.39 -9.17 -5.28
C SER B 557 4.44 -10.28 -4.93
N ILE B 558 3.24 -10.22 -5.49
CA ILE B 558 2.30 -11.32 -5.34
C ILE B 558 2.72 -12.51 -6.19
N GLU B 559 2.81 -12.32 -7.51
CA GLU B 559 3.11 -13.42 -8.44
C GLU B 559 4.62 -13.58 -8.65
N GLN B 560 5.04 -14.64 -9.33
CA GLN B 560 6.49 -14.90 -9.50
C GLN B 560 7.22 -13.87 -10.36
N PRO B 561 8.36 -13.35 -9.86
CA PRO B 561 9.18 -12.45 -10.66
C PRO B 561 10.08 -13.22 -11.64
N GLU B 562 10.35 -12.65 -12.82
CA GLU B 562 11.27 -13.30 -13.77
C GLU B 562 12.58 -12.53 -13.86
N ILE B 563 13.70 -13.18 -13.58
CA ILE B 563 14.99 -12.50 -13.59
C ILE B 563 15.81 -12.75 -14.86
N LYS B 564 15.97 -11.69 -15.66
CA LYS B 564 16.72 -11.81 -16.90
C LYS B 564 17.86 -10.81 -16.98
N GLY B 565 19.07 -11.26 -16.64
CA GLY B 565 20.21 -10.36 -16.54
C GLY B 565 20.00 -9.37 -15.41
N ASN B 566 19.88 -8.09 -15.78
CA ASN B 566 19.65 -6.99 -14.84
C ASN B 566 18.20 -6.49 -14.94
N GLN B 567 17.32 -7.34 -15.42
CA GLN B 567 15.94 -6.94 -15.63
C GLN B 567 15.04 -7.85 -14.80
N ILE B 568 14.37 -7.30 -13.78
CA ILE B 568 13.37 -8.02 -12.99
C ILE B 568 11.97 -7.66 -13.48
N THR B 569 11.19 -8.64 -13.93
CA THR B 569 9.83 -8.35 -14.42
C THR B 569 8.76 -8.93 -13.49
N ILE B 570 7.74 -8.13 -13.17
CA ILE B 570 6.67 -8.57 -12.29
C ILE B 570 5.32 -8.25 -12.94
N LYS B 571 4.44 -9.24 -12.95
CA LYS B 571 3.14 -9.10 -13.60
C LYS B 571 1.99 -9.45 -12.65
N ARG B 572 0.80 -8.98 -13.02
CA ARG B 572 -0.41 -9.47 -12.39
C ARG B 572 -1.35 -10.00 -13.45
N THR B 573 -1.97 -11.13 -13.15
CA THR B 573 -2.76 -11.87 -14.12
C THR B 573 -4.00 -12.43 -13.46
N LYS B 574 -4.12 -12.17 -12.16
CA LYS B 574 -5.20 -12.74 -11.36
C LYS B 574 -6.09 -11.63 -10.77
N ASN B 575 -7.37 -11.96 -10.59
CA ASN B 575 -8.35 -11.11 -9.92
C ASN B 575 -8.81 -9.94 -10.75
N GLY B 576 -8.61 -10.04 -12.07
CA GLY B 576 -8.92 -8.94 -12.98
C GLY B 576 -7.85 -7.86 -13.04
N ASP B 577 -6.68 -8.11 -12.45
CA ASP B 577 -5.56 -7.17 -12.45
C ASP B 577 -4.63 -7.43 -13.63
N SER B 578 -3.96 -6.43 -14.18
CA SER B 578 -3.14 -6.67 -15.37
C SER B 578 -1.88 -5.79 -15.43
N GLY B 579 -1.56 -5.15 -14.32
CA GLY B 579 -0.41 -4.25 -14.25
C GLY B 579 0.94 -4.95 -14.29
N MET B 580 1.97 -4.24 -14.74
CA MET B 580 3.30 -4.82 -14.88
C MET B 580 4.33 -3.89 -14.31
N LEU B 581 5.31 -4.48 -13.64
CA LEU B 581 6.39 -3.72 -13.09
C LEU B 581 7.67 -4.26 -13.71
N VAL B 582 8.57 -3.39 -14.14
CA VAL B 582 9.83 -3.85 -14.70
C VAL B 582 10.96 -3.06 -14.04
N ASN B 583 11.86 -3.72 -13.33
CA ASN B 583 12.99 -3.05 -12.70
C ASN B 583 14.31 -3.26 -13.43
N THR B 584 15.03 -2.18 -13.75
CA THR B 584 16.35 -2.32 -14.35
C THR B 584 17.39 -2.05 -13.30
N ALA B 585 18.17 -3.05 -12.91
CA ALA B 585 19.13 -2.83 -11.85
C ALA B 585 20.43 -2.20 -12.38
N LEU B 586 20.65 -0.94 -12.04
CA LEU B 586 21.83 -0.22 -12.52
C LEU B 586 23.04 -0.28 -11.59
N LEU B 587 22.80 -0.28 -10.28
CA LEU B 587 23.90 -0.42 -9.33
C LEU B 587 23.47 -1.29 -8.14
N PRO B 588 24.31 -2.25 -7.79
CA PRO B 588 25.57 -2.51 -8.46
C PRO B 588 25.39 -2.97 -9.91
N ASP B 589 26.42 -2.73 -10.73
CA ASP B 589 26.45 -3.16 -12.14
C ASP B 589 26.52 -4.68 -12.25
N ALA B 590 26.28 -5.21 -13.44
CA ALA B 590 26.09 -6.66 -13.54
C ALA B 590 27.26 -7.48 -12.99
N ALA B 591 28.45 -6.88 -12.99
CA ALA B 591 29.69 -7.56 -12.60
C ALA B 591 29.77 -7.71 -11.09
N ASN B 592 28.97 -6.96 -10.36
CA ASN B 592 28.98 -7.02 -8.91
C ASN B 592 27.56 -7.28 -8.40
N SER B 593 26.68 -7.68 -9.32
CA SER B 593 25.26 -7.90 -8.98
C SER B 593 24.83 -9.38 -8.82
N ASN B 594 24.24 -9.68 -7.66
CA ASN B 594 23.52 -10.96 -7.46
C ASN B 594 22.03 -10.70 -7.36
N ILE B 595 21.25 -11.17 -8.33
CA ILE B 595 19.80 -10.95 -8.24
C ILE B 595 19.06 -12.28 -8.05
N THR B 596 18.40 -12.41 -6.90
CA THR B 596 17.81 -13.69 -6.49
C THR B 596 16.32 -13.54 -6.22
N SER B 597 15.52 -14.54 -6.57
CA SER B 597 14.10 -14.53 -6.20
C SER B 597 13.84 -15.60 -5.14
N ILE B 598 13.13 -15.23 -4.08
CA ILE B 598 12.71 -16.14 -3.02
C ILE B 598 11.20 -16.05 -2.86
N GLY B 599 10.53 -17.19 -2.97
CA GLY B 599 9.10 -17.21 -2.75
C GLY B 599 8.50 -18.57 -3.01
N GLY B 600 7.20 -18.56 -3.27
CA GLY B 600 6.49 -19.82 -3.40
C GLY B 600 6.22 -20.44 -2.04
N LYS B 601 5.57 -21.60 -2.08
CA LYS B 601 5.13 -22.33 -0.90
C LYS B 601 6.27 -22.52 0.13
N GLY B 602 6.05 -22.06 1.35
CA GLY B 602 7.04 -22.31 2.41
C GLY B 602 8.17 -21.30 2.42
N LYS B 603 8.05 -20.27 1.59
CA LYS B 603 9.09 -19.26 1.45
C LYS B 603 8.48 -17.88 1.25
N ASP B 604 7.16 -17.77 1.41
CA ASP B 604 6.49 -16.48 1.24
C ASP B 604 6.82 -15.49 2.34
N PHE B 605 7.13 -16.00 3.53
CA PHE B 605 7.45 -15.16 4.69
C PHE B 605 8.76 -15.64 5.26
N TRP B 606 9.71 -15.83 4.36
CA TRP B 606 10.99 -16.46 4.68
C TRP B 606 11.97 -15.51 5.35
N VAL B 607 12.45 -15.91 6.52
CA VAL B 607 13.42 -15.11 7.27
C VAL B 607 14.59 -15.97 7.77
N PHE B 608 15.60 -16.07 6.92
CA PHE B 608 16.88 -16.76 7.22
C PHE B 608 16.69 -18.06 7.99
N GLY B 609 16.20 -19.08 7.30
CA GLY B 609 16.04 -20.40 7.88
C GLY B 609 14.65 -20.76 8.36
N THR B 610 13.77 -19.79 8.59
CA THR B 610 12.42 -20.07 9.09
C THR B 610 11.32 -19.41 8.25
N ASN B 611 10.23 -20.12 7.95
CA ASN B 611 9.15 -19.49 7.24
C ASN B 611 8.00 -19.21 8.19
N TYR B 612 7.66 -17.93 8.32
CA TYR B 612 6.57 -17.55 9.23
C TYR B 612 5.20 -17.64 8.57
N THR B 613 4.77 -18.89 8.44
CA THR B 613 3.48 -19.20 7.82
C THR B 613 2.38 -18.30 8.40
N ASN B 614 1.59 -17.78 7.46
CA ASN B 614 0.39 -17.05 7.78
C ASN B 614 -0.53 -17.11 6.58
N ASP B 615 -1.19 -18.25 6.44
CA ASP B 615 -2.16 -18.46 5.37
C ASP B 615 -3.36 -17.62 5.72
N PRO B 616 -4.15 -17.22 4.72
CA PRO B 616 -5.35 -16.44 4.97
C PRO B 616 -6.39 -17.21 5.79
N LYS B 617 -7.17 -16.47 6.59
CA LYS B 617 -8.34 -17.06 7.21
C LYS B 617 -9.28 -17.46 6.08
N PRO B 618 -9.89 -18.64 6.17
CA PRO B 618 -10.80 -19.10 5.14
C PRO B 618 -11.62 -17.95 4.53
N GLY B 619 -11.69 -17.93 3.20
CA GLY B 619 -12.51 -16.96 2.47
C GLY B 619 -12.01 -15.54 2.35
N THR B 620 -10.86 -15.22 2.94
CA THR B 620 -10.31 -13.86 2.90
C THR B 620 -9.15 -13.72 1.91
N ASP B 621 -8.68 -12.50 1.66
CA ASP B 621 -7.50 -12.24 0.82
C ASP B 621 -7.52 -12.99 -0.51
N GLU B 622 -8.59 -12.83 -1.28
CA GLU B 622 -8.74 -13.58 -2.53
C GLU B 622 -7.78 -13.16 -3.64
N ALA B 623 -6.99 -12.12 -3.39
CA ALA B 623 -5.94 -11.68 -4.33
C ALA B 623 -4.53 -11.93 -3.79
N LEU B 624 -4.46 -12.58 -2.63
CA LEU B 624 -3.21 -12.95 -1.96
C LEU B 624 -2.28 -11.74 -1.86
N GLU B 625 -2.83 -10.62 -1.43
CA GLU B 625 -2.04 -9.39 -1.37
C GLU B 625 -1.06 -9.39 -0.19
N ARG B 626 -1.05 -10.45 0.62
CA ARG B 626 -0.02 -10.66 1.65
C ARG B 626 1.30 -11.05 0.94
N GLY B 627 1.18 -11.51 -0.32
CA GLY B 627 2.33 -11.74 -1.19
C GLY B 627 2.88 -13.15 -1.14
N GLU B 628 3.54 -13.57 -2.23
CA GLU B 628 4.16 -14.90 -2.28
C GLU B 628 5.62 -14.86 -2.75
N TRP B 629 6.11 -13.71 -3.18
CA TRP B 629 7.49 -13.58 -3.71
C TRP B 629 8.26 -12.32 -3.31
N ARG B 630 9.58 -12.43 -3.26
CA ARG B 630 10.47 -11.25 -3.22
C ARG B 630 11.72 -11.47 -4.07
N VAL B 631 12.31 -10.37 -4.53
CA VAL B 631 13.61 -10.39 -5.18
C VAL B 631 14.64 -9.80 -4.21
N GLU B 632 15.83 -10.38 -4.18
CA GLU B 632 16.93 -9.86 -3.36
C GLU B 632 18.19 -9.53 -4.16
N ILE B 633 18.56 -8.27 -4.11
CA ILE B 633 19.82 -7.82 -4.70
C ILE B 633 20.88 -7.68 -3.60
N THR B 634 22.00 -8.34 -3.81
CA THR B 634 23.12 -8.25 -2.89
C THR B 634 24.37 -8.08 -3.71
N PRO B 635 25.34 -7.31 -3.20
CA PRO B 635 26.57 -7.13 -3.96
C PRO B 635 27.43 -8.40 -3.90
N LYS B 636 28.25 -8.61 -4.92
CA LYS B 636 29.10 -9.81 -4.98
C LYS B 636 30.29 -9.64 -4.05
N LYS B 637 30.90 -8.46 -4.07
CA LYS B 637 32.08 -8.19 -3.27
C LYS B 637 31.70 -7.64 -1.89
N ALA B 638 32.18 -8.24 -0.80
CA ALA B 638 31.92 -7.71 0.55
C ALA B 638 32.67 -6.39 0.73
N ALA B 639 31.95 -5.36 1.16
CA ALA B 639 32.51 -4.00 1.21
C ALA B 639 31.81 -3.13 2.24
N ALA B 640 32.54 -2.23 2.87
CA ALA B 640 31.91 -1.29 3.79
C ALA B 640 30.81 -0.49 3.08
N GLU B 641 31.17 0.13 1.97
CA GLU B 641 30.32 1.12 1.33
C GLU B 641 29.70 0.57 0.05
N ASP B 642 28.37 0.58 -0.04
CA ASP B 642 27.67 0.07 -1.23
C ASP B 642 26.56 0.96 -1.74
N TYR B 643 26.21 0.83 -3.00
CA TYR B 643 25.20 1.70 -3.56
C TYR B 643 24.23 0.90 -4.38
N TYR B 644 22.97 1.29 -4.28
CA TYR B 644 21.97 0.61 -5.03
C TYR B 644 21.34 1.65 -5.94
N LEU B 645 21.19 1.35 -7.23
CA LEU B 645 20.43 2.26 -8.09
C LEU B 645 19.52 1.43 -8.98
N ASN B 646 18.23 1.57 -8.71
CA ASN B 646 17.21 0.80 -9.41
C ASN B 646 16.18 1.72 -10.10
N VAL B 647 15.77 1.34 -11.29
CA VAL B 647 14.83 2.10 -12.10
C VAL B 647 13.69 1.16 -12.48
N ILE B 648 12.51 1.52 -11.97
CA ILE B 648 11.26 0.78 -12.15
C ILE B 648 10.35 1.47 -13.18
N GLN B 649 9.87 0.71 -14.15
CA GLN B 649 8.85 1.22 -15.08
C GLN B 649 7.50 0.51 -14.88
N ILE B 650 6.42 1.27 -15.06
CA ILE B 650 5.09 0.72 -14.85
C ILE B 650 4.28 0.79 -16.15
N ALA B 651 3.62 -0.33 -16.51
CA ALA B 651 2.80 -0.42 -17.73
C ALA B 651 1.80 -1.59 -17.68
N ASP B 652 0.95 -1.70 -18.70
CA ASP B 652 0.05 -2.84 -18.81
C ASP B 652 0.90 -4.07 -19.05
N ASN B 653 0.44 -5.25 -18.64
CA ASN B 653 1.25 -6.44 -18.90
C ASN B 653 1.18 -6.85 -20.37
N THR B 654 0.52 -6.06 -21.20
CA THR B 654 0.47 -6.30 -22.65
C THR B 654 1.51 -5.47 -23.41
N GLN B 655 1.97 -4.39 -22.79
CA GLN B 655 2.95 -3.49 -23.39
C GLN B 655 4.28 -4.18 -23.66
N GLN B 656 4.63 -4.29 -24.94
CA GLN B 656 5.88 -4.93 -25.34
C GLN B 656 7.08 -4.00 -25.21
N LYS B 657 7.05 -2.87 -25.92
CA LYS B 657 8.15 -1.91 -25.83
C LYS B 657 8.04 -1.01 -24.60
N LEU B 658 9.10 -0.99 -23.78
CA LEU B 658 9.27 -0.01 -22.70
C LEU B 658 10.44 0.86 -23.06
N HIS B 659 10.86 1.74 -22.15
CA HIS B 659 11.98 2.61 -22.45
C HIS B 659 13.34 1.96 -22.15
N GLU B 660 14.31 2.25 -23.02
CA GLU B 660 15.68 1.90 -22.77
C GLU B 660 16.09 2.83 -21.63
N VAL B 661 16.79 2.27 -20.63
CA VAL B 661 17.26 3.03 -19.48
C VAL B 661 18.79 3.07 -19.50
N LYS B 662 19.35 4.27 -19.49
CA LYS B 662 20.80 4.41 -19.49
C LYS B 662 21.29 4.91 -18.14
N ARG B 663 22.36 4.32 -17.62
CA ARG B 663 22.99 4.89 -16.42
C ARG B 663 23.93 5.97 -16.95
N ILE B 664 23.99 7.12 -16.28
CA ILE B 664 24.96 8.16 -16.61
C ILE B 664 26.07 8.22 -15.55
N ASP B 665 27.29 7.93 -15.97
CA ASP B 665 28.43 7.84 -15.04
C ASP B 665 29.34 9.07 -15.11
N GLY B 666 28.90 10.14 -14.47
CA GLY B 666 29.59 11.41 -14.67
C GLY B 666 30.76 11.71 -13.74
N ASP B 667 31.19 12.97 -13.88
CA ASP B 667 32.15 13.61 -12.97
C ASP B 667 31.37 13.99 -11.71
N LYS B 668 31.66 13.34 -10.58
CA LYS B 668 31.04 13.62 -9.27
C LYS B 668 29.53 13.30 -9.13
N VAL B 669 28.88 12.90 -10.22
CA VAL B 669 27.48 12.52 -10.17
C VAL B 669 27.16 11.21 -10.91
N VAL B 670 26.12 10.50 -10.47
CA VAL B 670 25.58 9.32 -11.18
C VAL B 670 24.12 9.61 -11.54
N GLY B 671 23.66 9.14 -12.69
CA GLY B 671 22.34 9.55 -13.17
C GLY B 671 21.54 8.48 -13.90
N VAL B 672 20.36 8.89 -14.36
CA VAL B 672 19.41 8.01 -15.01
C VAL B 672 18.77 8.74 -16.18
N GLN B 673 18.85 8.13 -17.36
CA GLN B 673 18.17 8.64 -18.55
C GLN B 673 17.21 7.58 -19.12
N LEU B 674 15.95 7.97 -19.24
CA LEU B 674 14.93 7.14 -19.91
C LEU B 674 13.81 8.04 -20.44
N ALA B 675 13.19 7.64 -21.54
CA ALA B 675 12.19 8.48 -22.19
C ALA B 675 12.81 9.85 -22.44
N ASP B 676 12.14 10.89 -21.95
CA ASP B 676 12.66 12.24 -22.12
C ASP B 676 13.04 12.84 -20.77
N ARG B 677 13.54 12.00 -19.88
CA ARG B 677 13.84 12.44 -18.52
C ARG B 677 15.29 12.17 -18.11
N ILE B 678 15.93 13.17 -17.51
CA ILE B 678 17.23 12.99 -16.88
C ILE B 678 17.20 13.23 -15.35
N VAL B 679 17.78 12.31 -14.58
CA VAL B 679 17.81 12.43 -13.13
C VAL B 679 19.20 12.12 -12.61
N THR B 680 19.78 13.02 -11.82
CA THR B 680 21.11 12.75 -11.25
C THR B 680 21.16 12.91 -9.73
N PHE B 681 22.16 12.26 -9.14
CA PHE B 681 22.40 12.17 -7.70
C PHE B 681 23.90 12.38 -7.48
N SER B 682 24.31 12.85 -6.30
CA SER B 682 25.73 12.83 -6.00
C SER B 682 26.20 11.38 -6.01
N LYS B 683 27.31 11.11 -6.67
CA LYS B 683 27.85 9.77 -6.66
C LYS B 683 28.17 9.23 -5.26
N THR B 684 28.33 10.11 -4.27
CA THR B 684 28.53 9.66 -2.87
C THR B 684 27.25 9.86 -2.04
N SER B 685 26.21 10.36 -2.70
CA SER B 685 24.95 10.73 -2.07
C SER B 685 25.17 11.85 -1.02
N GLU B 686 26.31 12.54 -1.08
CA GLU B 686 26.56 13.66 -0.18
C GLU B 686 26.48 14.96 -0.96
N THR B 687 26.33 16.07 -0.24
CA THR B 687 26.17 17.34 -0.91
C THR B 687 27.30 17.71 -1.90
N VAL B 688 26.89 18.10 -3.11
CA VAL B 688 27.79 18.56 -4.16
C VAL B 688 27.98 20.08 -4.08
N ASP B 689 29.22 20.51 -3.85
CA ASP B 689 29.54 21.93 -3.69
C ASP B 689 30.66 22.39 -4.61
N ARG B 690 30.78 21.71 -5.74
CA ARG B 690 31.92 21.81 -6.65
C ARG B 690 31.39 21.58 -8.08
N PRO B 691 32.17 22.02 -9.08
CA PRO B 691 31.73 21.79 -10.46
C PRO B 691 31.68 20.30 -10.80
N PHE B 692 30.64 19.92 -11.52
CA PHE B 692 30.52 18.57 -12.01
C PHE B 692 29.95 18.58 -13.44
N GLY B 693 29.90 17.41 -14.06
CA GLY B 693 29.54 17.33 -15.47
C GLY B 693 29.20 15.92 -15.90
N PHE B 694 28.41 15.82 -16.97
CA PHE B 694 28.07 14.54 -17.56
C PHE B 694 27.61 14.83 -18.99
N SER B 695 27.51 13.78 -19.81
CA SER B 695 27.05 13.90 -21.19
C SER B 695 25.69 13.27 -21.42
N VAL B 696 24.92 13.84 -22.36
CA VAL B 696 23.61 13.32 -22.72
C VAL B 696 23.55 13.06 -24.21
N VAL B 697 23.22 11.83 -24.57
CA VAL B 697 23.05 11.43 -25.97
C VAL B 697 21.60 10.97 -26.19
N GLY B 698 20.91 11.60 -27.14
CA GLY B 698 19.52 11.26 -27.43
C GLY B 698 18.87 12.27 -28.33
N LYS B 699 17.70 11.90 -28.85
CA LYS B 699 16.89 12.78 -29.68
C LYS B 699 15.90 13.60 -28.83
N GLY B 700 15.51 14.77 -29.34
CA GLY B 700 14.50 15.60 -28.69
C GLY B 700 14.94 16.34 -27.43
N THR B 701 14.01 17.03 -26.78
CA THR B 701 14.29 17.76 -25.55
C THR B 701 14.18 16.84 -24.34
N PHE B 702 15.01 17.07 -23.32
CA PHE B 702 14.95 16.29 -22.09
C PHE B 702 14.57 17.20 -20.92
N LYS B 703 13.94 16.64 -19.91
CA LYS B 703 13.63 17.40 -18.70
C LYS B 703 14.61 16.95 -17.61
N PHE B 704 15.46 17.86 -17.14
CA PHE B 704 16.54 17.48 -16.23
C PHE B 704 16.19 17.71 -14.76
N VAL B 705 16.29 16.65 -13.94
CA VAL B 705 16.20 16.83 -12.49
C VAL B 705 17.55 16.48 -11.85
N MET B 706 18.24 17.46 -11.29
CA MET B 706 19.56 17.21 -10.67
C MET B 706 19.56 17.47 -9.16
N THR B 707 19.88 16.46 -8.35
CA THR B 707 19.70 16.53 -6.92
C THR B 707 21.04 16.52 -6.18
N ASP B 708 20.96 16.63 -4.85
CA ASP B 708 22.11 16.68 -3.95
C ASP B 708 23.05 17.87 -4.13
N LEU B 709 22.50 18.98 -4.61
CA LEU B 709 23.27 20.18 -4.87
C LEU B 709 23.27 21.16 -3.72
N LEU B 710 24.44 21.72 -3.39
CA LEU B 710 24.52 22.87 -2.48
C LEU B 710 23.62 24.04 -2.91
N PRO B 711 22.66 24.41 -2.05
CA PRO B 711 21.73 25.47 -2.37
C PRO B 711 22.43 26.77 -2.69
N GLY B 712 21.98 27.48 -3.72
CA GLY B 712 22.59 28.74 -4.10
C GLY B 712 22.46 28.89 -5.60
N THR B 713 23.35 29.67 -6.19
CA THR B 713 23.29 29.91 -7.64
C THR B 713 24.23 29.03 -8.48
N TRP B 714 23.66 28.29 -9.43
CA TRP B 714 24.44 27.46 -10.32
C TRP B 714 24.45 28.11 -11.69
N GLN B 715 25.51 27.85 -12.44
CA GLN B 715 25.55 28.16 -13.86
C GLN B 715 25.65 26.84 -14.65
N VAL B 716 24.90 26.73 -15.75
CA VAL B 716 24.87 25.52 -16.56
C VAL B 716 25.45 25.78 -17.93
N LEU B 717 26.47 24.99 -18.30
CA LEU B 717 27.13 25.17 -19.60
C LEU B 717 26.87 23.93 -20.43
N LYS B 718 26.82 24.08 -21.75
CA LYS B 718 26.68 22.96 -22.66
C LYS B 718 27.63 23.10 -23.85
N ASP B 719 28.32 22.02 -24.18
CA ASP B 719 29.36 22.02 -25.20
C ASP B 719 30.32 23.20 -24.98
N GLY B 720 30.49 23.58 -23.71
CA GLY B 720 31.46 24.61 -23.35
C GLY B 720 30.99 26.05 -23.46
N LYS B 721 29.74 26.24 -23.87
CA LYS B 721 29.13 27.56 -23.92
C LYS B 721 28.14 27.65 -22.76
N ILE B 722 27.89 28.86 -22.27
CA ILE B 722 26.87 29.04 -21.23
C ILE B 722 25.45 28.79 -21.77
N LEU B 723 24.67 27.94 -21.10
CA LEU B 723 23.27 27.72 -21.49
C LEU B 723 22.35 28.48 -20.56
N TYR B 724 22.54 28.31 -19.25
CA TYR B 724 21.74 29.02 -18.30
C TYR B 724 22.67 29.72 -17.35
N PRO B 725 22.82 31.02 -17.51
CA PRO B 725 23.77 31.81 -16.75
C PRO B 725 23.59 31.69 -15.25
N ALA B 726 22.36 31.53 -14.79
CA ALA B 726 22.08 31.41 -13.37
C ALA B 726 20.74 30.73 -13.09
N LEU B 727 20.78 29.55 -12.49
CA LEU B 727 19.57 28.88 -12.02
C LEU B 727 19.70 28.72 -10.52
N SER B 728 18.55 28.65 -9.85
CA SER B 728 18.60 28.59 -8.39
C SER B 728 18.24 27.22 -7.83
N ALA B 729 19.13 26.66 -7.05
CA ALA B 729 18.89 25.40 -6.35
C ALA B 729 18.46 25.79 -4.93
N LYS B 730 17.24 25.39 -4.60
CA LYS B 730 16.64 25.74 -3.30
C LYS B 730 16.87 24.74 -2.15
N GLY B 731 16.77 25.21 -0.90
CA GLY B 731 17.12 24.43 0.28
C GLY B 731 16.28 23.18 0.46
N ASP B 732 14.95 23.28 0.33
CA ASP B 732 14.06 22.15 0.54
C ASP B 732 14.36 20.91 -0.31
N ASP B 733 14.78 21.11 -1.56
CA ASP B 733 15.01 19.97 -2.47
C ASP B 733 16.46 19.83 -2.97
N GLY B 734 17.28 20.86 -2.87
CA GLY B 734 18.66 20.76 -3.29
C GLY B 734 18.82 20.46 -4.76
N ALA B 735 17.95 21.02 -5.60
CA ALA B 735 17.91 20.55 -6.95
C ALA B 735 17.91 21.60 -8.04
N LEU B 736 18.27 21.23 -9.26
CA LEU B 736 18.08 22.15 -10.34
C LEU B 736 17.09 21.59 -11.31
N TYR B 737 16.22 22.41 -11.83
CA TYR B 737 15.39 21.85 -12.86
C TYR B 737 15.50 22.74 -14.11
N PHE B 738 15.67 22.08 -15.27
CA PHE B 738 15.67 22.74 -16.57
C PHE B 738 15.41 21.73 -17.69
N GLU B 739 14.99 22.24 -18.84
CA GLU B 739 14.88 21.43 -20.04
C GLU B 739 16.13 21.72 -20.89
N GLY B 740 16.43 20.87 -21.88
CA GLY B 740 17.61 21.02 -22.72
C GLY B 740 17.77 19.84 -23.67
N THR B 741 18.64 19.97 -24.67
CA THR B 741 18.83 18.90 -25.66
C THR B 741 20.13 18.12 -25.45
N GLU B 742 20.49 17.27 -26.42
CA GLU B 742 21.70 16.48 -26.29
C GLU B 742 22.96 17.35 -26.34
N GLY B 743 24.02 16.85 -25.70
CA GLY B 743 25.28 17.57 -25.65
C GLY B 743 25.98 17.30 -24.34
N THR B 744 27.15 17.91 -24.15
CA THR B 744 27.89 17.62 -22.94
C THR B 744 27.88 18.80 -21.99
N TYR B 745 27.41 18.54 -20.77
CA TYR B 745 27.03 19.57 -19.83
C TYR B 745 28.08 19.79 -18.76
N ARG B 746 28.18 21.03 -18.27
CA ARG B 746 28.99 21.38 -17.07
C ARG B 746 28.16 22.24 -16.13
N PHE B 747 28.37 22.03 -14.83
CA PHE B 747 27.65 22.76 -13.80
C PHE B 747 28.63 23.45 -12.87
N LEU B 748 28.42 24.75 -12.73
CA LEU B 748 29.34 25.57 -11.96
C LEU B 748 28.62 26.10 -10.75
N ARG B 749 29.34 26.25 -9.67
CA ARG B 749 28.80 26.73 -8.40
C ARG B 749 29.86 27.55 -7.63
N THR C 4 46.13 24.98 -14.55
CA THR C 4 46.24 23.50 -14.78
C THR C 4 46.03 22.61 -13.52
N LYS C 5 45.97 21.26 -13.59
CA LYS C 5 45.81 20.36 -12.43
C LYS C 5 47.02 20.47 -11.48
N ALA C 6 46.82 20.30 -10.18
CA ALA C 6 47.90 20.43 -9.21
C ALA C 6 48.91 19.28 -9.17
N ASP C 7 50.07 19.44 -9.80
CA ASP C 7 51.09 18.40 -9.85
C ASP C 7 52.10 18.41 -8.69
N VAL C 8 52.03 19.44 -7.85
CA VAL C 8 52.97 19.56 -6.73
C VAL C 8 52.61 18.70 -5.53
N VAL C 9 53.61 18.51 -4.67
CA VAL C 9 53.45 17.77 -3.43
C VAL C 9 52.88 18.66 -2.32
N TRP C 10 51.93 18.11 -1.57
CA TRP C 10 51.32 18.80 -0.43
C TRP C 10 51.77 18.14 0.86
N LYS C 11 51.76 18.91 1.95
CA LYS C 11 52.13 18.38 3.25
C LYS C 11 51.51 19.22 4.37
N ASP C 12 50.90 18.55 5.33
CA ASP C 12 50.37 19.23 6.48
C ASP C 12 51.46 20.04 7.18
N VAL C 13 51.28 21.36 7.23
CA VAL C 13 52.07 22.19 8.12
C VAL C 13 51.16 22.65 9.27
N ASP C 14 51.50 22.20 10.48
CA ASP C 14 50.79 22.62 11.68
C ASP C 14 49.26 22.47 11.44
N GLY C 15 48.82 21.27 11.08
CA GLY C 15 47.40 20.97 10.87
C GLY C 15 46.68 21.41 9.60
N VAL C 16 47.34 22.23 8.77
CA VAL C 16 46.76 22.73 7.53
C VAL C 16 47.59 22.33 6.30
N SER C 17 46.91 21.84 5.26
CA SER C 17 47.65 21.35 4.09
C SER C 17 48.23 22.52 3.31
N MET C 18 49.50 22.41 2.92
CA MET C 18 50.11 23.45 2.10
C MET C 18 50.92 22.83 0.98
N PRO C 19 50.95 23.49 -0.19
CA PRO C 19 51.72 23.06 -1.35
C PRO C 19 53.20 23.43 -1.23
N ILE C 20 54.08 22.48 -1.57
CA ILE C 20 55.52 22.68 -1.60
C ILE C 20 55.93 23.04 -3.04
N PRO C 21 56.62 24.19 -3.22
CA PRO C 21 57.05 24.60 -4.56
C PRO C 21 57.86 23.50 -5.25
N PRO C 22 57.70 23.32 -6.58
CA PRO C 22 58.44 22.28 -7.26
C PRO C 22 59.92 22.66 -7.34
N LYS C 23 60.79 21.67 -7.37
CA LYS C 23 62.24 21.93 -7.33
C LYS C 23 62.75 22.61 -8.61
N THR C 24 61.86 23.12 -9.48
CA THR C 24 62.28 23.60 -10.81
C THR C 24 62.00 25.06 -11.08
N HIS C 25 62.83 25.70 -11.89
CA HIS C 25 62.63 27.07 -12.34
C HIS C 25 62.49 27.08 -13.86
N PRO C 26 61.64 27.97 -14.39
CA PRO C 26 60.84 28.95 -13.69
C PRO C 26 59.62 28.35 -13.01
N ARG C 27 59.22 28.94 -11.90
CA ARG C 27 58.05 28.51 -11.16
C ARG C 27 57.25 29.69 -10.60
N LEU C 28 57.70 30.89 -10.90
CA LEU C 28 56.95 32.11 -10.57
C LEU C 28 56.14 32.57 -11.80
N TYR C 29 54.81 32.52 -11.69
CA TYR C 29 53.91 33.05 -12.72
C TYR C 29 53.80 32.20 -13.97
N LEU C 30 54.77 31.32 -14.20
CA LEU C 30 54.69 30.33 -15.29
C LEU C 30 55.70 29.19 -15.04
N ARG C 31 55.43 28.00 -15.56
CA ARG C 31 56.39 26.92 -15.46
C ARG C 31 56.92 26.65 -16.87
N GLU C 32 57.94 25.80 -16.93
CA GLU C 32 58.48 25.40 -18.23
C GLU C 32 57.37 24.99 -19.22
N GLN C 33 56.34 24.33 -18.71
CA GLN C 33 55.21 23.92 -19.56
C GLN C 33 54.74 25.03 -20.50
N GLN C 34 54.56 26.25 -19.99
CA GLN C 34 54.02 27.36 -20.79
C GLN C 34 55.09 28.28 -21.42
N VAL C 35 56.37 27.99 -21.22
CA VAL C 35 57.40 28.84 -21.77
C VAL C 35 57.44 28.95 -23.31
N PRO C 36 57.23 27.82 -24.02
CA PRO C 36 57.27 27.85 -25.48
C PRO C 36 56.10 28.64 -26.06
N ASP C 37 55.08 28.86 -25.23
CA ASP C 37 53.88 29.52 -25.69
C ASP C 37 54.04 31.04 -25.67
N LEU C 38 55.08 31.52 -24.98
CA LEU C 38 55.30 32.95 -24.90
C LEU C 38 55.50 33.50 -26.29
N LYS C 39 56.05 32.65 -27.16
CA LYS C 39 56.25 33.01 -28.55
C LYS C 39 54.89 33.30 -29.22
N ASN C 40 53.90 32.44 -28.98
CA ASN C 40 52.59 32.62 -29.61
C ASN C 40 51.85 33.84 -29.04
N ARG C 41 52.21 34.19 -27.81
CA ARG C 41 51.65 35.36 -27.17
C ARG C 41 52.30 36.64 -27.66
N MET C 42 53.58 36.58 -28.02
CA MET C 42 54.27 37.73 -28.61
C MET C 42 53.74 38.07 -30.01
N ASN C 43 53.34 37.03 -30.75
CA ASN C 43 52.81 37.21 -32.12
C ASN C 43 51.31 37.43 -32.09
N ASP C 44 50.73 37.31 -30.89
CA ASP C 44 49.30 37.52 -30.75
C ASP C 44 49.03 39.01 -30.90
N PRO C 45 48.34 39.39 -31.99
CA PRO C 45 48.08 40.80 -32.29
C PRO C 45 47.82 41.64 -31.03
N LYS C 46 46.76 41.31 -30.30
CA LYS C 46 46.40 42.15 -29.17
C LYS C 46 47.28 42.05 -27.91
N LEU C 47 48.20 41.08 -27.85
CA LEU C 47 49.15 41.12 -26.72
C LEU C 47 50.39 41.90 -27.13
N LYS C 48 50.51 42.13 -28.44
CA LYS C 48 51.64 42.83 -29.04
C LYS C 48 51.62 44.24 -28.48
N LYS C 49 50.43 44.84 -28.51
CA LYS C 49 50.20 46.18 -28.00
C LYS C 49 50.54 46.29 -26.51
N VAL C 50 50.25 45.27 -25.71
CA VAL C 50 50.60 45.33 -24.28
C VAL C 50 52.11 45.26 -24.16
N TRP C 51 52.75 44.49 -25.05
CA TRP C 51 54.20 44.37 -25.02
C TRP C 51 54.83 45.70 -25.39
N ALA C 52 54.33 46.30 -26.46
CA ALA C 52 54.72 47.64 -26.90
C ALA C 52 54.59 48.66 -25.77
N ASP C 53 53.58 48.48 -24.92
CA ASP C 53 53.37 49.33 -23.77
C ASP C 53 54.59 49.27 -22.86
N MET C 54 55.01 48.04 -22.55
CA MET C 54 56.09 47.83 -21.61
C MET C 54 57.37 48.37 -22.19
N ILE C 55 57.50 48.30 -23.50
CA ILE C 55 58.65 48.87 -24.20
C ILE C 55 58.80 50.36 -23.88
N LYS C 56 57.70 51.09 -23.90
CA LYS C 56 57.73 52.50 -23.57
C LYS C 56 58.06 52.73 -22.10
N MET C 57 57.58 51.84 -21.25
CA MET C 57 57.83 51.91 -19.80
C MET C 57 59.30 51.77 -19.44
N GLN C 58 60.12 51.45 -20.44
CA GLN C 58 61.56 51.32 -20.22
C GLN C 58 62.23 52.67 -19.99
N GLU C 59 61.76 53.72 -20.67
CA GLU C 59 62.31 55.08 -20.52
C GLU C 59 62.23 55.64 -19.08
N ASP C 60 63.38 56.03 -18.54
CA ASP C 60 63.42 56.54 -17.17
C ASP C 60 62.48 57.74 -17.02
N TRP C 61 61.93 57.91 -15.82
CA TRP C 61 61.24 59.14 -15.45
C TRP C 61 62.01 60.38 -15.89
N LYS C 62 61.31 61.37 -16.45
CA LYS C 62 61.91 62.69 -16.70
C LYS C 62 62.12 63.37 -15.35
N PRO C 63 63.37 63.72 -15.01
CA PRO C 63 63.73 64.31 -13.71
C PRO C 63 62.81 65.44 -13.23
N ALA C 64 62.34 66.27 -14.15
CA ALA C 64 61.44 67.35 -13.77
C ALA C 64 60.02 66.86 -13.52
N ASP C 65 59.78 65.55 -13.64
CA ASP C 65 58.45 64.98 -13.37
C ASP C 65 58.37 64.12 -12.11
N ILE C 66 59.52 63.69 -11.57
CA ILE C 66 59.51 62.90 -10.34
C ILE C 66 58.95 63.74 -9.19
N PRO C 67 57.86 63.27 -8.57
CA PRO C 67 57.03 64.06 -7.66
C PRO C 67 57.67 64.50 -6.34
N GLU C 68 58.66 63.74 -5.85
CA GLU C 68 59.31 64.04 -4.57
C GLU C 68 58.42 63.66 -3.38
N VAL C 69 57.13 63.52 -3.62
CA VAL C 69 56.28 62.76 -2.71
C VAL C 69 56.07 61.40 -3.40
N LYS C 70 56.94 60.45 -3.11
CA LYS C 70 56.90 59.14 -3.77
C LYS C 70 55.79 58.25 -3.21
N ASP C 71 54.58 58.63 -3.62
CA ASP C 71 53.31 57.94 -3.49
C ASP C 71 53.34 56.51 -3.99
N PHE C 72 52.35 55.71 -3.60
CA PHE C 72 52.18 54.41 -4.27
C PHE C 72 51.83 54.58 -5.78
N ARG C 73 51.06 55.60 -6.11
CA ARG C 73 50.71 55.85 -7.54
C ARG C 73 51.97 55.99 -8.37
N PHE C 74 52.98 56.69 -7.83
CA PHE C 74 54.29 56.80 -8.47
C PHE C 74 54.93 55.45 -8.81
N TYR C 75 55.02 54.55 -7.84
CA TYR C 75 55.63 53.25 -8.07
C TYR C 75 54.82 52.38 -9.03
N PHE C 76 53.50 52.38 -8.84
CA PHE C 76 52.60 51.55 -9.65
C PHE C 76 52.61 51.98 -11.13
N ASN C 77 52.92 53.25 -11.34
CA ASN C 77 53.22 53.80 -12.64
C ASN C 77 54.68 53.49 -12.97
N GLN C 78 55.04 52.21 -12.87
CA GLN C 78 56.42 51.68 -12.98
C GLN C 78 57.18 52.16 -14.21
N LYS C 79 58.44 52.54 -14.01
CA LYS C 79 59.26 53.08 -15.09
C LYS C 79 60.75 52.75 -14.90
N GLY C 80 61.45 52.52 -16.00
CA GLY C 80 62.90 52.44 -15.94
C GLY C 80 63.52 51.09 -15.64
N LEU C 81 64.70 51.12 -15.04
CA LEU C 81 65.49 49.91 -14.83
C LEU C 81 64.64 48.70 -14.48
N THR C 82 63.75 48.81 -13.50
CA THR C 82 62.96 47.65 -13.09
C THR C 82 62.07 47.07 -14.22
N VAL C 83 61.49 47.92 -15.05
CA VAL C 83 60.76 47.42 -16.23
C VAL C 83 61.77 46.74 -17.17
N ARG C 84 62.92 47.38 -17.35
CA ARG C 84 63.96 46.86 -18.25
C ARG C 84 64.42 45.48 -17.84
N VAL C 85 64.66 45.23 -16.55
CA VAL C 85 65.18 43.93 -16.13
C VAL C 85 64.11 42.86 -16.29
N GLU C 86 62.85 43.24 -16.08
CA GLU C 86 61.76 42.32 -16.22
C GLU C 86 61.68 41.84 -17.66
N LEU C 87 61.79 42.77 -18.61
CA LEU C 87 61.68 42.44 -20.03
C LEU C 87 62.90 41.66 -20.51
N MET C 88 64.03 41.90 -19.86
CA MET C 88 65.24 41.14 -20.11
C MET C 88 65.02 39.72 -19.66
N ALA C 89 64.47 39.55 -18.46
CA ALA C 89 64.26 38.21 -17.93
C ALA C 89 63.27 37.43 -18.78
N LEU C 90 62.22 38.10 -19.25
CA LEU C 90 61.29 37.49 -20.17
C LEU C 90 62.02 37.04 -21.44
N ASN C 91 62.93 37.88 -21.91
CA ASN C 91 63.71 37.60 -23.11
C ASN C 91 64.59 36.36 -22.93
N TYR C 92 65.04 36.14 -21.69
CA TYR C 92 65.87 34.99 -21.39
C TYR C 92 65.06 33.70 -21.38
N LEU C 93 63.79 33.78 -20.95
CA LEU C 93 62.93 32.61 -21.02
C LEU C 93 62.70 32.25 -22.49
N MET C 94 62.63 33.29 -23.32
CA MET C 94 62.30 33.15 -24.73
C MET C 94 63.49 32.86 -25.66
N THR C 95 64.72 32.97 -25.17
CA THR C 95 65.88 32.73 -26.05
C THR C 95 66.92 31.81 -25.41
N LYS C 96 66.85 31.62 -24.10
CA LYS C 96 67.91 30.95 -23.31
C LYS C 96 69.32 31.50 -23.53
N ASP C 97 69.41 32.75 -23.98
CA ASP C 97 70.68 33.41 -24.26
C ASP C 97 71.35 33.89 -22.98
N PRO C 98 72.43 33.22 -22.58
CA PRO C 98 73.19 33.52 -21.36
C PRO C 98 73.51 35.00 -21.15
N LYS C 99 73.91 35.70 -22.21
CA LYS C 99 74.22 37.12 -22.09
C LYS C 99 73.03 37.87 -21.50
N VAL C 100 71.82 37.50 -21.92
CA VAL C 100 70.60 38.22 -21.50
C VAL C 100 70.19 37.95 -20.04
N GLY C 101 70.38 36.71 -19.60
CA GLY C 101 70.02 36.38 -18.23
C GLY C 101 70.99 37.01 -17.26
N ARG C 102 72.26 37.01 -17.66
CA ARG C 102 73.30 37.56 -16.82
C ARG C 102 73.10 39.06 -16.65
N GLU C 103 72.61 39.67 -17.72
CA GLU C 103 72.42 41.12 -17.76
C GLU C 103 71.29 41.53 -16.86
N ALA C 104 70.21 40.75 -16.88
CA ALA C 104 69.11 40.99 -15.97
C ALA C 104 69.65 40.96 -14.54
N ILE C 105 70.40 39.92 -14.23
CA ILE C 105 70.93 39.72 -12.87
C ILE C 105 71.87 40.84 -12.43
N THR C 106 72.81 41.25 -13.28
CA THR C 106 73.81 42.23 -12.86
C THR C 106 73.30 43.66 -12.80
N SER C 107 72.25 43.94 -13.56
CA SER C 107 71.68 45.28 -13.55
C SER C 107 70.82 45.55 -12.31
N ILE C 108 70.21 44.51 -11.78
CA ILE C 108 69.19 44.66 -10.74
C ILE C 108 69.71 44.49 -9.31
N ILE C 109 70.89 43.94 -9.15
CA ILE C 109 71.25 43.53 -7.80
C ILE C 109 71.86 44.62 -6.90
N ASP C 110 72.66 45.55 -7.39
CA ASP C 110 73.16 46.52 -6.42
C ASP C 110 72.02 47.34 -5.91
N THR C 111 71.10 47.66 -6.79
CA THR C 111 70.01 48.51 -6.37
C THR C 111 69.04 47.76 -5.43
N LEU C 112 68.85 46.47 -5.65
CA LEU C 112 68.01 45.65 -4.76
C LEU C 112 68.60 45.58 -3.35
N GLU C 113 69.92 45.78 -3.22
CA GLU C 113 70.60 45.65 -1.92
C GLU C 113 70.60 46.97 -1.15
N THR C 114 70.22 48.05 -1.84
CA THR C 114 70.64 49.40 -1.46
C THR C 114 69.50 50.39 -1.47
N ALA C 115 68.44 50.03 -2.18
CA ALA C 115 67.27 50.88 -2.29
C ALA C 115 66.73 51.36 -0.94
N THR C 116 66.26 52.60 -0.93
CA THR C 116 65.65 53.22 0.23
C THR C 116 64.26 53.68 -0.16
N PHE C 117 63.35 53.71 0.82
CA PHE C 117 61.97 54.12 0.62
C PHE C 117 61.54 55.12 1.71
N LYS C 118 61.50 56.40 1.34
CA LYS C 118 61.04 57.46 2.23
C LYS C 118 59.58 57.16 2.60
N PRO C 119 59.30 57.00 3.91
CA PRO C 119 57.93 56.65 4.37
C PRO C 119 56.84 57.60 3.82
N ALA C 120 55.77 57.02 3.27
CA ALA C 120 54.72 57.78 2.64
C ALA C 120 53.49 56.93 2.42
N GLY C 121 52.55 57.52 1.69
CA GLY C 121 51.26 56.90 1.47
C GLY C 121 51.35 55.50 0.92
N ASP C 122 51.16 54.52 1.81
CA ASP C 122 51.12 53.12 1.40
C ASP C 122 52.45 52.74 0.73
N ILE C 123 53.56 53.09 1.39
CA ILE C 123 54.88 52.84 0.82
C ILE C 123 55.12 51.35 0.55
N SER C 124 54.52 50.50 1.39
CA SER C 124 54.59 49.07 1.21
C SER C 124 54.34 48.62 -0.22
N ARG C 125 53.47 49.33 -0.92
CA ARG C 125 53.11 48.89 -2.27
C ARG C 125 54.31 48.97 -3.24
N GLY C 126 55.09 50.04 -3.11
CA GLY C 126 56.28 50.21 -3.95
C GLY C 126 57.42 49.27 -3.58
N ILE C 127 57.70 49.19 -2.29
CA ILE C 127 58.69 48.28 -1.79
C ILE C 127 58.42 46.88 -2.30
N GLY C 128 57.15 46.48 -2.21
CA GLY C 128 56.77 45.14 -2.59
C GLY C 128 56.90 44.91 -4.08
N LEU C 129 56.53 45.91 -4.87
CA LEU C 129 56.73 45.84 -6.32
C LEU C 129 58.20 45.72 -6.66
N PHE C 130 59.05 46.42 -5.90
CA PHE C 130 60.48 46.39 -6.13
C PHE C 130 60.89 44.92 -5.93
N MET C 131 60.48 44.32 -4.82
CA MET C 131 60.80 42.92 -4.52
C MET C 131 60.35 42.01 -5.68
N VAL C 132 59.20 42.31 -6.27
CA VAL C 132 58.65 41.47 -7.33
C VAL C 132 59.60 41.46 -8.54
N THR C 133 59.99 42.67 -8.94
CA THR C 133 61.03 42.82 -9.93
C THR C 133 62.21 41.88 -9.63
N GLY C 134 62.79 41.98 -8.43
CA GLY C 134 63.86 41.09 -8.00
C GLY C 134 63.54 39.63 -8.19
N ALA C 135 62.38 39.22 -7.66
CA ALA C 135 61.86 37.86 -7.74
C ALA C 135 61.76 37.33 -9.16
N ILE C 136 61.27 38.17 -10.06
CA ILE C 136 61.10 37.75 -11.44
C ILE C 136 62.45 37.36 -12.02
N VAL C 137 63.47 38.19 -11.79
CA VAL C 137 64.82 37.91 -12.26
C VAL C 137 65.42 36.69 -11.51
N TYR C 138 65.28 36.64 -10.19
CA TYR C 138 65.73 35.49 -9.40
C TYR C 138 65.14 34.20 -9.94
N ASP C 139 63.84 34.16 -10.18
CA ASP C 139 63.24 32.91 -10.69
C ASP C 139 63.53 32.61 -12.15
N TRP C 140 63.28 33.56 -13.03
CA TRP C 140 63.42 33.28 -14.47
C TRP C 140 64.87 33.12 -14.93
N CYS C 141 65.81 33.81 -14.31
CA CYS C 141 67.21 33.66 -14.70
C CYS C 141 67.95 32.77 -13.71
N TYR C 142 67.23 31.84 -13.07
CA TYR C 142 67.81 31.08 -11.98
C TYR C 142 69.12 30.38 -12.36
N ASP C 143 69.07 29.51 -13.36
CA ASP C 143 70.25 28.76 -13.78
C ASP C 143 71.47 29.63 -14.12
N GLN C 144 71.29 30.95 -14.22
CA GLN C 144 72.40 31.86 -14.50
C GLN C 144 72.88 32.63 -13.27
N LEU C 145 72.17 32.47 -12.16
CA LEU C 145 72.63 33.05 -10.91
C LEU C 145 73.92 32.38 -10.51
N LYS C 146 74.83 33.15 -9.93
CA LYS C 146 75.97 32.52 -9.29
C LYS C 146 75.84 32.46 -7.76
N PRO C 147 76.55 31.54 -7.10
CA PRO C 147 76.26 31.28 -5.69
C PRO C 147 76.36 32.50 -4.77
N GLU C 148 77.42 33.28 -4.90
CA GLU C 148 77.54 34.46 -4.05
C GLU C 148 76.36 35.41 -4.30
N GLU C 149 75.83 35.42 -5.54
CA GLU C 149 74.71 36.28 -5.91
C GLU C 149 73.42 35.81 -5.25
N LYS C 150 73.25 34.50 -5.17
CA LYS C 150 72.07 33.91 -4.51
C LYS C 150 72.00 34.45 -3.09
N THR C 151 73.12 34.40 -2.36
CA THR C 151 73.14 34.86 -0.97
C THR C 151 72.81 36.34 -0.88
N ARG C 152 73.37 37.11 -1.81
CA ARG C 152 73.17 38.55 -1.87
C ARG C 152 71.69 38.89 -2.03
N PHE C 153 71.04 38.26 -3.00
CA PHE C 153 69.61 38.43 -3.27
C PHE C 153 68.78 38.10 -2.04
N VAL C 154 68.92 36.89 -1.53
CA VAL C 154 68.24 36.51 -0.32
C VAL C 154 68.42 37.49 0.79
N LYS C 155 69.60 38.05 0.94
CA LYS C 155 69.77 39.05 1.96
C LYS C 155 68.97 40.32 1.69
N ALA C 156 68.94 40.71 0.43
CA ALA C 156 68.23 41.88 -0.01
C ALA C 156 66.74 41.79 0.25
N PHE C 157 66.13 40.69 -0.19
CA PHE C 157 64.72 40.43 0.03
C PHE C 157 64.33 40.44 1.48
N VAL C 158 65.16 39.93 2.39
CA VAL C 158 64.85 40.00 3.81
C VAL C 158 64.80 41.45 4.25
N ARG C 159 65.83 42.23 3.91
CA ARG C 159 65.88 43.64 4.24
C ARG C 159 64.66 44.39 3.70
N LEU C 160 64.27 44.12 2.46
CA LEU C 160 63.11 44.78 1.91
C LEU C 160 61.82 44.25 2.53
N ALA C 161 61.81 42.96 2.83
CA ALA C 161 60.58 42.38 3.36
C ALA C 161 60.28 42.95 4.75
N LYS C 162 61.32 43.12 5.58
CA LYS C 162 61.19 43.77 6.88
C LYS C 162 60.63 45.19 6.82
N MET C 163 60.51 45.75 5.62
CA MET C 163 59.97 47.10 5.47
C MET C 163 58.45 47.11 5.21
N LEU C 164 57.91 45.96 4.83
CA LEU C 164 56.48 45.84 4.62
C LEU C 164 55.72 46.01 5.95
N GLU C 165 54.54 46.62 5.84
CA GLU C 165 53.75 46.98 7.02
C GLU C 165 53.33 45.74 7.78
N CYS C 166 53.09 44.64 7.06
CA CYS C 166 52.75 43.38 7.71
C CYS C 166 53.94 42.82 8.50
N GLY C 167 55.13 43.32 8.22
CA GLY C 167 56.34 42.90 8.92
C GLY C 167 56.96 41.65 8.33
N TYR C 168 58.20 41.35 8.73
CA TYR C 168 58.80 40.05 8.47
C TYR C 168 59.50 39.51 9.72
N PRO C 169 58.97 38.42 10.30
CA PRO C 169 57.85 37.62 9.81
C PRO C 169 56.52 38.36 9.73
N PRO C 170 55.68 38.04 8.74
CA PRO C 170 54.38 38.69 8.49
C PRO C 170 53.31 38.44 9.58
N VAL C 171 53.60 38.85 10.80
CA VAL C 171 52.75 38.58 11.98
C VAL C 171 51.76 39.70 12.32
N LYS C 172 51.92 40.90 11.72
CA LYS C 172 51.06 42.06 12.01
C LYS C 172 49.90 42.21 11.03
N ASP C 173 48.98 43.10 11.37
CA ASP C 173 47.82 43.42 10.58
C ASP C 173 46.76 42.30 10.43
N LYS C 174 45.91 42.43 9.41
CA LYS C 174 44.68 41.62 9.30
C LYS C 174 44.63 40.70 8.10
N SER C 175 43.92 39.59 8.24
CA SER C 175 43.95 38.55 7.22
C SER C 175 42.68 38.47 6.38
N ILE C 176 41.60 39.16 6.77
CA ILE C 176 40.38 39.15 5.96
C ILE C 176 40.21 40.50 5.28
N VAL C 177 40.56 41.56 6.01
CA VAL C 177 40.49 42.93 5.46
C VAL C 177 41.83 43.60 5.68
N GLY C 178 41.90 44.91 5.52
CA GLY C 178 43.13 45.65 5.83
C GLY C 178 44.22 45.54 4.77
N HIS C 179 45.32 46.25 5.01
CA HIS C 179 46.41 46.28 4.04
C HIS C 179 47.04 44.91 3.87
N ALA C 180 47.13 44.15 4.95
CA ALA C 180 47.65 42.79 4.85
C ALA C 180 46.83 41.93 3.87
N SER C 181 45.60 42.34 3.54
CA SER C 181 44.78 41.60 2.60
C SER C 181 44.85 42.27 1.21
N GLU C 182 46.00 42.89 0.96
CA GLU C 182 46.27 43.52 -0.33
C GLU C 182 47.46 42.92 -1.06
N TRP C 183 48.36 43.78 -1.52
CA TRP C 183 49.53 43.33 -2.29
C TRP C 183 50.58 42.57 -1.46
N MET C 184 50.89 43.07 -0.27
CA MET C 184 52.09 42.64 0.44
C MET C 184 52.31 41.14 0.64
N ILE C 185 51.25 40.40 0.98
CA ILE C 185 51.38 38.95 1.10
C ILE C 185 50.89 38.23 -0.16
N MET C 186 49.63 38.42 -0.55
CA MET C 186 49.12 37.59 -1.64
C MET C 186 49.93 37.73 -2.91
N ARG C 187 50.51 38.89 -3.18
CA ARG C 187 51.32 39.06 -4.41
C ARG C 187 52.82 39.11 -4.18
N ASP C 188 53.23 40.04 -3.33
CA ASP C 188 54.63 40.36 -3.18
C ASP C 188 55.38 39.30 -2.40
N LEU C 189 55.07 39.19 -1.11
CA LEU C 189 55.77 38.23 -0.27
C LEU C 189 55.67 36.81 -0.84
N LEU C 190 54.48 36.40 -1.27
CA LEU C 190 54.32 35.08 -1.87
C LEU C 190 55.25 34.90 -3.08
N SER C 191 55.41 35.94 -3.91
CA SER C 191 56.26 35.84 -5.09
C SER C 191 57.73 35.62 -4.75
N VAL C 192 58.25 36.41 -3.82
CA VAL C 192 59.67 36.30 -3.48
C VAL C 192 59.96 34.93 -2.89
N GLY C 193 59.10 34.52 -1.95
CA GLY C 193 59.28 33.25 -1.25
C GLY C 193 59.35 32.08 -2.20
N ILE C 194 58.49 32.10 -3.22
CA ILE C 194 58.51 31.07 -4.26
C ILE C 194 59.85 31.08 -4.96
N ALA C 195 60.29 32.27 -5.34
CA ALA C 195 61.54 32.41 -6.06
C ALA C 195 62.75 31.89 -5.27
N ILE C 196 62.83 32.18 -3.99
CA ILE C 196 64.05 31.85 -3.26
C ILE C 196 64.00 30.56 -2.43
N TYR C 197 62.86 29.86 -2.51
CA TYR C 197 62.64 28.65 -1.72
C TYR C 197 63.82 27.69 -1.58
N ASP C 198 64.51 27.38 -2.67
CA ASP C 198 65.63 26.43 -2.63
C ASP C 198 66.67 26.88 -1.63
N GLU C 199 66.87 28.20 -1.51
CA GLU C 199 67.93 28.73 -0.64
C GLU C 199 67.40 29.23 0.69
N PHE C 200 66.18 29.74 0.67
CA PHE C 200 65.57 30.33 1.84
C PHE C 200 64.08 29.95 1.86
N PRO C 201 63.79 28.76 2.43
CA PRO C 201 62.42 28.24 2.46
C PRO C 201 61.55 29.07 3.40
N GLU C 202 62.18 29.59 4.44
CA GLU C 202 61.51 30.31 5.50
C GLU C 202 60.46 31.31 5.01
N MET C 203 60.80 32.07 3.99
CA MET C 203 59.95 33.17 3.56
C MET C 203 58.65 32.65 2.97
N TYR C 204 58.71 31.65 2.10
CA TYR C 204 57.51 30.95 1.64
C TYR C 204 56.74 30.31 2.80
N ASN C 205 57.45 29.64 3.72
CA ASN C 205 56.77 28.96 4.83
C ASN C 205 56.02 29.92 5.75
N LEU C 206 56.43 31.18 5.76
CA LEU C 206 55.81 32.21 6.60
C LEU C 206 54.67 32.93 5.86
N ALA C 207 54.90 33.29 4.60
CA ALA C 207 53.93 34.04 3.81
C ALA C 207 52.77 33.18 3.31
N ALA C 208 53.05 32.06 2.67
CA ALA C 208 52.05 31.06 2.34
C ALA C 208 51.54 30.36 3.61
N GLY C 209 52.38 30.30 4.64
CA GLY C 209 51.94 29.71 5.91
C GLY C 209 50.80 30.47 6.54
N ARG C 210 50.76 31.79 6.34
CA ARG C 210 49.68 32.62 6.86
C ARG C 210 48.53 32.70 5.83
N PHE C 211 48.88 32.70 4.56
CA PHE C 211 47.84 32.71 3.54
C PHE C 211 46.94 31.49 3.61
N PHE C 212 47.53 30.32 3.87
CA PHE C 212 46.76 29.07 3.91
C PHE C 212 46.05 28.93 5.24
N LYS C 213 46.79 29.19 6.31
CA LYS C 213 46.25 29.18 7.66
C LYS C 213 45.13 30.18 7.85
N GLU C 214 45.21 31.38 7.25
CA GLU C 214 44.23 32.45 7.49
C GLU C 214 43.50 33.05 6.29
N HIS C 215 44.22 33.59 5.33
CA HIS C 215 43.56 34.25 4.20
C HIS C 215 42.58 33.37 3.42
N LEU C 216 43.02 32.17 3.07
CA LEU C 216 42.22 31.22 2.32
C LEU C 216 40.97 30.73 3.08
N VAL C 217 41.15 30.36 4.36
CA VAL C 217 40.03 29.89 5.18
C VAL C 217 38.88 30.90 5.27
N ALA C 218 39.21 32.16 5.49
CA ALA C 218 38.25 33.25 5.50
C ALA C 218 37.59 33.53 4.14
N ARG C 219 38.34 33.42 3.06
CA ARG C 219 37.75 33.74 1.78
C ARG C 219 36.83 32.62 1.29
N ASN C 220 37.27 31.37 1.43
CA ASN C 220 36.46 30.22 1.04
C ASN C 220 35.17 30.12 1.83
N TRP C 221 35.14 30.77 2.99
CA TRP C 221 33.96 30.79 3.86
C TRP C 221 32.80 31.63 3.33
N PHE C 222 33.11 32.68 2.57
CA PHE C 222 32.06 33.51 2.01
C PHE C 222 32.02 33.45 0.49
N TYR C 223 33.04 32.86 -0.14
CA TYR C 223 33.06 32.76 -1.60
C TYR C 223 31.81 32.14 -2.21
N PRO C 224 31.23 31.13 -1.57
CA PRO C 224 30.09 30.41 -2.14
C PRO C 224 28.87 31.31 -2.34
N SER C 225 28.76 32.37 -1.54
CA SER C 225 27.61 33.28 -1.68
C SER C 225 27.88 34.39 -2.69
N HIS C 226 29.03 34.31 -3.36
CA HIS C 226 29.25 35.03 -4.60
C HIS C 226 29.31 36.55 -4.45
N ASN C 227 29.94 37.02 -3.37
CA ASN C 227 30.07 38.43 -3.18
C ASN C 227 31.28 38.83 -2.34
N TYR C 228 31.45 40.13 -2.15
CA TYR C 228 32.59 40.64 -1.39
C TYR C 228 32.08 41.67 -0.37
N HIS C 229 32.86 41.92 0.68
CA HIS C 229 32.42 42.69 1.82
C HIS C 229 33.10 44.04 2.06
N GLN C 230 33.91 44.54 1.11
CA GLN C 230 34.59 45.81 1.38
C GLN C 230 34.06 47.01 0.62
N GLY C 231 32.84 46.91 0.11
CA GLY C 231 32.26 48.03 -0.62
C GLY C 231 32.64 48.01 -2.09
N MET C 232 32.03 48.89 -2.86
CA MET C 232 32.12 48.82 -4.32
C MET C 232 33.36 49.51 -4.93
N SER C 233 34.16 50.18 -4.10
CA SER C 233 35.41 50.70 -4.64
C SER C 233 36.54 49.76 -4.32
N TYR C 234 36.60 49.30 -3.07
CA TYR C 234 37.66 48.39 -2.63
C TYR C 234 37.53 46.95 -3.15
N LEU C 235 36.40 46.67 -3.82
CA LEU C 235 36.23 45.42 -4.55
C LEU C 235 37.46 45.20 -5.45
N ASN C 236 37.97 46.29 -6.00
CA ASN C 236 39.10 46.30 -6.94
C ASN C 236 40.41 45.78 -6.32
N VAL C 237 41.00 46.56 -5.42
CA VAL C 237 42.27 46.15 -4.81
C VAL C 237 42.21 44.85 -4.02
N ARG C 238 41.21 44.69 -3.17
CA ARG C 238 41.08 43.44 -2.43
C ARG C 238 40.81 42.21 -3.31
N PHE C 239 39.87 42.31 -4.26
CA PHE C 239 39.60 41.12 -5.08
C PHE C 239 40.76 40.87 -6.05
N THR C 240 41.31 41.91 -6.66
CA THR C 240 42.49 41.74 -7.50
C THR C 240 43.53 40.87 -6.80
N ASN C 241 43.88 41.24 -5.57
CA ASN C 241 44.89 40.52 -4.82
C ASN C 241 44.52 39.13 -4.38
N ASP C 242 43.24 38.86 -4.13
CA ASP C 242 42.84 37.46 -3.97
C ASP C 242 43.19 36.72 -5.26
N LEU C 243 43.02 37.40 -6.40
CA LEU C 243 43.19 36.75 -7.71
C LEU C 243 44.67 36.60 -8.11
N PHE C 244 45.54 37.46 -7.56
CA PHE C 244 46.97 37.22 -7.78
C PHE C 244 47.35 35.90 -7.13
N ALA C 245 46.88 35.67 -5.90
CA ALA C 245 47.18 34.42 -5.22
C ALA C 245 46.71 33.22 -6.04
N LEU C 246 45.58 33.42 -6.72
CA LEU C 246 44.95 32.37 -7.49
C LEU C 246 45.89 31.97 -8.60
N TRP C 247 46.35 32.95 -9.36
CA TRP C 247 47.21 32.72 -10.53
C TRP C 247 48.60 32.28 -10.08
N ILE C 248 49.15 32.95 -9.06
CA ILE C 248 50.48 32.60 -8.59
C ILE C 248 50.55 31.12 -8.19
N LEU C 249 49.66 30.69 -7.31
CA LEU C 249 49.71 29.32 -6.82
C LEU C 249 49.28 28.29 -7.86
N ASP C 250 48.38 28.67 -8.76
CA ASP C 250 48.03 27.74 -9.84
C ASP C 250 49.22 27.56 -10.78
N ARG C 251 49.74 28.69 -11.25
CA ARG C 251 50.90 28.66 -12.14
C ARG C 251 52.08 27.95 -11.47
N MET C 252 52.20 28.07 -10.15
CA MET C 252 53.25 27.35 -9.40
C MET C 252 53.07 25.83 -9.48
N GLY C 253 51.87 25.39 -9.91
CA GLY C 253 51.52 23.97 -9.98
C GLY C 253 50.59 23.43 -8.88
N ALA C 254 49.97 24.34 -8.14
CA ALA C 254 49.20 23.93 -6.97
C ALA C 254 47.71 23.94 -7.25
N GLY C 255 47.32 24.09 -8.52
CA GLY C 255 45.92 24.02 -8.91
C GLY C 255 45.15 25.24 -8.45
N ASN C 256 43.84 25.12 -8.38
CA ASN C 256 43.02 26.22 -7.88
C ASN C 256 42.91 26.07 -6.37
N VAL C 257 43.49 26.98 -5.60
CA VAL C 257 43.46 26.80 -4.15
C VAL C 257 42.16 27.30 -3.54
N PHE C 258 41.37 28.00 -4.35
CA PHE C 258 40.17 28.65 -3.86
C PHE C 258 38.90 27.84 -4.09
N ASN C 259 37.90 28.11 -3.27
CA ASN C 259 36.59 27.64 -3.60
C ASN C 259 36.17 28.26 -4.95
N PRO C 260 35.86 27.44 -5.95
CA PRO C 260 35.63 27.93 -7.31
C PRO C 260 34.41 28.84 -7.44
N GLY C 261 33.67 29.02 -6.36
CA GLY C 261 32.60 30.02 -6.33
C GLY C 261 33.09 31.45 -6.54
N GLN C 262 34.39 31.62 -6.32
CA GLN C 262 35.11 32.85 -6.65
C GLN C 262 34.80 33.40 -8.04
N GLN C 263 34.49 32.51 -9.00
CA GLN C 263 34.21 32.94 -10.37
C GLN C 263 33.07 33.92 -10.41
N PHE C 264 32.07 33.73 -9.55
CA PHE C 264 30.83 34.49 -9.69
C PHE C 264 30.75 35.71 -8.78
N ILE C 265 31.80 35.98 -8.02
CA ILE C 265 31.84 37.19 -7.20
C ILE C 265 31.70 38.51 -7.98
N LEU C 266 32.40 38.65 -9.10
CA LEU C 266 32.37 39.93 -9.82
C LEU C 266 31.04 40.23 -10.49
N TYR C 267 30.20 39.20 -10.64
CA TYR C 267 28.88 39.37 -11.29
C TYR C 267 28.08 40.41 -10.55
N ASP C 268 28.39 40.52 -9.25
CA ASP C 268 27.75 41.52 -8.39
C ASP C 268 27.99 42.92 -8.92
N ALA C 269 29.20 43.20 -9.38
CA ALA C 269 29.46 44.53 -9.92
C ALA C 269 28.67 44.68 -11.21
N ILE C 270 28.52 43.60 -11.97
CA ILE C 270 27.82 43.72 -13.26
C ILE C 270 26.37 44.15 -13.02
N TYR C 271 25.75 43.56 -12.00
CA TYR C 271 24.36 43.82 -11.69
C TYR C 271 24.16 45.24 -11.19
N LYS C 272 25.22 45.79 -10.60
CA LYS C 272 25.20 47.15 -10.03
C LYS C 272 25.58 48.33 -10.97
N ARG C 273 25.87 48.05 -12.24
CA ARG C 273 26.26 49.12 -13.17
C ARG C 273 25.08 49.96 -13.67
N ARG C 274 25.14 51.28 -13.48
CA ARG C 274 24.10 52.23 -13.89
C ARG C 274 24.20 52.62 -15.36
N PRO C 275 23.08 53.03 -16.00
CA PRO C 275 23.12 53.39 -17.40
C PRO C 275 23.98 54.62 -17.68
N ASP C 276 24.52 55.23 -16.63
CA ASP C 276 25.42 56.37 -16.81
C ASP C 276 26.89 55.96 -16.65
N GLY C 277 27.13 54.67 -16.42
CA GLY C 277 28.49 54.15 -16.35
C GLY C 277 29.08 54.10 -14.96
N GLN C 278 28.36 54.63 -13.99
CA GLN C 278 28.86 54.54 -12.60
C GLN C 278 28.27 53.30 -11.92
N ILE C 279 28.73 53.01 -10.69
CA ILE C 279 28.29 51.83 -9.96
C ILE C 279 27.45 52.17 -8.72
N LEU C 280 26.47 51.32 -8.42
CA LEU C 280 25.66 51.51 -7.20
C LEU C 280 26.57 51.57 -6.00
N ALA C 281 26.29 52.49 -5.08
CA ALA C 281 27.18 52.69 -3.95
C ALA C 281 27.15 51.54 -2.95
N GLY C 282 28.10 51.50 -2.03
CA GLY C 282 28.10 50.51 -0.98
C GLY C 282 29.46 50.50 -0.29
N GLY C 283 29.48 50.67 1.03
CA GLY C 283 30.75 50.71 1.72
C GLY C 283 31.48 52.00 1.41
N ASP C 284 32.79 52.01 1.66
CA ASP C 284 33.64 53.18 1.47
C ASP C 284 33.73 53.49 -0.03
N VAL C 285 32.98 54.47 -0.51
CA VAL C 285 33.02 54.92 -1.89
C VAL C 285 32.99 56.44 -2.04
N ASP C 286 33.41 56.93 -3.21
CA ASP C 286 33.29 58.32 -3.59
C ASP C 286 32.54 58.34 -4.90
N TYR C 287 32.25 59.52 -5.42
CA TYR C 287 31.39 59.61 -6.60
C TYR C 287 32.01 60.50 -7.68
N SER C 288 31.64 60.21 -8.91
CA SER C 288 32.08 60.97 -10.08
C SER C 288 31.12 60.69 -11.23
N ARG C 289 30.93 61.66 -12.10
CA ARG C 289 30.21 61.39 -13.34
C ARG C 289 31.18 61.71 -14.49
N LYS C 290 32.47 61.50 -14.22
CA LYS C 290 33.55 61.83 -15.16
C LYS C 290 33.86 60.74 -16.18
N LYS C 291 33.79 59.49 -15.75
CA LYS C 291 33.98 58.37 -16.67
C LYS C 291 33.64 57.08 -15.99
N PRO C 292 32.99 56.17 -16.73
CA PRO C 292 32.60 54.89 -16.13
C PRO C 292 33.65 54.30 -15.18
N LYS C 293 33.21 53.73 -14.06
CA LYS C 293 34.15 52.97 -13.23
C LYS C 293 34.25 51.56 -13.84
N TYR C 294 35.46 51.00 -13.83
CA TYR C 294 35.71 49.68 -14.38
C TYR C 294 36.46 48.80 -13.39
N TYR C 295 36.20 47.49 -13.44
CA TYR C 295 36.89 46.54 -12.59
C TYR C 295 37.84 45.72 -13.48
N THR C 296 38.64 46.48 -14.22
CA THR C 296 39.58 45.98 -15.20
C THR C 296 40.45 44.80 -14.75
N MET C 297 41.10 44.95 -13.61
CA MET C 297 42.04 43.90 -13.20
C MET C 297 41.30 42.62 -12.79
N PRO C 298 40.32 42.73 -11.88
CA PRO C 298 39.57 41.53 -11.54
C PRO C 298 38.88 40.94 -12.76
N ALA C 299 38.32 41.76 -13.63
CA ALA C 299 37.71 41.22 -14.87
C ALA C 299 38.71 40.41 -15.71
N LEU C 300 39.88 40.98 -15.98
CA LEU C 300 40.98 40.23 -16.58
C LEU C 300 41.32 38.93 -15.86
N LEU C 301 41.67 39.03 -14.57
CA LEU C 301 42.19 37.87 -13.81
C LEU C 301 41.15 36.76 -13.74
N ALA C 302 40.04 37.08 -13.07
CA ALA C 302 38.91 36.16 -12.97
C ALA C 302 38.41 35.74 -14.35
N GLY C 303 38.20 36.72 -15.22
CA GLY C 303 37.69 36.43 -16.55
C GLY C 303 38.48 35.36 -17.25
N SER C 304 39.77 35.60 -17.38
CA SER C 304 40.65 34.72 -18.14
C SER C 304 40.97 33.38 -17.47
N TYR C 305 41.13 33.38 -16.13
CA TYR C 305 41.34 32.11 -15.44
C TYR C 305 40.13 31.20 -15.56
N TYR C 306 38.94 31.74 -15.27
CA TYR C 306 37.71 30.95 -15.33
C TYR C 306 37.02 30.91 -16.69
N LYS C 307 37.68 31.41 -17.74
CA LYS C 307 37.13 31.41 -19.10
C LYS C 307 35.66 31.85 -19.08
N ASP C 308 35.38 32.93 -18.36
CA ASP C 308 34.05 33.47 -18.20
C ASP C 308 33.70 34.61 -19.18
N GLU C 309 32.74 34.37 -20.06
CA GLU C 309 32.51 35.29 -21.17
C GLU C 309 31.89 36.60 -20.70
N TYR C 310 31.16 36.54 -19.59
CA TYR C 310 30.58 37.74 -18.99
C TYR C 310 31.66 38.62 -18.39
N LEU C 311 32.58 37.99 -17.66
CA LEU C 311 33.61 38.78 -16.98
C LEU C 311 34.60 39.30 -17.99
N ASN C 312 34.65 38.64 -19.14
CA ASN C 312 35.57 39.07 -20.15
C ASN C 312 35.03 40.35 -20.74
N TYR C 313 33.70 40.46 -20.81
CA TYR C 313 33.10 41.62 -21.49
C TYR C 313 33.45 42.83 -20.66
N GLU C 314 33.38 42.63 -19.34
CA GLU C 314 33.76 43.64 -18.38
C GLU C 314 35.19 44.18 -18.64
N PHE C 315 36.16 43.29 -18.85
CA PHE C 315 37.52 43.72 -19.12
C PHE C 315 37.65 44.43 -20.47
N LEU C 316 37.00 43.89 -21.50
CA LEU C 316 37.07 44.50 -22.84
C LEU C 316 36.46 45.92 -22.92
N LYS C 317 35.67 46.30 -21.93
CA LYS C 317 35.17 47.67 -21.82
C LYS C 317 36.29 48.70 -21.71
N ASP C 318 37.42 48.31 -21.13
CA ASP C 318 38.54 49.22 -20.90
C ASP C 318 39.79 48.36 -20.65
N PRO C 319 40.40 47.83 -21.73
CA PRO C 319 41.49 46.87 -21.63
C PRO C 319 42.81 47.55 -21.25
N ASN C 320 42.73 48.50 -20.34
CA ASN C 320 43.91 49.27 -19.96
C ASN C 320 44.21 49.08 -18.52
N VAL C 321 45.32 48.39 -18.31
CA VAL C 321 45.70 47.91 -17.01
C VAL C 321 46.73 48.88 -16.45
N GLU C 322 46.85 48.96 -15.12
CA GLU C 322 47.90 49.76 -14.50
C GLU C 322 49.29 49.28 -14.94
N PRO C 323 50.22 50.22 -15.23
CA PRO C 323 51.57 49.88 -15.71
C PRO C 323 52.20 48.67 -15.03
N HIS C 324 52.25 48.65 -13.69
CA HIS C 324 52.83 47.51 -13.00
C HIS C 324 52.09 46.18 -13.25
N CYS C 325 50.92 46.24 -13.87
CA CYS C 325 50.20 45.00 -14.17
C CYS C 325 50.34 44.49 -15.59
N LYS C 326 50.90 45.32 -16.47
CA LYS C 326 51.04 44.95 -17.88
C LYS C 326 51.69 43.59 -18.10
N LEU C 327 52.77 43.31 -17.37
CA LEU C 327 53.46 42.03 -17.51
C LEU C 327 52.51 40.85 -17.27
N PHE C 328 51.71 40.97 -16.22
CA PHE C 328 50.72 39.96 -15.87
C PHE C 328 49.60 39.84 -16.93
N GLU C 329 49.20 40.94 -17.55
CA GLU C 329 48.26 40.80 -18.66
C GLU C 329 48.87 39.89 -19.70
N PHE C 330 50.06 40.27 -20.16
CA PHE C 330 50.78 39.56 -21.21
C PHE C 330 50.97 38.09 -20.90
N LEU C 331 51.21 37.77 -19.64
CA LEU C 331 51.44 36.39 -19.29
C LEU C 331 50.16 35.56 -19.22
N TRP C 332 49.09 36.14 -18.67
CA TRP C 332 47.93 35.36 -18.21
C TRP C 332 46.61 35.60 -18.94
N ARG C 333 46.53 36.67 -19.75
CA ARG C 333 45.27 36.98 -20.41
C ARG C 333 44.92 35.94 -21.48
N ASP C 334 43.64 35.58 -21.54
CA ASP C 334 43.10 34.71 -22.57
C ASP C 334 42.53 35.64 -23.63
N THR C 335 43.26 35.80 -24.73
CA THR C 335 42.82 36.66 -25.83
C THR C 335 41.82 35.92 -26.65
N GLN C 336 41.75 34.61 -26.46
CA GLN C 336 40.94 33.70 -27.28
C GLN C 336 39.49 33.65 -26.78
N LEU C 337 39.31 34.00 -25.50
CA LEU C 337 38.00 33.97 -24.85
C LEU C 337 36.99 34.95 -25.50
N GLY C 338 35.71 34.60 -25.50
CA GLY C 338 34.70 35.47 -26.10
C GLY C 338 34.22 36.45 -25.05
N SER C 339 33.25 37.29 -25.41
CA SER C 339 32.62 38.22 -24.45
C SER C 339 31.10 38.29 -24.61
N ARG C 340 30.39 38.44 -23.49
CA ARG C 340 28.94 38.52 -23.53
C ARG C 340 28.35 39.64 -22.67
N LYS C 341 27.47 40.47 -23.22
CA LYS C 341 26.79 41.53 -22.48
C LYS C 341 25.84 40.86 -21.50
N PRO C 342 25.44 41.58 -20.43
CA PRO C 342 24.60 41.02 -19.40
C PRO C 342 23.11 41.02 -19.74
N ASP C 343 22.77 41.49 -20.94
CA ASP C 343 21.36 41.58 -21.36
C ASP C 343 20.53 40.32 -21.18
N ASP C 344 21.13 39.14 -21.26
CA ASP C 344 20.34 37.94 -20.99
C ASP C 344 20.46 37.39 -19.55
N LEU C 345 21.07 38.12 -18.62
CA LEU C 345 21.13 37.62 -17.25
C LEU C 345 19.74 37.74 -16.64
N PRO C 346 19.42 36.88 -15.66
CA PRO C 346 18.16 37.02 -14.93
C PRO C 346 18.17 38.35 -14.18
N LEU C 347 17.00 38.96 -13.97
CA LEU C 347 16.98 40.33 -13.45
C LEU C 347 17.22 40.44 -11.93
N SER C 348 17.29 39.31 -11.23
CA SER C 348 17.59 39.33 -9.79
C SER C 348 18.71 38.35 -9.43
N ARG C 349 19.53 38.71 -8.44
CA ARG C 349 20.63 37.85 -8.00
C ARG C 349 20.76 37.83 -6.47
N TYR C 350 20.83 36.62 -5.90
CA TYR C 350 20.78 36.47 -4.47
C TYR C 350 22.14 36.09 -3.90
N SER C 351 22.57 36.72 -2.80
CA SER C 351 23.82 36.31 -2.15
C SER C 351 23.53 35.82 -0.74
N GLY C 352 23.63 34.52 -0.52
CA GLY C 352 23.36 33.92 0.81
C GLY C 352 24.40 34.22 1.88
N SER C 353 24.47 33.38 2.92
CA SER C 353 25.42 33.54 4.03
C SER C 353 26.84 33.80 3.56
N PRO C 354 27.55 34.72 4.24
CA PRO C 354 27.13 35.50 5.39
C PRO C 354 26.61 36.86 5.04
N PHE C 355 26.12 36.99 3.81
CA PHE C 355 25.60 38.26 3.32
C PHE C 355 24.07 38.36 3.43
N GLY C 356 23.35 37.63 2.59
CA GLY C 356 21.90 37.82 2.55
C GLY C 356 21.54 39.12 1.83
N TRP C 357 21.87 39.20 0.54
CA TRP C 357 21.66 40.42 -0.25
C TRP C 357 20.94 40.13 -1.55
N MET C 358 19.98 40.98 -1.90
CA MET C 358 19.31 40.85 -3.21
C MET C 358 19.60 42.07 -4.04
N ILE C 359 19.99 41.84 -5.28
CA ILE C 359 20.05 42.92 -6.26
C ILE C 359 19.01 42.52 -7.30
N ALA C 360 18.04 43.42 -7.50
CA ALA C 360 16.89 43.24 -8.39
C ALA C 360 16.85 44.37 -9.41
N ARG C 361 16.72 44.07 -10.69
CA ARG C 361 16.54 45.10 -11.74
C ARG C 361 15.25 44.86 -12.52
N THR C 362 14.90 45.83 -13.37
CA THR C 362 13.78 45.68 -14.32
C THR C 362 14.25 45.64 -15.78
N GLY C 363 15.57 45.52 -15.99
CA GLY C 363 16.13 45.45 -17.35
C GLY C 363 17.61 45.74 -17.37
N TRP C 364 18.16 45.93 -18.56
CA TRP C 364 19.60 46.14 -18.70
C TRP C 364 19.99 47.38 -19.51
N GLY C 365 18.99 48.12 -19.99
CA GLY C 365 19.27 49.35 -20.75
C GLY C 365 19.00 50.58 -19.87
N PRO C 366 18.77 51.72 -20.52
CA PRO C 366 18.55 53.01 -19.85
C PRO C 366 17.39 53.01 -18.84
N GLU C 367 16.38 52.17 -19.10
CA GLU C 367 15.14 52.18 -18.33
C GLU C 367 15.19 51.34 -17.05
N SER C 368 16.38 50.96 -16.60
CA SER C 368 16.46 50.05 -15.48
C SER C 368 16.21 50.65 -14.10
N VAL C 369 15.33 50.02 -13.34
CA VAL C 369 15.34 50.23 -11.91
C VAL C 369 16.46 49.30 -11.37
N ILE C 370 17.21 49.77 -10.37
CA ILE C 370 18.20 48.92 -9.66
C ILE C 370 17.93 48.96 -8.17
N ALA C 371 17.52 47.84 -7.58
CA ALA C 371 17.14 47.85 -6.18
C ALA C 371 18.02 46.96 -5.33
N GLU C 372 18.44 47.45 -4.17
CA GLU C 372 19.34 46.68 -3.34
C GLU C 372 18.75 46.47 -1.96
N MET C 373 18.71 45.21 -1.51
CA MET C 373 18.13 44.87 -0.20
C MET C 373 19.15 44.04 0.59
N LYS C 374 19.41 44.42 1.84
CA LYS C 374 20.47 43.73 2.60
C LYS C 374 20.19 43.42 4.08
N VAL C 375 20.59 42.22 4.48
CA VAL C 375 20.48 41.83 5.86
C VAL C 375 21.83 41.98 6.53
N ASN C 376 22.82 41.29 5.99
CA ASN C 376 24.14 41.19 6.61
C ASN C 376 24.16 40.29 7.83
N GLU C 377 24.58 39.04 7.66
CA GLU C 377 24.62 38.19 8.83
C GLU C 377 25.84 38.47 9.68
N TYR C 378 26.92 38.85 8.99
CA TYR C 378 28.17 39.22 9.64
C TYR C 378 28.73 40.54 9.12
N SER C 379 29.51 41.20 9.98
CA SER C 379 30.20 42.43 9.61
C SER C 379 31.70 42.21 9.50
N PHE C 380 32.29 42.76 8.44
CA PHE C 380 33.71 42.55 8.19
C PHE C 380 34.59 43.75 8.58
N LEU C 381 33.93 44.85 8.92
CA LEU C 381 34.60 46.12 9.28
C LEU C 381 35.53 46.66 8.20
N ASN C 382 36.53 47.46 8.59
CA ASN C 382 37.37 48.15 7.62
C ASN C 382 36.47 49.01 6.74
N HIS C 383 36.39 48.69 5.44
CA HIS C 383 35.62 49.50 4.49
C HIS C 383 34.10 49.25 4.42
N GLN C 384 33.62 48.17 5.04
CA GLN C 384 32.18 47.87 5.07
C GLN C 384 31.54 48.77 6.11
N HIS C 385 30.25 49.00 5.99
CA HIS C 385 29.53 49.86 6.95
C HIS C 385 28.59 49.10 7.88
N GLN C 386 28.31 49.70 9.03
CA GLN C 386 27.31 49.14 9.93
C GLN C 386 25.93 49.44 9.36
N ASP C 387 25.56 48.71 8.31
CA ASP C 387 24.40 49.06 7.49
C ASP C 387 23.38 47.94 7.31
N ALA C 388 23.13 47.16 8.36
CA ALA C 388 22.20 46.04 8.24
C ALA C 388 20.78 46.56 8.03
N GLY C 389 19.99 45.84 7.23
CA GLY C 389 18.63 46.29 6.92
C GLY C 389 18.54 47.30 5.77
N ALA C 390 19.63 47.99 5.53
CA ALA C 390 19.68 49.00 4.46
C ALA C 390 19.11 48.59 3.11
N PHE C 391 18.39 49.51 2.49
CA PHE C 391 18.02 49.35 1.08
C PHE C 391 18.48 50.55 0.25
N GLN C 392 18.64 50.36 -1.06
CA GLN C 392 19.11 51.38 -2.00
C GLN C 392 18.38 51.24 -3.33
N ILE C 393 17.87 52.35 -3.87
CA ILE C 393 17.15 52.33 -5.15
C ILE C 393 17.60 53.42 -6.13
N TYR C 394 18.01 53.02 -7.33
CA TYR C 394 18.35 53.91 -8.44
C TYR C 394 17.37 53.63 -9.58
N TYR C 395 16.85 54.69 -10.19
CA TYR C 395 16.14 54.63 -11.48
C TYR C 395 16.28 55.98 -12.14
N LYS C 396 16.86 56.03 -13.35
CA LYS C 396 17.19 57.32 -13.96
C LYS C 396 17.81 58.26 -12.91
N GLY C 397 18.75 57.77 -12.10
CA GLY C 397 19.40 58.56 -11.07
C GLY C 397 19.25 57.90 -9.70
N PRO C 398 20.14 58.22 -8.74
CA PRO C 398 20.00 57.72 -7.37
C PRO C 398 18.77 58.34 -6.69
N LEU C 399 17.98 57.54 -6.01
CA LEU C 399 16.75 58.01 -5.44
C LEU C 399 16.77 57.70 -3.94
N ALA C 400 16.57 56.44 -3.58
CA ALA C 400 16.73 56.04 -2.19
C ALA C 400 18.20 55.78 -2.08
N ILE C 401 18.92 56.68 -1.41
CA ILE C 401 20.38 56.64 -1.50
C ILE C 401 21.13 55.98 -0.33
N ASP C 402 22.38 55.61 -0.58
CA ASP C 402 23.35 55.22 0.45
C ASP C 402 24.20 56.49 0.62
N ALA C 403 24.10 57.15 1.77
CA ALA C 403 24.55 58.54 1.94
C ALA C 403 25.93 58.72 2.56
N GLY C 404 26.48 59.93 2.40
CA GLY C 404 27.80 60.29 2.89
C GLY C 404 28.78 60.17 1.75
N SER C 405 30.06 60.37 2.05
CA SER C 405 31.13 60.14 1.07
C SER C 405 32.44 59.83 1.78
N TYR C 406 33.33 59.07 1.15
CA TYR C 406 34.54 58.58 1.81
C TYR C 406 35.49 59.71 2.15
N THR C 407 35.75 60.55 1.16
CA THR C 407 36.67 61.69 1.33
C THR C 407 35.94 63.02 1.16
N GLY C 408 36.61 64.10 1.53
CA GLY C 408 35.99 65.41 1.42
C GLY C 408 36.60 66.37 2.42
N SER C 409 35.84 67.42 2.76
CA SER C 409 36.39 68.42 3.66
C SER C 409 36.68 67.92 5.09
N SER C 410 36.12 66.76 5.45
CA SER C 410 36.38 66.18 6.77
C SER C 410 37.74 65.47 6.76
N GLY C 411 38.13 64.95 5.60
CA GLY C 411 39.38 64.23 5.51
C GLY C 411 39.19 62.84 4.92
N GLY C 412 40.11 61.94 5.26
CA GLY C 412 40.10 60.61 4.64
C GLY C 412 39.40 59.57 5.46
N TYR C 413 39.99 58.39 5.54
CA TYR C 413 39.46 57.25 6.29
C TYR C 413 39.21 57.62 7.75
N ASN C 414 40.17 58.31 8.36
CA ASN C 414 40.12 58.58 9.79
C ASN C 414 39.31 59.84 10.17
N SER C 415 38.56 60.36 9.20
CA SER C 415 37.83 61.60 9.39
C SER C 415 36.66 61.39 10.34
N PRO C 416 36.20 62.47 10.97
CA PRO C 416 35.02 62.38 11.80
C PRO C 416 33.79 61.97 10.98
N HIS C 417 33.76 62.30 9.69
CA HIS C 417 32.63 61.94 8.83
C HIS C 417 32.49 60.43 8.70
N ASN C 418 33.63 59.75 8.53
CA ASN C 418 33.59 58.29 8.48
C ASN C 418 33.12 57.67 9.78
N LYS C 419 33.81 58.02 10.86
CA LYS C 419 33.55 57.46 12.18
C LYS C 419 32.13 57.71 12.67
N ASN C 420 31.59 58.89 12.37
CA ASN C 420 30.35 59.30 13.02
C ASN C 420 29.14 59.39 12.10
N PHE C 421 29.35 59.23 10.81
CA PHE C 421 28.19 59.26 9.89
C PHE C 421 28.29 58.19 8.80
N PHE C 422 29.24 58.36 7.90
CA PHE C 422 29.33 57.53 6.70
C PHE C 422 29.26 56.03 6.95
N LYS C 423 30.01 55.57 7.94
CA LYS C 423 30.15 54.13 8.19
C LYS C 423 29.01 53.63 9.04
N ARG C 424 28.19 54.57 9.53
CA ARG C 424 27.21 54.31 10.57
C ARG C 424 25.79 54.12 10.03
N THR C 425 24.91 53.57 10.88
CA THR C 425 23.57 53.17 10.44
C THR C 425 22.78 54.38 9.95
N ILE C 426 22.92 55.47 10.69
CA ILE C 426 22.24 56.73 10.43
C ILE C 426 22.42 57.23 8.98
N ALA C 427 23.49 56.77 8.32
CA ALA C 427 23.80 57.23 6.96
C ALA C 427 23.03 56.44 5.90
N HIS C 428 22.27 55.44 6.36
CA HIS C 428 21.64 54.47 5.49
C HIS C 428 20.13 54.43 5.65
N ASN C 429 19.47 53.73 4.74
CA ASN C 429 18.03 53.55 4.76
C ASN C 429 17.64 52.34 5.60
N SER C 430 17.81 52.48 6.90
CA SER C 430 17.64 51.38 7.83
C SER C 430 16.94 51.93 9.06
N LEU C 431 17.26 51.37 10.22
CA LEU C 431 16.50 51.65 11.43
C LEU C 431 17.34 52.16 12.60
N LEU C 432 16.80 53.14 13.33
CA LEU C 432 17.50 53.63 14.50
C LEU C 432 16.64 53.41 15.72
N ILE C 433 17.26 53.08 16.84
CA ILE C 433 16.60 53.06 18.14
C ILE C 433 17.58 53.76 19.09
N TYR C 434 17.16 54.83 19.77
CA TYR C 434 18.12 55.67 20.48
C TYR C 434 18.24 55.43 21.98
N ASP C 435 19.29 54.76 22.44
CA ASP C 435 19.56 54.64 23.87
C ASP C 435 20.53 55.75 24.32
N PRO C 436 20.12 56.53 25.32
CA PRO C 436 20.87 57.73 25.60
C PRO C 436 22.17 57.46 26.27
N LYS C 437 22.35 56.29 26.86
CA LYS C 437 23.55 56.02 27.62
C LYS C 437 24.39 54.92 26.98
N GLU C 438 24.15 54.70 25.70
CA GLU C 438 24.91 53.75 24.96
C GLU C 438 26.21 54.41 24.59
N THR C 439 27.28 53.66 24.66
CA THR C 439 28.56 54.17 24.19
C THR C 439 28.99 53.37 22.97
N PHE C 440 29.86 53.95 22.17
CA PHE C 440 30.39 53.27 21.00
C PHE C 440 31.91 53.34 21.01
N SER C 441 32.55 52.23 21.35
CA SER C 441 34.00 52.15 21.41
C SER C 441 34.65 52.13 20.03
N SER C 442 35.56 53.08 19.79
CA SER C 442 36.24 53.22 18.48
C SER C 442 37.76 53.43 18.62
N SER C 443 38.29 52.94 19.73
CA SER C 443 39.70 53.12 20.06
C SER C 443 40.68 52.35 19.16
N GLY C 444 40.22 51.28 18.52
CA GLY C 444 41.06 50.58 17.56
C GLY C 444 40.99 51.09 16.12
N TYR C 445 39.97 51.86 15.79
CA TYR C 445 39.70 52.25 14.40
C TYR C 445 40.86 52.95 13.69
N GLY C 446 41.34 52.37 12.60
CA GLY C 446 42.36 53.01 11.79
C GLY C 446 43.75 53.11 12.43
N GLY C 447 44.64 53.82 11.73
CA GLY C 447 46.00 54.10 12.19
C GLY C 447 46.24 55.57 12.52
N SER C 448 45.16 56.36 12.44
CA SER C 448 45.28 57.80 12.67
C SER C 448 43.98 58.37 13.27
N ASP C 449 44.11 59.62 13.74
CA ASP C 449 43.06 60.35 14.47
C ASP C 449 42.44 59.66 15.70
N HIS C 450 42.75 58.37 15.93
CA HIS C 450 42.11 57.52 16.97
C HIS C 450 41.40 58.22 18.13
N THR C 451 40.07 58.11 18.17
CA THR C 451 39.28 58.65 19.28
C THR C 451 38.66 57.50 20.06
N ASP C 452 38.88 57.46 21.37
CA ASP C 452 38.39 56.34 22.16
C ASP C 452 36.87 56.09 22.00
N PHE C 453 36.07 57.14 22.04
CA PHE C 453 34.61 57.00 21.80
C PHE C 453 34.07 57.85 20.65
N ALA C 454 33.19 57.27 19.84
CA ALA C 454 32.61 57.96 18.69
C ALA C 454 31.17 58.39 19.00
N ALA C 455 30.51 59.04 18.05
CA ALA C 455 29.17 59.59 18.27
C ALA C 455 28.10 58.53 18.48
N ASN C 456 27.05 58.88 19.22
CA ASN C 456 25.86 58.05 19.31
C ASN C 456 24.83 58.35 18.22
N ASP C 457 24.69 57.46 17.25
CA ASP C 457 23.76 57.70 16.16
C ASP C 457 22.47 56.91 16.33
N GLY C 458 22.30 56.28 17.50
CA GLY C 458 21.17 55.38 17.74
C GLY C 458 21.10 54.24 16.75
N GLY C 459 22.26 53.92 16.17
CA GLY C 459 22.36 52.89 15.15
C GLY C 459 22.94 51.59 15.68
N GLN C 460 23.72 50.95 14.83
CA GLN C 460 24.23 49.61 15.07
C GLN C 460 25.55 49.61 15.82
N ARG C 461 25.82 48.55 16.56
CA ARG C 461 27.04 48.46 17.39
C ARG C 461 28.32 48.63 16.57
N LEU C 462 29.40 48.91 17.29
CA LEU C 462 30.73 48.82 16.72
C LEU C 462 31.39 47.55 17.23
N PRO C 463 31.39 46.47 16.41
CA PRO C 463 31.90 45.18 16.83
C PRO C 463 33.41 45.21 16.94
N GLY C 464 33.99 44.16 17.52
CA GLY C 464 35.45 44.08 17.69
C GLY C 464 35.96 44.89 18.88
N LYS C 465 37.26 44.79 19.16
CA LYS C 465 37.78 45.50 20.34
C LYS C 465 38.09 46.95 20.01
N GLY C 466 37.11 47.82 20.29
CA GLY C 466 37.22 49.21 19.89
C GLY C 466 37.17 49.43 18.37
N TRP C 467 36.29 48.68 17.69
CA TRP C 467 36.00 48.83 16.26
C TRP C 467 37.17 48.46 15.34
N ILE C 468 37.78 47.29 15.52
CA ILE C 468 38.82 46.79 14.61
C ILE C 468 38.47 45.37 14.20
N ALA C 469 38.77 45.05 12.96
CA ALA C 469 38.50 43.72 12.44
C ALA C 469 39.29 42.69 13.24
N PRO C 470 38.77 41.45 13.29
CA PRO C 470 39.48 40.33 13.90
C PRO C 470 40.72 39.99 13.07
N ARG C 471 41.63 39.26 13.66
CA ARG C 471 42.78 38.78 12.93
C ARG C 471 42.41 37.88 11.73
N ASP C 472 41.52 36.91 11.94
CA ASP C 472 41.13 35.90 10.93
C ASP C 472 39.74 35.34 11.18
N LEU C 473 39.37 34.22 10.54
CA LEU C 473 38.00 33.69 10.66
C LEU C 473 37.72 33.09 12.03
N LYS C 474 38.70 32.35 12.55
CA LYS C 474 38.59 31.74 13.87
C LYS C 474 38.21 32.80 14.92
N GLU C 475 38.90 33.93 14.87
CA GLU C 475 38.71 34.99 15.83
C GLU C 475 37.40 35.69 15.53
N MET C 476 37.12 35.83 14.23
CA MET C 476 35.87 36.44 13.80
C MET C 476 34.68 35.72 14.41
N LEU C 477 34.70 34.39 14.30
CA LEU C 477 33.57 33.60 14.71
C LEU C 477 33.47 33.53 16.22
N ALA C 478 34.60 33.54 16.91
CA ALA C 478 34.59 33.46 18.38
C ALA C 478 34.18 34.77 19.06
N GLY C 479 34.07 35.84 18.28
CA GLY C 479 33.80 37.16 18.85
C GLY C 479 32.39 37.69 18.66
N ASP C 480 32.26 39.00 18.60
CA ASP C 480 30.96 39.65 18.50
C ASP C 480 30.68 40.34 17.15
N PHE C 481 30.89 39.61 16.06
CA PHE C 481 30.78 40.21 14.72
C PHE C 481 29.54 39.73 13.97
N ARG C 482 28.71 38.98 14.67
CA ARG C 482 27.48 38.50 14.06
C ARG C 482 26.45 39.58 14.17
N THR C 483 25.91 40.02 13.04
CA THR C 483 24.96 41.12 13.08
C THR C 483 23.57 40.75 12.60
N GLY C 484 23.33 39.50 12.20
CA GLY C 484 22.05 39.16 11.59
C GLY C 484 21.83 37.72 11.19
N LYS C 485 20.63 37.45 10.69
CA LYS C 485 20.16 36.10 10.40
C LYS C 485 19.14 36.21 9.29
N ILE C 486 19.43 35.63 8.15
CA ILE C 486 18.49 35.55 7.05
C ILE C 486 17.38 34.62 7.52
N LEU C 487 16.14 35.08 7.39
CA LEU C 487 14.97 34.27 7.75
C LEU C 487 14.25 33.67 6.53
N ALA C 488 14.25 34.36 5.40
CA ALA C 488 13.55 33.88 4.20
C ALA C 488 13.94 34.71 3.01
N GLN C 489 13.85 34.11 1.82
CA GLN C 489 14.21 34.80 0.59
C GLN C 489 13.73 33.99 -0.60
N GLY C 490 13.51 34.69 -1.71
CA GLY C 490 13.11 34.08 -2.98
C GLY C 490 12.72 35.10 -4.03
N PHE C 491 12.62 34.66 -5.28
CA PHE C 491 12.06 35.51 -6.33
C PHE C 491 11.33 34.66 -7.35
N GLY C 492 10.41 35.24 -8.12
CA GLY C 492 9.61 34.47 -9.07
C GLY C 492 8.37 35.19 -9.61
N PRO C 493 7.41 34.44 -10.16
CA PRO C 493 7.51 32.99 -10.22
C PRO C 493 8.59 32.54 -11.21
N ASP C 494 8.85 33.38 -12.21
CA ASP C 494 9.77 33.13 -13.30
C ASP C 494 11.20 33.48 -12.88
N ASN C 495 12.15 32.61 -13.16
CA ASN C 495 13.54 32.83 -12.77
C ASN C 495 14.21 33.94 -13.61
N GLN C 496 13.91 33.97 -14.90
CA GLN C 496 14.52 34.94 -15.80
C GLN C 496 14.08 36.38 -15.50
N THR C 497 12.78 36.54 -15.26
CA THR C 497 12.20 37.87 -15.09
C THR C 497 11.17 37.89 -13.95
N PRO C 498 11.61 37.76 -12.70
CA PRO C 498 10.65 37.61 -11.60
C PRO C 498 9.75 38.82 -11.37
N ASP C 499 8.43 38.60 -11.18
CA ASP C 499 7.54 39.68 -10.74
C ASP C 499 7.88 40.14 -9.30
N TYR C 500 8.29 39.21 -8.45
CA TYR C 500 8.64 39.60 -7.09
C TYR C 500 10.05 39.18 -6.68
N THR C 501 10.70 40.03 -5.91
CA THR C 501 11.97 39.65 -5.30
C THR C 501 11.80 39.86 -3.79
N TYR C 502 12.03 38.80 -3.02
CA TYR C 502 11.73 38.81 -1.58
C TYR C 502 12.91 38.44 -0.67
N LEU C 503 13.07 39.21 0.40
CA LEU C 503 14.14 38.96 1.36
C LEU C 503 13.66 39.33 2.75
N LYS C 504 13.99 38.51 3.74
CA LYS C 504 13.66 38.87 5.12
C LYS C 504 14.83 38.57 6.06
N GLY C 505 15.05 39.43 7.04
CA GLY C 505 16.14 39.11 7.97
C GLY C 505 15.96 39.63 9.38
N ASP C 506 16.65 39.01 10.33
CA ASP C 506 16.54 39.44 11.73
C ASP C 506 17.86 40.06 12.14
N ILE C 507 17.88 41.37 12.22
CA ILE C 507 19.12 42.08 12.43
C ILE C 507 19.24 42.56 13.87
N THR C 508 18.52 41.87 14.76
CA THR C 508 18.54 42.16 16.20
C THR C 508 19.97 42.21 16.67
N ALA C 509 20.79 41.28 16.17
CA ALA C 509 22.15 41.09 16.64
C ALA C 509 23.07 42.23 16.21
N ALA C 510 22.59 43.10 15.32
CA ALA C 510 23.38 44.25 14.84
C ALA C 510 23.35 45.36 15.87
N TYR C 511 22.29 45.38 16.67
CA TYR C 511 22.06 46.41 17.65
C TYR C 511 22.47 45.92 19.04
N SER C 512 22.39 46.81 20.03
CA SER C 512 22.85 46.46 21.36
C SER C 512 21.71 45.85 22.16
N ALA C 513 21.88 45.83 23.49
CA ALA C 513 20.85 45.26 24.35
C ALA C 513 19.60 46.16 24.41
N LYS C 514 19.67 47.30 23.74
CA LYS C 514 18.59 48.28 23.70
C LYS C 514 17.37 47.79 22.92
N VAL C 515 17.50 46.68 22.19
CA VAL C 515 16.36 46.08 21.46
C VAL C 515 16.19 44.58 21.68
N LYS C 516 14.95 44.11 21.81
CA LYS C 516 14.68 42.70 22.05
C LYS C 516 14.56 41.93 20.74
N GLU C 517 14.22 42.67 19.67
CA GLU C 517 14.02 42.07 18.36
C GLU C 517 13.93 43.13 17.23
N VAL C 518 14.64 42.91 16.12
CA VAL C 518 14.49 43.75 14.93
C VAL C 518 14.42 42.92 13.63
N LYS C 519 13.29 42.99 12.92
CA LYS C 519 13.12 42.26 11.66
C LYS C 519 12.76 43.22 10.53
N ARG C 520 13.37 43.02 9.36
CA ARG C 520 13.00 43.80 8.21
C ARG C 520 12.65 42.88 7.08
N SER C 521 11.58 43.22 6.36
CA SER C 521 11.09 42.41 5.24
C SER C 521 11.03 43.20 3.93
N PHE C 522 11.78 42.78 2.93
CA PHE C 522 11.72 43.51 1.68
C PHE C 522 10.90 42.74 0.66
N LEU C 523 10.01 43.44 -0.01
CA LEU C 523 9.38 42.81 -1.16
C LEU C 523 9.41 43.73 -2.36
N PHE C 524 10.33 43.46 -3.27
CA PHE C 524 10.47 44.28 -4.46
C PHE C 524 9.52 43.75 -5.53
N LEU C 525 8.83 44.65 -6.22
CA LEU C 525 7.93 44.24 -7.26
C LEU C 525 8.29 44.82 -8.62
N ASN C 526 8.54 43.95 -9.61
CA ASN C 526 8.72 44.40 -11.00
C ASN C 526 7.35 44.44 -11.69
N LEU C 527 6.70 45.60 -11.66
CA LEU C 527 5.31 45.73 -12.09
C LEU C 527 5.12 45.43 -13.56
N LYS C 528 6.23 45.36 -14.29
CA LYS C 528 6.25 44.97 -15.70
C LYS C 528 5.48 45.91 -16.65
N ASP C 529 5.47 47.21 -16.35
CA ASP C 529 4.99 48.21 -17.31
C ASP C 529 5.87 49.46 -17.27
N ALA C 530 5.88 50.21 -18.38
CA ALA C 530 6.80 51.35 -18.50
C ALA C 530 6.48 52.50 -17.55
N LYS C 531 5.21 52.78 -17.37
CA LYS C 531 4.80 53.97 -16.64
C LYS C 531 5.21 53.91 -15.17
N VAL C 532 4.84 52.86 -14.46
CA VAL C 532 5.37 52.69 -13.11
C VAL C 532 6.17 51.38 -13.05
N PRO C 533 7.45 51.43 -13.43
CA PRO C 533 8.21 50.22 -13.65
C PRO C 533 8.46 49.32 -12.41
N ALA C 534 8.46 49.86 -11.19
CA ALA C 534 8.73 49.03 -10.01
C ALA C 534 8.21 49.57 -8.68
N ALA C 535 8.24 48.72 -7.64
CA ALA C 535 7.85 49.10 -6.29
C ALA C 535 8.59 48.26 -5.26
N MET C 536 8.78 48.83 -4.08
CA MET C 536 9.36 48.10 -2.97
C MET C 536 8.53 48.29 -1.69
N ILE C 537 8.10 47.19 -1.07
CA ILE C 537 7.40 47.21 0.20
C ILE C 537 8.34 46.79 1.34
N VAL C 538 8.32 47.51 2.46
CA VAL C 538 9.21 47.19 3.56
C VAL C 538 8.39 47.13 4.83
N PHE C 539 8.41 45.95 5.45
CA PHE C 539 7.71 45.72 6.71
C PHE C 539 8.73 45.45 7.83
N ASP C 540 8.71 46.27 8.88
CA ASP C 540 9.70 46.21 9.93
C ASP C 540 9.02 45.97 11.24
N LYS C 541 9.72 45.28 12.13
CA LYS C 541 9.26 45.09 13.50
C LYS C 541 10.36 45.53 14.47
N VAL C 542 10.08 46.49 15.35
CA VAL C 542 11.08 46.87 16.34
C VAL C 542 10.57 46.76 17.77
N VAL C 543 11.21 45.94 18.58
CA VAL C 543 10.82 45.87 19.98
C VAL C 543 11.99 46.41 20.79
N ALA C 544 11.79 47.57 21.41
CA ALA C 544 12.83 48.21 22.19
C ALA C 544 12.74 47.77 23.64
N SER C 545 13.87 47.80 24.33
CA SER C 545 13.93 47.30 25.70
C SER C 545 13.33 48.29 26.69
N ASN C 546 13.23 49.53 26.22
CA ASN C 546 12.68 50.63 26.98
C ASN C 546 11.80 51.44 26.05
N PRO C 547 10.50 51.58 26.38
CA PRO C 547 9.57 52.19 25.45
C PRO C 547 9.95 53.61 25.03
N ASP C 548 10.78 54.26 25.84
CA ASP C 548 11.17 55.65 25.63
C ASP C 548 12.33 55.80 24.65
N PHE C 549 12.88 54.68 24.18
CA PHE C 549 13.98 54.75 23.25
C PHE C 549 13.43 55.10 21.86
N LYS C 550 13.38 56.40 21.54
CA LYS C 550 12.88 56.87 20.25
C LYS C 550 13.37 56.06 19.04
N LYS C 551 12.43 55.60 18.20
CA LYS C 551 12.71 54.77 17.03
C LYS C 551 12.62 55.58 15.74
N PHE C 552 13.40 55.21 14.72
CA PHE C 552 13.46 55.97 13.48
C PHE C 552 13.48 55.11 12.23
N TRP C 553 12.68 55.46 11.22
CA TRP C 553 12.74 54.83 9.90
C TRP C 553 13.33 55.88 8.96
N LEU C 554 14.47 55.58 8.33
CA LEU C 554 15.16 56.60 7.53
C LEU C 554 15.02 56.44 6.01
N LEU C 555 14.84 57.55 5.28
CA LEU C 555 14.88 57.54 3.82
C LEU C 555 15.74 58.73 3.36
N HIS C 556 16.95 58.47 2.85
CA HIS C 556 17.86 59.53 2.37
C HIS C 556 17.71 59.82 0.88
N SER C 557 17.75 61.08 0.49
CA SER C 557 17.76 61.44 -0.94
C SER C 557 18.76 62.56 -1.19
N ILE C 558 19.03 62.86 -2.46
CA ILE C 558 19.96 63.93 -2.76
C ILE C 558 19.25 65.27 -2.61
N GLU C 559 18.18 65.47 -3.38
CA GLU C 559 17.37 66.70 -3.35
C GLU C 559 16.30 66.69 -2.23
N GLN C 560 15.60 67.81 -2.05
CA GLN C 560 14.63 67.90 -0.97
C GLN C 560 13.44 67.03 -1.29
N PRO C 561 12.95 66.30 -0.27
CA PRO C 561 11.71 65.52 -0.36
C PRO C 561 10.49 66.36 0.01
N GLU C 562 9.34 66.12 -0.60
CA GLU C 562 8.13 66.80 -0.15
C GLU C 562 7.22 65.83 0.60
N ILE C 563 6.65 66.31 1.70
CA ILE C 563 5.86 65.48 2.59
C ILE C 563 4.45 66.03 2.61
N LYS C 564 3.53 65.31 1.98
CA LYS C 564 2.11 65.68 1.93
C LYS C 564 1.30 64.53 2.52
N GLY C 565 1.03 64.62 3.81
CA GLY C 565 0.26 63.59 4.51
C GLY C 565 1.14 62.40 4.80
N ASN C 566 0.67 61.23 4.39
CA ASN C 566 1.46 60.00 4.47
C ASN C 566 2.36 59.84 3.23
N GLN C 567 2.40 60.85 2.37
CA GLN C 567 3.12 60.79 1.11
C GLN C 567 4.53 61.39 1.18
N ILE C 568 5.52 60.73 0.59
CA ILE C 568 6.85 61.30 0.49
C ILE C 568 7.25 61.25 -0.97
N THR C 569 7.51 62.41 -1.56
CA THR C 569 7.96 62.48 -2.96
C THR C 569 9.44 62.91 -3.09
N ILE C 570 10.29 61.99 -3.58
CA ILE C 570 11.68 62.29 -3.91
C ILE C 570 11.89 62.28 -5.43
N LYS C 571 12.44 63.38 -5.94
CA LYS C 571 12.69 63.61 -7.36
C LYS C 571 14.17 63.90 -7.63
N ARG C 572 14.64 63.55 -8.82
CA ARG C 572 15.92 64.02 -9.35
C ARG C 572 15.61 64.88 -10.57
N THR C 573 16.32 66.00 -10.69
CA THR C 573 16.10 66.95 -11.77
C THR C 573 17.42 67.48 -12.35
N LYS C 574 18.52 66.88 -11.91
CA LYS C 574 19.84 67.38 -12.19
C LYS C 574 20.73 66.33 -12.83
N ASN C 575 21.85 66.78 -13.38
CA ASN C 575 22.84 65.91 -14.02
C ASN C 575 22.28 64.95 -15.09
N GLY C 576 21.17 65.33 -15.72
CA GLY C 576 20.48 64.46 -16.68
C GLY C 576 19.51 63.47 -16.03
N ASP C 577 19.55 63.39 -14.69
CA ASP C 577 18.69 62.47 -13.90
C ASP C 577 17.23 62.95 -13.84
N SER C 578 16.26 62.02 -13.88
CA SER C 578 14.87 62.47 -13.86
C SER C 578 13.97 61.49 -13.14
N GLY C 579 14.57 60.54 -12.42
CA GLY C 579 13.84 59.53 -11.67
C GLY C 579 13.04 60.08 -10.50
N MET C 580 11.96 59.40 -10.13
CA MET C 580 11.15 59.83 -8.98
C MET C 580 10.79 58.64 -8.10
N LEU C 581 10.77 58.90 -6.80
CA LEU C 581 10.40 57.90 -5.82
C LEU C 581 9.21 58.46 -5.03
N VAL C 582 8.16 57.68 -4.83
CA VAL C 582 7.03 58.09 -3.99
C VAL C 582 6.74 57.01 -2.96
N ASN C 583 6.74 57.35 -1.68
CA ASN C 583 6.57 56.38 -0.60
C ASN C 583 5.31 56.61 0.21
N THR C 584 4.49 55.57 0.42
CA THR C 584 3.25 55.71 1.19
C THR C 584 3.44 55.18 2.60
N ALA C 585 3.31 56.03 3.61
CA ALA C 585 3.46 55.53 4.97
C ALA C 585 2.14 54.90 5.41
N LEU C 586 2.14 53.59 5.60
CA LEU C 586 0.92 52.89 5.99
C LEU C 586 0.89 52.52 7.46
N LEU C 587 2.05 52.25 8.05
CA LEU C 587 2.22 52.07 9.50
C LEU C 587 3.57 52.61 9.94
N PRO C 588 3.60 53.33 11.07
CA PRO C 588 2.41 53.69 11.82
C PRO C 588 1.46 54.46 10.94
N ASP C 589 0.17 54.25 11.13
CA ASP C 589 -0.80 54.98 10.34
C ASP C 589 -0.96 56.43 10.81
N ALA C 590 -1.72 57.21 10.04
CA ALA C 590 -1.76 58.66 10.20
C ALA C 590 -1.74 59.15 11.65
N ALA C 591 -2.58 58.59 12.50
CA ALA C 591 -2.65 59.07 13.87
C ALA C 591 -1.34 58.99 14.65
N ASN C 592 -0.52 57.97 14.39
CA ASN C 592 0.65 57.80 15.22
C ASN C 592 1.95 58.09 14.46
N SER C 593 1.79 58.75 13.31
CA SER C 593 2.90 58.90 12.37
C SER C 593 3.52 60.30 12.27
N ASN C 594 4.79 60.38 12.60
CA ASN C 594 5.55 61.62 12.54
C ASN C 594 6.53 61.62 11.41
N ILE C 595 6.25 62.34 10.34
CA ILE C 595 7.20 62.32 9.23
C ILE C 595 7.94 63.67 9.16
N THR C 596 9.25 63.67 9.35
CA THR C 596 10.04 64.91 9.28
C THR C 596 11.18 64.86 8.26
N SER C 597 11.43 65.97 7.56
CA SER C 597 12.66 66.08 6.75
C SER C 597 13.76 66.84 7.51
N ILE C 598 14.99 66.38 7.32
CA ILE C 598 16.16 67.02 7.91
C ILE C 598 17.20 66.99 6.81
N GLY C 599 17.75 68.15 6.47
CA GLY C 599 18.73 68.25 5.41
C GLY C 599 19.04 69.67 5.04
N GLY C 600 19.79 69.86 3.95
CA GLY C 600 20.25 71.18 3.52
C GLY C 600 21.54 71.57 4.19
N LYS C 601 22.03 72.78 3.90
CA LYS C 601 23.24 73.30 4.54
C LYS C 601 23.23 73.17 6.06
N GLY C 602 24.28 72.57 6.60
CA GLY C 602 24.43 72.43 8.04
C GLY C 602 23.75 71.20 8.59
N LYS C 603 22.98 70.50 7.75
CA LYS C 603 22.19 69.34 8.19
C LYS C 603 22.38 68.07 7.35
N ASP C 604 23.16 68.15 6.27
CA ASP C 604 23.29 67.00 5.38
C ASP C 604 23.85 65.77 6.07
N PHE C 605 24.64 65.94 7.12
CA PHE C 605 25.19 64.81 7.83
C PHE C 605 24.93 64.97 9.32
N TRP C 606 23.66 65.17 9.64
CA TRP C 606 23.19 65.43 11.00
C TRP C 606 23.09 64.20 11.93
N VAL C 607 23.76 64.28 13.09
CA VAL C 607 23.69 63.22 14.09
C VAL C 607 23.46 63.80 15.49
N PHE C 608 22.18 63.95 15.82
CA PHE C 608 21.75 64.37 17.16
C PHE C 608 22.61 65.46 17.80
N GLY C 609 22.53 66.66 17.25
CA GLY C 609 23.24 67.81 17.81
C GLY C 609 24.38 68.30 16.96
N THR C 610 25.00 67.43 16.18
CA THR C 610 26.20 67.82 15.44
C THR C 610 26.12 67.44 13.96
N ASN C 611 26.56 68.33 13.09
CA ASN C 611 26.67 67.99 11.69
C ASN C 611 28.10 67.53 11.38
N TYR C 612 28.26 66.36 10.76
CA TYR C 612 29.60 65.87 10.44
C TYR C 612 29.99 66.25 9.00
N THR C 613 30.21 67.56 8.85
CA THR C 613 30.50 68.22 7.57
C THR C 613 31.53 67.48 6.71
N ASN C 614 31.27 67.46 5.41
CA ASN C 614 32.09 66.80 4.41
C ASN C 614 31.64 67.18 3.00
N ASP C 615 32.02 68.36 2.56
CA ASP C 615 31.79 68.81 1.19
C ASP C 615 32.82 68.19 0.25
N PRO C 616 32.45 68.04 -1.04
CA PRO C 616 33.38 67.50 -2.01
C PRO C 616 34.68 68.31 -2.10
N LYS C 617 35.76 67.64 -2.50
CA LYS C 617 36.97 68.34 -2.84
C LYS C 617 36.63 69.02 -4.17
N PRO C 618 37.32 70.13 -4.49
CA PRO C 618 36.96 70.84 -5.71
C PRO C 618 36.80 69.89 -6.89
N GLY C 619 35.66 70.01 -7.57
CA GLY C 619 35.42 69.26 -8.81
C GLY C 619 35.39 67.76 -8.67
N THR C 620 34.66 67.25 -7.69
CA THR C 620 34.39 65.82 -7.53
C THR C 620 32.94 65.66 -7.10
N ASP C 621 32.35 64.48 -7.30
CA ASP C 621 30.94 64.23 -6.99
C ASP C 621 30.07 65.37 -7.50
N GLU C 622 30.26 65.69 -8.77
CA GLU C 622 29.49 66.72 -9.44
C GLU C 622 27.97 66.54 -9.39
N ALA C 623 27.49 65.38 -8.93
CA ALA C 623 26.05 65.12 -8.84
C ALA C 623 25.60 65.09 -7.39
N LEU C 624 26.56 65.32 -6.49
CA LEU C 624 26.30 65.36 -5.07
C LEU C 624 25.55 64.13 -4.59
N GLU C 625 26.03 62.94 -4.93
CA GLU C 625 25.37 61.71 -4.52
C GLU C 625 25.61 61.44 -3.04
N ARG C 626 26.44 62.26 -2.43
CA ARG C 626 26.63 62.15 -0.98
C ARG C 626 25.35 62.53 -0.23
N GLY C 627 24.43 63.14 -0.97
CA GLY C 627 23.10 63.47 -0.46
C GLY C 627 23.02 64.70 0.41
N GLU C 628 21.82 65.27 0.53
CA GLU C 628 21.59 66.45 1.35
C GLU C 628 20.48 66.24 2.37
N TRP C 629 19.58 65.32 2.04
CA TRP C 629 18.31 65.19 2.76
C TRP C 629 18.01 63.78 3.24
N ARG C 630 17.42 63.67 4.43
CA ARG C 630 16.81 62.44 4.85
C ARG C 630 15.41 62.70 5.37
N VAL C 631 14.58 61.66 5.36
CA VAL C 631 13.24 61.72 5.95
C VAL C 631 13.17 60.75 7.12
N GLU C 632 12.73 61.23 8.27
CA GLU C 632 12.64 60.41 9.47
C GLU C 632 11.20 60.12 9.84
N ILE C 633 10.89 58.85 10.14
CA ILE C 633 9.54 58.51 10.60
C ILE C 633 9.60 57.99 12.03
N THR C 634 8.96 58.72 12.92
CA THR C 634 8.83 58.28 14.32
C THR C 634 7.38 58.07 14.78
N PRO C 635 7.22 57.13 15.74
CA PRO C 635 5.95 57.04 16.39
C PRO C 635 5.74 58.31 17.22
N LYS C 636 4.50 58.79 17.23
CA LYS C 636 4.08 59.85 18.14
C LYS C 636 4.08 59.28 19.56
N LYS C 637 3.60 58.04 19.69
CA LYS C 637 3.37 57.41 20.98
C LYS C 637 4.54 56.51 21.37
N ALA C 638 4.97 56.62 22.63
CA ALA C 638 6.09 55.84 23.16
C ALA C 638 5.70 54.38 23.49
N ALA C 639 6.43 53.39 22.98
CA ALA C 639 6.03 51.98 23.15
C ALA C 639 7.14 50.96 22.91
N ALA C 640 7.06 49.82 23.59
CA ALA C 640 8.04 48.77 23.37
C ALA C 640 8.07 48.33 21.91
N GLU C 641 6.91 47.90 21.42
CA GLU C 641 6.80 47.29 20.10
C GLU C 641 6.23 48.25 19.06
N ASP C 642 6.85 48.34 17.88
CA ASP C 642 6.33 49.17 16.81
C ASP C 642 6.55 48.56 15.44
N TYR C 643 5.57 48.72 14.56
CA TYR C 643 5.70 48.24 13.19
C TYR C 643 5.74 49.38 12.18
N TYR C 644 6.67 49.28 11.23
CA TYR C 644 6.76 50.17 10.09
C TYR C 644 6.33 49.40 8.86
N LEU C 645 5.45 50.01 8.07
CA LEU C 645 5.02 49.43 6.79
C LEU C 645 5.00 50.56 5.79
N ASN C 646 5.89 50.46 4.80
CA ASN C 646 6.09 51.50 3.81
C ASN C 646 6.14 50.93 2.41
N VAL C 647 5.41 51.56 1.49
CA VAL C 647 5.35 51.11 0.11
C VAL C 647 5.96 52.19 -0.77
N ILE C 648 6.90 51.82 -1.63
CA ILE C 648 7.62 52.75 -2.49
C ILE C 648 7.30 52.47 -3.97
N GLN C 649 7.08 53.53 -4.72
CA GLN C 649 6.81 53.42 -6.16
C GLN C 649 7.85 54.21 -6.93
N ILE C 650 8.25 53.65 -8.07
CA ILE C 650 9.31 54.22 -8.90
C ILE C 650 8.74 54.63 -10.26
N ALA C 651 9.06 55.86 -10.67
CA ALA C 651 8.61 56.37 -11.96
C ALA C 651 9.41 57.58 -12.44
N ASP C 652 9.13 58.03 -13.67
CA ASP C 652 9.69 59.26 -14.20
C ASP C 652 9.22 60.43 -13.34
N ASN C 653 9.91 61.56 -13.34
CA ASN C 653 9.47 62.72 -12.54
C ASN C 653 8.30 63.48 -13.16
N THR C 654 7.95 63.13 -14.39
CA THR C 654 6.79 63.74 -15.03
C THR C 654 5.60 62.76 -15.07
N GLN C 655 5.60 61.81 -14.13
CA GLN C 655 4.50 60.85 -14.01
C GLN C 655 3.40 61.33 -13.07
N GLN C 656 2.34 61.84 -13.66
CA GLN C 656 1.19 62.31 -12.93
C GLN C 656 0.49 61.22 -12.11
N LYS C 657 0.16 60.11 -12.76
CA LYS C 657 -0.66 59.07 -12.17
C LYS C 657 0.15 57.92 -11.53
N LEU C 658 -0.06 57.66 -10.24
CA LEU C 658 0.49 56.44 -9.63
C LEU C 658 -0.61 55.41 -9.31
N HIS C 659 -0.22 54.28 -8.75
CA HIS C 659 -1.20 53.32 -8.27
C HIS C 659 -1.68 53.77 -6.90
N GLU C 660 -2.96 53.60 -6.62
CA GLU C 660 -3.45 53.82 -5.26
C GLU C 660 -2.96 52.63 -4.41
N VAL C 661 -2.47 52.91 -3.20
CA VAL C 661 -1.99 51.89 -2.29
C VAL C 661 -3.05 51.64 -1.23
N LYS C 662 -3.47 50.39 -1.09
CA LYS C 662 -4.44 50.01 -0.06
C LYS C 662 -3.76 49.07 0.93
N ARG C 663 -4.05 49.28 2.21
CA ARG C 663 -3.62 48.37 3.26
C ARG C 663 -4.67 47.25 3.43
N ILE C 664 -4.21 46.01 3.54
CA ILE C 664 -5.08 44.91 3.87
C ILE C 664 -4.88 44.58 5.34
N ASP C 665 -5.93 44.78 6.14
CA ASP C 665 -5.88 44.38 7.53
C ASP C 665 -6.69 43.12 7.76
N GLY C 666 -6.05 42.14 8.37
CA GLY C 666 -6.69 40.87 8.56
C GLY C 666 -6.64 40.21 9.92
N ASP C 667 -7.26 39.03 9.90
CA ASP C 667 -7.17 38.05 10.95
C ASP C 667 -5.74 37.53 10.71
N LYS C 668 -4.80 37.96 11.56
CA LYS C 668 -3.42 37.43 11.62
C LYS C 668 -2.44 37.91 10.55
N VAL C 669 -2.93 38.65 9.56
CA VAL C 669 -2.01 39.24 8.59
C VAL C 669 -2.21 40.74 8.43
N VAL C 670 -1.15 41.39 7.93
CA VAL C 670 -1.21 42.74 7.40
C VAL C 670 -0.64 42.67 5.98
N GLY C 671 -1.19 43.43 5.05
CA GLY C 671 -0.73 43.37 3.68
C GLY C 671 -0.77 44.66 2.86
N VAL C 672 -0.32 44.55 1.62
CA VAL C 672 -0.35 45.69 0.71
C VAL C 672 -1.03 45.30 -0.61
N GLN C 673 -1.76 46.24 -1.18
CA GLN C 673 -2.34 46.02 -2.50
C GLN C 673 -2.10 47.23 -3.41
N LEU C 674 -1.53 46.98 -4.60
CA LEU C 674 -1.37 48.06 -5.58
C LEU C 674 -1.25 47.43 -6.96
N ALA C 675 -1.67 48.17 -7.99
CA ALA C 675 -1.82 47.60 -9.34
C ALA C 675 -2.46 46.23 -9.20
N ASP C 676 -1.88 45.20 -9.82
CA ASP C 676 -2.42 43.86 -9.59
C ASP C 676 -1.59 42.99 -8.64
N ARG C 677 -1.09 43.56 -7.55
CA ARG C 677 -0.17 42.80 -6.72
C ARG C 677 -0.60 42.83 -5.26
N ILE C 678 -0.75 41.66 -4.66
CA ILE C 678 -1.08 41.59 -3.24
C ILE C 678 0.09 40.96 -2.50
N VAL C 679 0.52 41.60 -1.44
CA VAL C 679 1.61 41.07 -0.65
C VAL C 679 1.10 41.03 0.77
N THR C 680 1.34 39.93 1.47
CA THR C 680 0.94 39.88 2.86
C THR C 680 2.11 39.47 3.73
N PHE C 681 2.07 39.89 5.00
CA PHE C 681 3.01 39.51 6.04
C PHE C 681 2.25 39.13 7.32
N SER C 682 2.87 38.34 8.19
CA SER C 682 2.30 38.07 9.49
C SER C 682 2.25 39.37 10.26
N LYS C 683 1.16 39.55 11.00
CA LYS C 683 0.89 40.76 11.77
C LYS C 683 1.93 40.98 12.84
N THR C 684 2.48 39.88 13.35
CA THR C 684 3.52 39.92 14.39
C THR C 684 4.91 39.74 13.79
N SER C 685 4.94 39.38 12.51
CA SER C 685 6.19 39.03 11.81
C SER C 685 6.81 37.74 12.38
N GLU C 686 6.01 36.99 13.14
CA GLU C 686 6.39 35.65 13.53
C GLU C 686 5.64 34.72 12.60
N THR C 687 6.09 33.47 12.52
CA THR C 687 5.51 32.50 11.61
C THR C 687 4.04 32.23 11.90
N VAL C 688 3.25 32.15 10.83
CA VAL C 688 1.82 31.84 10.94
C VAL C 688 1.58 30.32 10.84
N ASP C 689 1.13 29.71 11.93
CA ASP C 689 0.92 28.26 11.97
C ASP C 689 -0.53 27.89 12.20
N ARG C 690 -1.42 28.85 11.96
CA ARG C 690 -2.84 28.70 12.25
C ARG C 690 -3.61 29.30 11.09
N PRO C 691 -4.90 28.98 10.98
CA PRO C 691 -5.68 29.53 9.86
C PRO C 691 -5.86 31.03 9.96
N PHE C 692 -5.77 31.72 8.84
CA PHE C 692 -6.03 33.15 8.77
C PHE C 692 -6.72 33.51 7.48
N GLY C 693 -7.15 34.76 7.39
CA GLY C 693 -7.81 35.29 6.21
C GLY C 693 -7.84 36.81 6.15
N PHE C 694 -8.19 37.31 4.96
CA PHE C 694 -8.33 38.73 4.68
C PHE C 694 -9.21 38.89 3.45
N SER C 695 -9.70 40.10 3.19
CA SER C 695 -10.58 40.36 2.06
C SER C 695 -9.92 41.16 0.94
N VAL C 696 -10.31 40.92 -0.31
CA VAL C 696 -9.75 41.64 -1.46
C VAL C 696 -10.82 42.24 -2.35
N VAL C 697 -10.77 43.56 -2.51
CA VAL C 697 -11.73 44.29 -3.33
C VAL C 697 -11.02 44.95 -4.52
N GLY C 698 -11.65 44.89 -5.70
CA GLY C 698 -11.09 45.51 -6.90
C GLY C 698 -11.21 44.62 -8.13
N LYS C 699 -11.01 45.17 -9.32
CA LYS C 699 -11.26 44.39 -10.53
C LYS C 699 -10.04 43.68 -11.15
N GLY C 700 -10.31 42.62 -11.94
CA GLY C 700 -9.25 41.93 -12.65
C GLY C 700 -8.53 40.88 -11.84
N THR C 701 -7.56 40.20 -12.45
CA THR C 701 -6.77 39.14 -11.81
C THR C 701 -5.60 39.69 -11.01
N PHE C 702 -5.39 39.19 -9.80
CA PHE C 702 -4.31 39.67 -8.94
C PHE C 702 -3.28 38.58 -8.72
N LYS C 703 -2.01 38.97 -8.60
CA LYS C 703 -0.97 38.02 -8.25
C LYS C 703 -0.72 38.15 -6.75
N PHE C 704 -1.01 37.10 -6.00
CA PHE C 704 -0.79 37.10 -4.55
C PHE C 704 0.61 36.58 -4.15
N VAL C 705 1.25 37.24 -3.20
CA VAL C 705 2.45 36.71 -2.55
C VAL C 705 2.22 36.81 -1.05
N MET C 706 2.15 35.67 -0.36
CA MET C 706 1.90 35.68 1.08
C MET C 706 3.06 35.09 1.87
N THR C 707 3.57 35.85 2.84
CA THR C 707 4.82 35.48 3.51
C THR C 707 4.63 35.09 4.97
N ASP C 708 5.72 34.70 5.61
CA ASP C 708 5.73 34.32 7.03
C ASP C 708 4.89 33.07 7.32
N LEU C 709 4.77 32.17 6.35
CA LEU C 709 3.89 31.01 6.51
C LEU C 709 4.69 29.76 6.89
N LEU C 710 4.09 28.95 7.78
CA LEU C 710 4.64 27.67 8.16
C LEU C 710 4.68 26.75 6.95
N PRO C 711 5.89 26.30 6.58
CA PRO C 711 6.03 25.51 5.36
C PRO C 711 5.18 24.24 5.39
N GLY C 712 4.57 23.88 4.26
CA GLY C 712 3.78 22.66 4.15
C GLY C 712 2.57 22.84 3.24
N THR C 713 1.53 22.03 3.44
CA THR C 713 0.37 22.14 2.57
C THR C 713 -0.69 23.06 3.18
N TRP C 714 -1.04 24.11 2.43
CA TRP C 714 -2.10 25.04 2.77
C TRP C 714 -3.24 24.81 1.78
N GLN C 715 -4.44 25.17 2.22
CA GLN C 715 -5.64 25.10 1.40
C GLN C 715 -6.24 26.48 1.28
N VAL C 716 -6.58 26.88 0.05
CA VAL C 716 -7.09 28.23 -0.15
C VAL C 716 -8.57 28.25 -0.50
N LEU C 717 -9.36 28.90 0.35
CA LEU C 717 -10.78 29.08 0.09
C LEU C 717 -11.10 30.53 -0.30
N LYS C 718 -12.16 30.73 -1.09
CA LYS C 718 -12.69 32.07 -1.36
C LYS C 718 -14.23 32.13 -1.47
N ASP C 719 -14.83 33.10 -0.78
CA ASP C 719 -16.28 33.17 -0.61
C ASP C 719 -16.89 31.85 -0.16
N GLY C 720 -16.14 31.14 0.68
CA GLY C 720 -16.61 29.95 1.37
C GLY C 720 -16.30 28.64 0.68
N LYS C 721 -15.94 28.69 -0.59
CA LYS C 721 -15.67 27.46 -1.35
C LYS C 721 -14.18 27.29 -1.59
N ILE C 722 -13.74 26.05 -1.70
CA ILE C 722 -12.32 25.77 -1.98
C ILE C 722 -11.92 26.30 -3.36
N LEU C 723 -10.83 27.07 -3.41
CA LEU C 723 -10.28 27.54 -4.68
C LEU C 723 -9.06 26.71 -5.08
N TYR C 724 -8.18 26.46 -4.11
CA TYR C 724 -6.97 25.66 -4.30
C TYR C 724 -6.87 24.66 -3.15
N PRO C 725 -7.26 23.40 -3.41
CA PRO C 725 -7.34 22.40 -2.35
C PRO C 725 -6.00 22.18 -1.65
N ALA C 726 -4.92 22.23 -2.42
CA ALA C 726 -3.58 22.06 -1.87
C ALA C 726 -2.56 22.92 -2.61
N LEU C 727 -1.79 23.71 -1.87
CA LEU C 727 -0.66 24.45 -2.40
C LEU C 727 0.46 24.28 -1.41
N SER C 728 1.70 24.30 -1.88
CA SER C 728 2.81 24.10 -0.95
C SER C 728 3.50 25.42 -0.63
N ALA C 729 3.88 25.59 0.64
CA ALA C 729 4.68 26.72 1.05
C ALA C 729 5.99 26.09 1.43
N LYS C 730 7.07 26.71 0.94
CA LYS C 730 8.40 26.11 1.02
C LYS C 730 9.33 26.75 2.05
N GLY C 731 10.24 25.96 2.61
CA GLY C 731 11.16 26.40 3.64
C GLY C 731 11.95 27.65 3.33
N ASP C 732 12.51 27.77 2.13
CA ASP C 732 13.38 28.91 1.85
C ASP C 732 12.69 30.28 1.98
N ASP C 733 11.49 30.40 1.41
CA ASP C 733 10.76 31.66 1.49
C ASP C 733 9.52 31.68 2.38
N GLY C 734 9.02 30.51 2.76
CA GLY C 734 7.88 30.44 3.64
C GLY C 734 6.62 31.07 3.11
N ALA C 735 6.35 30.83 1.83
CA ALA C 735 5.40 31.66 1.16
C ALA C 735 4.44 30.96 0.18
N LEU C 736 3.27 31.53 -0.01
CA LEU C 736 2.39 31.01 -1.02
C LEU C 736 2.28 31.97 -2.17
N TYR C 737 2.28 31.46 -3.39
CA TYR C 737 2.08 32.36 -4.50
C TYR C 737 0.95 31.78 -5.34
N PHE C 738 -0.04 32.62 -5.62
CA PHE C 738 -1.07 32.25 -6.58
C PHE C 738 -1.73 33.48 -7.21
N GLU C 739 -2.48 33.24 -8.27
CA GLU C 739 -3.35 34.24 -8.89
C GLU C 739 -4.79 33.98 -8.49
N GLY C 740 -5.63 35.01 -8.60
CA GLY C 740 -7.03 34.89 -8.22
C GLY C 740 -7.69 36.26 -8.23
N THR C 741 -9.00 36.28 -8.43
CA THR C 741 -9.74 37.53 -8.49
C THR C 741 -10.28 37.90 -7.12
N GLU C 742 -10.98 39.03 -7.06
CA GLU C 742 -11.51 39.54 -5.80
C GLU C 742 -12.46 38.56 -5.08
N GLY C 743 -12.62 38.77 -3.78
CA GLY C 743 -13.47 37.96 -2.91
C GLY C 743 -12.92 37.95 -1.49
N THR C 744 -13.49 37.10 -0.62
CA THR C 744 -12.96 36.98 0.74
C THR C 744 -12.22 35.66 0.97
N TYR C 745 -10.92 35.75 1.30
CA TYR C 745 -10.05 34.58 1.34
C TYR C 745 -9.87 34.01 2.75
N ARG C 746 -9.68 32.69 2.83
CA ARG C 746 -9.29 31.98 4.05
C ARG C 746 -8.16 31.02 3.72
N PHE C 747 -7.31 30.76 4.71
CA PHE C 747 -6.17 29.91 4.48
C PHE C 747 -6.06 28.90 5.59
N LEU C 748 -6.11 27.64 5.20
CA LEU C 748 -6.08 26.55 6.16
C LEU C 748 -4.74 25.86 6.01
N ARG C 749 -4.20 25.44 7.16
CA ARG C 749 -2.89 24.85 7.23
C ARG C 749 -2.94 23.50 7.93
#